data_7X8T
#
_entry.id   7X8T
#
_cell.length_a   75.456
_cell.length_b   100.794
_cell.length_c   99.149
_cell.angle_alpha   110.074
_cell.angle_beta   89.935
_cell.angle_gamma   113.793
#
_symmetry.space_group_name_H-M   'P 1'
#
loop_
_entity.id
_entity.type
_entity.pdbx_description
1 polymer Frizzled-10
2 polymer 'Antibody hB9L9.3 Fab, Light chain'
3 polymer 'Antibody hB9L9.3 Fab, Heavy chain'
4 water water
#
loop_
_entity_poly.entity_id
_entity_poly.type
_entity_poly.pdbx_seq_one_letter_code
_entity_poly.pdbx_strand_id
1 'polypeptide(L)'
;MDMERPGDGKCQPIEIPMCKDIGYQMTRMPNLMGHENQREAAIQLHEFAPLVEYGCHGHLRFFLCSLYAPMCTEQVSTPI
PACRVMCEQARLKCSPIMEQFNFKWPDSLDCRKLPNKNDPNYLCMEAPN
;
A,D,G,J
2 'polypeptide(L)'
;ELTQPPSVSVSPGQTARITCSGDGSYAGSYYYGWYQQKPGQAPVTLIYYNNKRPSGIPERFSGSLSGSTNTLTISGVQAE
DEADYYCGSADNSGAAFGGGTKLTVLGQPKAAPSVTLFPPSSEELQANKATLVCLISDFYPGAVTVAWKADSSPVKAGVE
TTTPSKQSNNKYAASSYLSLTPEQWKSHRSYSCQVTHEGSTVEKTVAPTECS
;
B,E,H,K
3 'polypeptide(L)'
;EVQLVESGGGLVQPGGSLRLSCAASGFTFSSFNMFWVRQAPGKGLEWVAGIDDDGSYPNYGSAVKGRATISRDNSKNTLY
LQMNSLRAEDTAVYYCAKSGYGGSWGGYIADDIDAWGQGTLVTVSSASTKGPSVFPLAPSSKSTSGGTAALGCLVKDYFP
EPVTVSWNSGALTSGVHTFPAVLQSSGLYSLSSVVTVPSSSLGTQTYICNVNHKPSNTKVDKKVEPKSCHHHHHHHH
;
C,F,I,L
#
# COMPACT_ATOMS: atom_id res chain seq x y z
N LYS A 10 17.18 -32.60 61.95
CA LYS A 10 17.77 -31.71 62.97
C LYS A 10 18.85 -30.85 62.31
N CYS A 11 19.28 -29.78 62.96
CA CYS A 11 20.34 -28.97 62.36
C CYS A 11 21.72 -29.52 62.69
N GLN A 12 22.68 -29.21 61.83
CA GLN A 12 24.06 -29.68 61.91
C GLN A 12 25.01 -28.50 61.79
N PRO A 13 26.15 -28.55 62.48
CA PRO A 13 27.14 -27.48 62.36
C PRO A 13 27.67 -27.36 60.93
N ILE A 14 27.98 -26.14 60.54
CA ILE A 14 28.49 -25.85 59.21
C ILE A 14 29.91 -26.37 59.08
N GLU A 15 30.16 -27.16 58.04
CA GLU A 15 31.50 -27.66 57.77
C GLU A 15 32.10 -27.03 56.54
N ILE A 16 31.30 -26.31 55.75
CA ILE A 16 31.75 -25.69 54.52
C ILE A 16 32.62 -24.49 54.86
N PRO A 17 33.92 -24.55 54.58
CA PRO A 17 34.84 -23.55 55.16
C PRO A 17 34.44 -22.12 54.88
N MET A 18 33.93 -21.87 53.68
CA MET A 18 33.59 -20.51 53.25
C MET A 18 32.40 -19.93 54.02
N CYS A 19 31.56 -20.78 54.60
CA CYS A 19 30.36 -20.38 55.32
C CYS A 19 30.49 -20.52 56.83
N LYS A 20 31.68 -20.82 57.33
CA LYS A 20 31.88 -20.70 58.77
C LYS A 20 31.94 -19.23 59.14
N ASP A 21 31.49 -18.94 60.37
CA ASP A 21 31.63 -17.62 60.99
C ASP A 21 30.95 -16.51 60.19
N ILE A 22 29.73 -16.78 59.71
CA ILE A 22 28.97 -15.73 59.04
C ILE A 22 27.69 -15.38 59.78
N GLY A 23 27.58 -15.71 61.06
CA GLY A 23 26.49 -15.18 61.84
C GLY A 23 25.29 -16.08 62.05
N TYR A 24 25.30 -17.29 61.49
CA TYR A 24 24.48 -18.38 62.01
C TYR A 24 25.36 -19.61 61.95
N GLN A 25 25.19 -20.50 62.93
CA GLN A 25 26.13 -21.58 63.15
C GLN A 25 25.72 -22.90 62.52
N MET A 26 24.43 -23.08 62.19
CA MET A 26 23.89 -24.38 61.80
C MET A 26 23.21 -24.32 60.42
N THR A 27 23.41 -25.37 59.63
CA THR A 27 22.69 -25.57 58.38
C THR A 27 22.01 -26.93 58.41
N ARG A 28 21.53 -27.35 57.24
CA ARG A 28 20.91 -28.67 57.14
C ARG A 28 20.97 -29.11 55.69
N MET A 29 21.26 -30.38 55.48
CA MET A 29 21.40 -30.89 54.12
C MET A 29 20.22 -31.78 53.78
N PRO A 30 19.81 -31.85 52.51
CA PRO A 30 20.34 -31.20 51.31
C PRO A 30 20.18 -29.69 51.28
N ASN A 31 21.09 -28.98 50.64
CA ASN A 31 20.99 -27.54 50.57
C ASN A 31 20.05 -27.15 49.42
N LEU A 32 19.93 -25.85 49.15
CA LEU A 32 19.07 -25.33 48.09
C LEU A 32 19.67 -25.54 46.70
N MET A 33 20.82 -26.18 46.64
CA MET A 33 21.48 -26.44 45.34
C MET A 33 21.36 -27.91 44.99
N GLY A 34 20.76 -28.71 45.86
CA GLY A 34 20.60 -30.14 45.60
C GLY A 34 21.73 -31.00 46.15
N HIS A 35 22.67 -30.45 46.90
CA HIS A 35 23.80 -31.23 47.44
C HIS A 35 23.37 -32.10 48.62
N GLU A 36 23.67 -33.39 48.52
CA GLU A 36 23.34 -34.43 49.53
C GLU A 36 24.10 -34.20 50.84
N ASN A 37 25.33 -33.73 50.74
CA ASN A 37 26.22 -33.55 51.92
C ASN A 37 27.02 -32.27 51.80
N GLN A 38 27.58 -31.81 52.92
CA GLN A 38 28.39 -30.56 53.02
C GLN A 38 29.67 -30.69 52.20
N ARG A 39 30.25 -31.88 52.16
CA ARG A 39 31.48 -32.11 51.37
C ARG A 39 31.20 -31.84 49.89
N GLU A 40 30.08 -32.32 49.39
CA GLU A 40 29.70 -32.09 47.97
C GLU A 40 29.49 -30.60 47.75
N ALA A 41 28.80 -29.94 48.67
CA ALA A 41 28.51 -28.50 48.62
C ALA A 41 29.83 -27.75 48.63
N ALA A 42 30.71 -28.11 49.56
CA ALA A 42 31.99 -27.41 49.62
C ALA A 42 32.74 -27.52 48.30
N ILE A 43 32.72 -28.70 47.67
CA ILE A 43 33.44 -28.88 46.40
C ILE A 43 32.83 -28.00 45.32
N GLN A 44 31.48 -27.98 45.22
CA GLN A 44 30.86 -27.17 44.19
C GLN A 44 31.08 -25.71 44.42
N LEU A 45 31.29 -25.31 45.66
CA LEU A 45 31.53 -23.92 45.99
C LEU A 45 32.94 -23.46 45.69
N HIS A 46 33.86 -24.39 45.41
CA HIS A 46 35.26 -24.02 45.34
C HIS A 46 35.57 -23.03 44.20
N GLU A 47 34.90 -23.18 43.05
CA GLU A 47 35.07 -22.19 41.97
C GLU A 47 34.78 -20.75 42.41
N PHE A 48 34.02 -20.56 43.49
CA PHE A 48 33.76 -19.21 43.98
C PHE A 48 34.83 -18.68 44.93
N ALA A 49 35.73 -19.54 45.41
CA ALA A 49 36.75 -19.09 46.37
C ALA A 49 37.56 -17.87 45.92
N PRO A 50 38.05 -17.78 44.68
CA PRO A 50 38.78 -16.56 44.30
C PRO A 50 37.94 -15.30 44.45
N LEU A 51 36.70 -15.34 43.98
CA LEU A 51 35.83 -14.17 44.04
C LEU A 51 35.52 -13.77 45.48
N VAL A 52 35.37 -14.73 46.40
CA VAL A 52 35.00 -14.36 47.76
C VAL A 52 36.14 -13.69 48.51
N GLU A 53 37.40 -14.15 48.34
CA GLU A 53 38.53 -13.45 49.00
C GLU A 53 38.72 -12.06 48.46
N TYR A 54 38.85 -11.95 47.14
CA TYR A 54 38.73 -10.68 46.49
C TYR A 54 37.46 -10.01 46.95
N GLY A 55 37.54 -8.76 47.35
CA GLY A 55 36.34 -8.14 47.89
C GLY A 55 35.47 -7.41 46.89
N CYS A 56 34.56 -8.09 46.19
CA CYS A 56 33.80 -7.31 45.21
C CYS A 56 32.64 -6.55 45.84
N HIS A 57 32.57 -6.49 47.19
CA HIS A 57 31.60 -5.66 47.91
C HIS A 57 30.16 -5.94 47.49
N GLY A 58 29.85 -7.20 47.21
CA GLY A 58 28.50 -7.55 46.83
C GLY A 58 27.78 -8.47 47.79
N HIS A 59 28.31 -8.67 49.00
CA HIS A 59 27.78 -9.65 49.93
C HIS A 59 27.72 -11.04 49.30
N LEU A 60 28.73 -11.36 48.48
CA LEU A 60 28.71 -12.62 47.77
C LEU A 60 28.74 -13.80 48.72
N ARG A 61 29.52 -13.69 49.80
CA ARG A 61 29.64 -14.82 50.72
C ARG A 61 28.30 -15.13 51.36
N PHE A 62 27.66 -14.09 51.88
CA PHE A 62 26.34 -14.27 52.46
C PHE A 62 25.38 -14.88 51.45
N PHE A 63 25.37 -14.35 50.23
CA PHE A 63 24.42 -14.83 49.23
C PHE A 63 24.67 -16.30 48.91
N LEU A 64 25.92 -16.65 48.60
CA LEU A 64 26.23 -18.03 48.28
C LEU A 64 25.87 -18.95 49.43
N CYS A 65 26.21 -18.56 50.67
CA CYS A 65 26.00 -19.45 51.81
C CYS A 65 24.52 -19.61 52.16
N SER A 66 23.70 -18.59 51.88
CA SER A 66 22.26 -18.74 52.09
C SER A 66 21.67 -19.87 51.25
N LEU A 67 22.33 -20.21 50.14
CA LEU A 67 21.93 -21.28 49.24
C LEU A 67 22.73 -22.55 49.42
N TYR A 68 24.05 -22.43 49.62
CA TYR A 68 24.86 -23.63 49.75
C TYR A 68 24.88 -24.20 51.16
N ALA A 69 24.72 -23.35 52.19
CA ALA A 69 24.70 -23.79 53.58
C ALA A 69 23.59 -23.04 54.29
N PRO A 70 22.34 -23.30 53.94
CA PRO A 70 21.25 -22.47 54.44
C PRO A 70 21.15 -22.51 55.95
N MET A 71 20.86 -21.37 56.55
CA MET A 71 20.61 -21.35 57.98
C MET A 71 19.54 -22.37 58.34
N CYS A 72 19.80 -23.14 59.39
CA CYS A 72 18.80 -24.05 59.96
C CYS A 72 18.55 -23.68 61.41
N THR A 73 17.28 -23.54 61.77
CA THR A 73 16.87 -23.37 63.18
C THR A 73 15.58 -24.16 63.40
N GLU A 74 15.21 -24.38 64.64
CA GLU A 74 13.91 -25.07 64.88
C GLU A 74 12.75 -24.13 64.58
N GLN A 75 12.96 -22.83 64.72
CA GLN A 75 11.89 -21.83 64.49
C GLN A 75 11.28 -21.91 63.09
N VAL A 76 12.05 -22.22 62.06
CA VAL A 76 11.45 -22.27 60.74
C VAL A 76 11.67 -23.64 60.08
N SER A 77 10.63 -24.12 59.37
CA SER A 77 10.62 -25.42 58.68
C SER A 77 11.54 -25.52 57.46
N THR A 78 11.29 -24.74 56.46
CA THR A 78 11.97 -24.68 55.17
C THR A 78 13.03 -23.55 55.13
N PRO A 79 14.10 -23.73 54.34
CA PRO A 79 15.17 -22.73 54.32
C PRO A 79 14.70 -21.36 53.84
N ILE A 80 15.39 -20.32 54.31
CA ILE A 80 15.13 -18.96 53.87
C ILE A 80 16.29 -18.45 53.02
N PRO A 81 16.18 -18.42 51.69
CA PRO A 81 17.31 -18.00 50.85
C PRO A 81 17.48 -16.48 50.87
N ALA A 82 18.59 -16.02 50.32
CA ALA A 82 18.73 -14.58 50.14
C ALA A 82 17.69 -14.09 49.13
N CYS A 83 17.27 -12.84 49.25
CA CYS A 83 16.27 -12.32 48.32
C CYS A 83 16.86 -12.17 46.91
N ARG A 84 15.98 -12.08 45.92
CA ARG A 84 16.44 -11.92 44.54
C ARG A 84 17.29 -10.68 44.39
N VAL A 85 16.92 -9.58 45.06
CA VAL A 85 17.66 -8.32 44.93
C VAL A 85 19.10 -8.49 45.39
N MET A 86 19.34 -9.39 46.36
CA MET A 86 20.68 -9.72 46.83
C MET A 86 21.45 -10.51 45.77
N CYS A 87 20.79 -11.51 45.17
CA CYS A 87 21.41 -12.23 44.08
C CYS A 87 21.83 -11.26 42.99
N GLU A 88 20.95 -10.31 42.65
CA GLU A 88 21.22 -9.43 41.52
C GLU A 88 22.32 -8.42 41.82
N GLN A 89 22.36 -7.88 43.05
CA GLN A 89 23.41 -6.93 43.40
C GLN A 89 24.75 -7.64 43.50
N ALA A 90 24.76 -8.91 43.94
CA ALA A 90 25.99 -9.67 43.96
C ALA A 90 26.50 -9.90 42.55
N ARG A 91 25.58 -10.29 41.66
CA ARG A 91 25.94 -10.55 40.27
C ARG A 91 26.50 -9.30 39.59
N LEU A 92 25.93 -8.13 39.90
CA LEU A 92 26.36 -6.93 39.21
C LEU A 92 27.66 -6.39 39.78
N LYS A 93 27.80 -6.43 41.11
CA LYS A 93 28.98 -5.87 41.77
C LYS A 93 30.24 -6.71 41.53
N CYS A 94 30.05 -8.01 41.41
CA CYS A 94 31.20 -8.88 41.09
C CYS A 94 31.28 -9.08 39.58
N SER A 95 30.45 -8.41 38.80
CA SER A 95 30.45 -8.63 37.33
C SER A 95 31.80 -8.25 36.71
N PRO A 96 32.39 -7.10 37.02
CA PRO A 96 33.66 -6.75 36.42
C PRO A 96 34.80 -7.69 36.81
N ILE A 97 34.90 -8.05 38.08
CA ILE A 97 36.00 -8.96 38.52
C ILE A 97 35.74 -10.32 37.93
N MET A 98 34.49 -10.61 37.59
CA MET A 98 34.21 -11.92 36.94
C MET A 98 34.71 -11.89 35.50
N GLU A 99 34.60 -10.73 34.84
CA GLU A 99 35.10 -10.60 33.46
C GLU A 99 36.62 -10.84 33.49
N GLN A 100 37.32 -10.26 34.46
CA GLN A 100 38.80 -10.40 34.57
C GLN A 100 39.21 -11.85 34.75
N PHE A 101 38.49 -12.63 35.55
CA PHE A 101 38.88 -14.04 35.77
C PHE A 101 38.19 -14.95 34.78
N ASN A 102 37.42 -14.39 33.84
CA ASN A 102 36.69 -15.17 32.82
C ASN A 102 35.77 -16.18 33.51
N PHE A 103 35.07 -15.70 34.53
CA PHE A 103 34.13 -16.54 35.30
C PHE A 103 32.73 -16.12 34.86
N LYS A 104 31.93 -17.08 34.40
CA LYS A 104 30.55 -16.74 33.97
C LYS A 104 29.64 -17.11 35.15
N TRP A 105 28.69 -16.27 35.46
CA TRP A 105 27.73 -16.56 36.54
C TRP A 105 26.96 -17.82 36.14
N PRO A 106 26.90 -18.88 36.96
CA PRO A 106 26.22 -20.11 36.58
C PRO A 106 24.69 -20.05 36.46
N ASP A 107 24.11 -20.90 35.60
CA ASP A 107 22.65 -21.00 35.33
C ASP A 107 21.90 -21.45 36.56
N SER A 108 22.54 -22.22 37.44
CA SER A 108 22.04 -22.70 38.73
C SER A 108 21.81 -21.55 39.72
N LEU A 109 22.47 -20.40 39.53
CA LEU A 109 22.30 -19.23 40.40
C LEU A 109 21.43 -18.17 39.70
N ASP A 110 20.60 -18.58 38.75
CA ASP A 110 19.62 -17.70 38.08
C ASP A 110 18.81 -16.93 39.14
N CYS A 111 18.99 -15.61 39.21
CA CYS A 111 18.39 -14.80 40.25
C CYS A 111 16.88 -14.74 40.11
N ARG A 112 16.37 -14.91 38.90
CA ARG A 112 14.93 -14.85 38.70
C ARG A 112 14.20 -15.90 39.53
N LYS A 113 14.91 -16.92 40.00
CA LYS A 113 14.29 -17.99 40.77
C LYS A 113 13.91 -17.59 42.20
N LEU A 114 14.57 -16.53 42.76
CA LEU A 114 14.44 -16.26 44.18
C LEU A 114 13.25 -15.34 44.43
N PRO A 115 12.62 -15.46 45.60
CA PRO A 115 11.59 -14.50 45.98
C PRO A 115 12.22 -13.15 46.33
N ASN A 116 11.40 -12.12 46.29
CA ASN A 116 11.83 -10.86 46.89
C ASN A 116 11.07 -10.66 48.19
N LYS A 117 11.37 -9.56 48.87
CA LYS A 117 10.76 -9.34 50.16
C LYS A 117 9.25 -9.16 49.99
N ASN A 118 8.52 -9.38 51.07
CA ASN A 118 7.08 -9.17 51.15
C ASN A 118 6.28 -10.22 50.39
N ASP A 119 6.86 -11.38 50.16
CA ASP A 119 6.11 -12.55 49.77
C ASP A 119 5.85 -13.34 51.06
N PRO A 120 4.59 -13.52 51.47
CA PRO A 120 4.33 -14.12 52.81
C PRO A 120 4.62 -15.61 52.90
N ASN A 121 4.55 -16.32 51.77
CA ASN A 121 4.73 -17.76 51.56
C ASN A 121 6.16 -18.18 51.27
N TYR A 122 7.01 -17.25 50.79
CA TYR A 122 8.44 -17.52 50.64
C TYR A 122 9.17 -16.34 51.23
N LEU A 123 9.64 -16.49 52.48
CA LEU A 123 10.46 -15.48 53.11
C LEU A 123 11.86 -15.52 52.51
N CYS A 124 12.55 -14.37 52.58
CA CYS A 124 13.93 -14.33 52.13
C CYS A 124 14.75 -13.44 53.06
N MET A 125 16.07 -13.59 53.00
CA MET A 125 16.98 -12.84 53.84
C MET A 125 17.61 -11.69 53.08
N GLU A 126 17.85 -10.62 53.84
CA GLU A 126 18.67 -9.48 53.48
C GLU A 126 19.99 -9.61 54.23
N ALA A 127 20.98 -8.84 53.80
CA ALA A 127 22.31 -9.00 54.39
C ALA A 127 22.39 -8.29 55.74
N PRO A 128 23.19 -8.82 56.70
CA PRO A 128 23.44 -8.07 57.94
C PRO A 128 24.27 -6.81 57.69
N GLU B 1 1.15 -2.14 38.64
CA GLU B 1 2.45 -1.48 38.73
C GLU B 1 3.17 -1.53 37.36
N LEU B 2 3.15 -2.69 36.70
CA LEU B 2 3.64 -2.77 35.32
C LEU B 2 2.73 -1.95 34.42
N THR B 3 3.28 -0.97 33.73
CA THR B 3 2.50 0.02 32.99
C THR B 3 2.85 0.03 31.50
N GLN B 4 1.82 -0.06 30.65
CA GLN B 4 1.85 0.05 29.20
C GLN B 4 0.88 1.12 28.74
N PRO B 5 1.20 1.83 27.67
CA PRO B 5 0.21 2.67 27.04
C PRO B 5 -0.95 1.80 26.56
N PRO B 6 -2.19 2.17 26.83
CA PRO B 6 -3.30 1.33 26.34
C PRO B 6 -3.36 1.24 24.81
N SER B 7 -2.89 2.25 24.08
CA SER B 7 -3.05 2.18 22.63
C SER B 7 -1.93 2.95 21.90
N VAL B 8 -1.63 2.48 20.70
CA VAL B 8 -0.62 3.06 19.81
C VAL B 8 -1.16 2.95 18.38
N SER B 9 -0.90 3.97 17.57
CA SER B 9 -1.21 3.92 16.15
C SER B 9 0.04 4.08 15.31
N VAL B 10 0.10 3.33 14.21
CA VAL B 10 1.17 3.47 13.24
C VAL B 10 0.56 3.34 11.85
N SER B 11 1.25 3.89 10.91
CA SER B 11 0.88 3.60 9.54
C SER B 11 1.85 2.58 8.99
N PRO B 12 1.45 1.84 7.95
CA PRO B 12 2.29 0.73 7.46
C PRO B 12 3.68 1.20 7.10
N GLY B 13 4.65 0.34 7.40
CA GLY B 13 6.03 0.59 7.06
C GLY B 13 6.77 1.45 8.06
N GLN B 14 6.04 2.10 8.96
CA GLN B 14 6.65 2.88 10.02
C GLN B 14 7.00 1.98 11.22
N THR B 15 7.74 2.56 12.15
CA THR B 15 8.18 1.88 13.34
C THR B 15 7.25 2.15 14.53
N ALA B 16 6.76 1.08 15.16
CA ALA B 16 5.95 1.20 16.36
C ALA B 16 6.82 0.87 17.57
N ARG B 17 6.62 1.62 18.67
CA ARG B 17 7.34 1.38 19.92
C ARG B 17 6.32 1.24 21.03
N ILE B 18 6.38 0.12 21.74
CA ILE B 18 5.49 -0.16 22.86
C ILE B 18 6.37 -0.45 24.08
N THR B 19 6.14 0.28 25.17
CA THR B 19 6.96 0.24 26.37
C THR B 19 6.27 -0.44 27.55
N CYS B 20 7.06 -1.08 28.38
CA CYS B 20 6.58 -1.59 29.66
C CYS B 20 7.47 -1.00 30.77
N SER B 21 6.85 -0.34 31.74
CA SER B 21 7.57 0.30 32.86
C SER B 21 7.29 -0.42 34.15
N GLY B 22 8.36 -0.74 34.86
CA GLY B 22 8.28 -1.28 36.19
C GLY B 22 8.73 -0.30 37.26
N ASP B 23 9.05 -0.83 38.43
CA ASP B 23 9.42 -0.04 39.59
C ASP B 23 10.87 0.42 39.47
N GLY B 24 11.05 1.69 39.08
CA GLY B 24 12.39 2.25 38.96
C GLY B 24 13.17 2.31 40.27
N SER B 25 12.47 2.38 41.40
CA SER B 25 13.12 2.44 42.70
C SER B 25 13.73 1.12 43.11
N TYR B 26 13.35 0.04 42.46
CA TYR B 26 13.95 -1.26 42.74
C TYR B 26 15.45 -1.22 42.46
N ALA B 27 16.21 -1.82 43.36
CA ALA B 27 17.66 -1.77 43.31
C ALA B 27 18.27 -2.96 42.60
N GLY B 28 17.47 -3.86 42.04
CA GLY B 28 18.07 -4.96 41.32
C GLY B 28 17.91 -4.90 39.81
N SER B 29 17.68 -6.04 39.18
CA SER B 29 17.60 -6.13 37.73
C SER B 29 16.15 -6.34 37.28
N TYR B 30 15.95 -6.19 35.98
CA TYR B 30 14.62 -6.32 35.39
C TYR B 30 14.66 -7.32 34.25
N TYR B 31 13.52 -7.99 34.04
CA TYR B 31 13.40 -8.99 32.97
C TYR B 31 12.00 -8.88 32.35
N TYR B 32 11.94 -8.84 31.02
CA TYR B 32 10.69 -8.65 30.29
C TYR B 32 10.58 -9.63 29.12
N GLY B 33 9.37 -10.13 28.90
CA GLY B 33 9.02 -10.82 27.67
C GLY B 33 7.85 -10.11 27.02
N TRP B 34 7.63 -10.30 25.72
CA TRP B 34 6.53 -9.65 24.99
C TRP B 34 5.70 -10.71 24.28
N TYR B 35 4.37 -10.59 24.39
CA TYR B 35 3.43 -11.59 23.90
C TYR B 35 2.39 -10.90 23.05
N GLN B 36 2.24 -11.36 21.82
CA GLN B 36 1.29 -10.77 20.89
C GLN B 36 0.05 -11.65 20.90
N GLN B 37 -1.11 -11.03 20.81
CA GLN B 37 -2.36 -11.77 20.80
C GLN B 37 -3.34 -11.11 19.86
N LYS B 38 -3.82 -11.85 18.95
CA LYS B 38 -4.86 -11.46 18.01
C LYS B 38 -6.22 -11.91 18.52
N PRO B 39 -7.30 -11.21 18.11
CA PRO B 39 -8.62 -11.54 18.63
C PRO B 39 -8.98 -12.99 18.38
N GLY B 40 -9.38 -13.69 19.43
CA GLY B 40 -9.80 -15.08 19.35
C GLY B 40 -8.70 -16.13 19.31
N GLN B 41 -7.45 -15.74 19.48
CA GLN B 41 -6.31 -16.66 19.42
C GLN B 41 -5.58 -16.68 20.76
N ALA B 42 -4.68 -17.63 20.90
CA ALA B 42 -3.80 -17.65 22.06
C ALA B 42 -2.65 -16.67 21.86
N PRO B 43 -2.01 -16.23 22.94
CA PRO B 43 -0.80 -15.40 22.79
C PRO B 43 0.26 -16.12 22.00
N VAL B 44 1.14 -15.32 21.39
CA VAL B 44 2.34 -15.80 20.72
C VAL B 44 3.51 -15.01 21.27
N THR B 45 4.58 -15.71 21.65
CA THR B 45 5.74 -15.05 22.24
C THR B 45 6.63 -14.42 21.15
N LEU B 46 6.89 -13.11 21.28
CA LEU B 46 7.75 -12.37 20.36
C LEU B 46 9.16 -12.17 20.91
N ILE B 47 9.29 -11.82 22.18
CA ILE B 47 10.57 -11.54 22.81
C ILE B 47 10.55 -12.19 24.16
N TYR B 48 11.69 -12.78 24.56
CA TYR B 48 11.89 -13.25 25.92
C TYR B 48 13.23 -12.76 26.43
N TYR B 49 13.35 -12.73 27.76
CA TYR B 49 14.57 -12.37 28.47
C TYR B 49 15.13 -11.05 27.96
N ASN B 50 14.22 -10.05 27.87
CA ASN B 50 14.48 -8.67 27.48
C ASN B 50 14.75 -8.47 25.98
N ASN B 51 15.55 -9.32 25.32
CA ASN B 51 15.90 -9.01 23.94
C ASN B 51 16.13 -10.22 23.04
N LYS B 52 15.67 -11.42 23.43
CA LYS B 52 15.85 -12.64 22.64
C LYS B 52 14.59 -12.88 21.81
N ARG B 53 14.78 -13.32 20.58
CA ARG B 53 13.67 -13.52 19.67
C ARG B 53 13.58 -15.00 19.33
N PRO B 54 12.46 -15.67 19.59
CA PRO B 54 12.34 -17.08 19.17
C PRO B 54 12.50 -17.17 17.67
N SER B 55 13.09 -18.25 17.19
CA SER B 55 13.12 -18.45 15.76
C SER B 55 11.69 -18.58 15.26
N GLY B 56 11.44 -18.09 14.05
CA GLY B 56 10.06 -18.01 13.56
C GLY B 56 9.38 -16.68 13.80
N ILE B 57 9.91 -15.86 14.71
CA ILE B 57 9.40 -14.50 14.88
C ILE B 57 10.12 -13.60 13.87
N PRO B 58 9.43 -12.78 13.11
CA PRO B 58 10.11 -11.95 12.10
C PRO B 58 11.14 -11.03 12.76
N GLU B 59 12.23 -10.77 12.02
CA GLU B 59 13.31 -9.94 12.53
C GLU B 59 12.88 -8.50 12.84
N ARG B 60 11.74 -8.03 12.33
CA ARG B 60 11.34 -6.65 12.56
C ARG B 60 10.90 -6.39 14.00
N PHE B 61 10.69 -7.45 14.80
CA PHE B 61 10.41 -7.31 16.24
C PHE B 61 11.69 -7.31 17.05
N SER B 62 11.84 -6.36 17.96
CA SER B 62 12.98 -6.48 18.89
C SER B 62 12.62 -5.83 20.23
N GLY B 63 13.35 -6.24 21.25
CA GLY B 63 13.15 -5.71 22.57
C GLY B 63 14.46 -5.17 23.11
N SER B 64 14.35 -4.22 24.04
CA SER B 64 15.55 -3.75 24.72
C SER B 64 15.20 -3.14 26.05
N LEU B 65 16.02 -3.46 27.04
CA LEU B 65 15.88 -2.94 28.40
C LEU B 65 16.70 -1.68 28.56
N SER B 66 16.06 -0.61 29.04
CA SER B 66 16.75 0.61 29.48
C SER B 66 16.20 0.96 30.85
N GLY B 67 17.06 0.95 31.86
CA GLY B 67 16.61 1.20 33.22
C GLY B 67 15.60 0.14 33.64
N SER B 68 14.42 0.60 34.05
CA SER B 68 13.29 -0.25 34.42
C SER B 68 12.25 -0.42 33.32
N THR B 69 12.56 -0.01 32.10
CA THR B 69 11.59 0.03 31.02
C THR B 69 12.10 -0.91 29.93
N ASN B 70 11.23 -1.74 29.39
CA ASN B 70 11.56 -2.50 28.21
C ASN B 70 10.70 -1.97 27.07
N THR B 71 11.30 -1.76 25.91
CA THR B 71 10.58 -1.26 24.74
C THR B 71 10.55 -2.31 23.64
N LEU B 72 9.36 -2.66 23.18
CA LEU B 72 9.21 -3.45 21.98
C LEU B 72 9.12 -2.50 20.79
N THR B 73 10.01 -2.70 19.84
CA THR B 73 10.09 -1.92 18.64
C THR B 73 9.67 -2.82 17.48
N ILE B 74 8.70 -2.39 16.71
CA ILE B 74 8.32 -3.09 15.49
C ILE B 74 8.68 -2.16 14.33
N SER B 75 9.76 -2.44 13.63
CA SER B 75 10.17 -1.66 12.47
C SER B 75 9.51 -2.18 11.20
N GLY B 76 9.09 -1.27 10.33
CA GLY B 76 8.37 -1.66 9.12
C GLY B 76 7.06 -2.39 9.37
N VAL B 77 6.15 -1.76 10.12
CA VAL B 77 4.93 -2.41 10.61
C VAL B 77 4.03 -2.86 9.45
N GLN B 78 3.42 -4.04 9.62
CA GLN B 78 2.48 -4.66 8.67
C GLN B 78 1.08 -4.71 9.26
N ALA B 79 0.07 -4.81 8.37
CA ALA B 79 -1.31 -4.96 8.82
C ALA B 79 -1.48 -6.16 9.74
N GLU B 80 -0.72 -7.24 9.49
CA GLU B 80 -0.72 -8.47 10.26
C GLU B 80 -0.12 -8.30 11.65
N ASP B 81 0.50 -7.16 11.94
CA ASP B 81 0.94 -6.84 13.29
C ASP B 81 -0.13 -6.14 14.12
N GLU B 82 -1.30 -5.90 13.56
CA GLU B 82 -2.36 -5.35 14.37
C GLU B 82 -2.80 -6.41 15.39
N ALA B 83 -2.70 -6.08 16.67
CA ALA B 83 -2.94 -7.02 17.76
C ALA B 83 -2.82 -6.33 19.12
N ASP B 84 -3.10 -7.08 20.18
CA ASP B 84 -2.78 -6.60 21.53
C ASP B 84 -1.39 -7.10 21.94
N TYR B 85 -0.66 -6.27 22.65
CA TYR B 85 0.68 -6.63 23.08
C TYR B 85 0.79 -6.52 24.59
N TYR B 86 1.24 -7.61 25.23
CA TYR B 86 1.41 -7.70 26.67
C TYR B 86 2.88 -7.96 26.99
N CYS B 87 3.45 -7.16 27.88
CA CYS B 87 4.72 -7.52 28.49
C CYS B 87 4.47 -8.49 29.64
N GLY B 88 5.44 -9.36 29.84
CA GLY B 88 5.43 -10.25 30.98
C GLY B 88 6.66 -9.93 31.81
N SER B 89 6.48 -9.89 33.13
CA SER B 89 7.57 -9.50 34.00
C SER B 89 7.26 -9.90 35.44
N ALA B 90 7.67 -9.09 36.42
CA ALA B 90 7.29 -9.32 37.82
C ALA B 90 6.99 -7.98 38.47
N ASP B 91 5.92 -8.00 39.27
CA ASP B 91 5.50 -6.94 40.17
C ASP B 91 6.30 -7.00 41.46
N ASN B 92 5.86 -6.21 42.43
CA ASN B 92 6.28 -6.42 43.80
C ASN B 92 5.53 -7.59 44.42
N SER B 93 4.52 -8.13 43.75
CA SER B 93 3.81 -9.29 44.25
C SER B 93 4.08 -10.58 43.50
N GLY B 94 4.98 -10.59 42.52
CA GLY B 94 5.30 -11.82 41.84
C GLY B 94 5.15 -11.66 40.35
N ALA B 95 5.13 -12.79 39.63
CA ALA B 95 5.04 -12.75 38.18
C ALA B 95 3.79 -11.98 37.76
N ALA B 96 3.89 -11.23 36.68
CA ALA B 96 2.77 -10.40 36.29
C ALA B 96 2.91 -9.96 34.84
N PHE B 97 1.79 -9.57 34.25
CA PHE B 97 1.70 -9.00 32.92
C PHE B 97 1.35 -7.52 32.98
N GLY B 98 1.77 -6.77 31.97
CA GLY B 98 1.27 -5.44 31.75
C GLY B 98 -0.20 -5.44 31.35
N GLY B 99 -0.79 -4.24 31.36
CA GLY B 99 -2.21 -4.18 31.07
C GLY B 99 -2.56 -4.35 29.59
N GLY B 100 -1.55 -4.37 28.71
CA GLY B 100 -1.81 -4.55 27.31
C GLY B 100 -1.81 -3.26 26.51
N THR B 101 -1.28 -3.34 25.29
CA THR B 101 -1.33 -2.24 24.34
C THR B 101 -2.07 -2.71 23.09
N LYS B 102 -3.12 -2.00 22.72
CA LYS B 102 -3.78 -2.22 21.44
C LYS B 102 -3.04 -1.42 20.35
N LEU B 103 -2.49 -2.15 19.37
CA LEU B 103 -1.75 -1.55 18.27
C LEU B 103 -2.63 -1.50 17.03
N THR B 104 -2.91 -0.30 16.56
CA THR B 104 -3.71 -0.10 15.36
C THR B 104 -2.78 0.22 14.20
N VAL B 105 -2.98 -0.46 13.08
CA VAL B 105 -2.24 -0.20 11.86
C VAL B 105 -3.15 0.59 10.94
N LEU B 106 -2.73 1.81 10.61
CA LEU B 106 -3.52 2.73 9.80
C LEU B 106 -3.49 2.36 8.32
N GLY B 107 -4.45 2.92 7.57
CA GLY B 107 -4.42 2.84 6.12
C GLY B 107 -4.70 1.47 5.53
N GLN B 108 -5.42 0.63 6.23
CA GLN B 108 -5.69 -0.65 5.60
C GLN B 108 -6.78 -0.51 4.54
N PRO B 109 -6.73 -1.33 3.49
CA PRO B 109 -7.63 -1.11 2.35
C PRO B 109 -9.07 -1.42 2.72
N LYS B 110 -9.98 -0.58 2.23
CA LYS B 110 -11.37 -0.86 2.48
C LYS B 110 -11.77 -2.10 1.70
N ALA B 111 -12.70 -2.87 2.25
CA ALA B 111 -13.20 -4.07 1.57
C ALA B 111 -14.68 -4.17 1.82
N ALA B 112 -15.46 -4.40 0.76
CA ALA B 112 -16.91 -4.51 0.89
C ALA B 112 -17.32 -5.88 1.46
N PRO B 113 -18.46 -5.95 2.15
CA PRO B 113 -18.89 -7.22 2.75
C PRO B 113 -19.53 -8.17 1.74
N SER B 114 -19.31 -9.46 1.99
CA SER B 114 -20.00 -10.55 1.31
C SER B 114 -21.12 -11.00 2.23
N VAL B 115 -22.32 -11.13 1.68
CA VAL B 115 -23.51 -11.43 2.46
C VAL B 115 -24.10 -12.74 1.96
N THR B 116 -24.34 -13.68 2.88
CA THR B 116 -25.09 -14.90 2.58
C THR B 116 -26.30 -14.96 3.49
N LEU B 117 -27.47 -15.23 2.92
CA LEU B 117 -28.72 -15.29 3.66
C LEU B 117 -29.34 -16.67 3.55
N PHE B 118 -29.62 -17.29 4.67
CA PHE B 118 -30.31 -18.58 4.66
C PHE B 118 -31.75 -18.44 5.15
N PRO B 119 -32.69 -19.06 4.47
CA PRO B 119 -34.07 -19.11 4.96
C PRO B 119 -34.18 -20.14 6.08
N PRO B 120 -35.34 -20.22 6.77
CA PRO B 120 -35.52 -21.29 7.76
C PRO B 120 -35.49 -22.67 7.09
N SER B 121 -34.91 -23.62 7.81
CA SER B 121 -34.90 -24.99 7.34
C SER B 121 -36.29 -25.63 7.49
N SER B 122 -36.56 -26.65 6.66
CA SER B 122 -37.80 -27.42 6.83
C SER B 122 -37.91 -27.94 8.26
N GLU B 123 -36.79 -28.45 8.76
CA GLU B 123 -36.75 -29.06 10.08
C GLU B 123 -37.11 -28.06 11.16
N GLU B 124 -36.64 -26.80 11.04
CA GLU B 124 -36.99 -25.78 12.03
C GLU B 124 -38.46 -25.40 11.93
N LEU B 125 -38.97 -25.23 10.70
CA LEU B 125 -40.39 -24.96 10.53
C LEU B 125 -41.22 -26.07 11.17
N GLN B 126 -40.78 -27.33 11.02
CA GLN B 126 -41.48 -28.47 11.62
C GLN B 126 -41.47 -28.39 13.14
N ALA B 127 -40.45 -27.82 13.73
CA ALA B 127 -40.43 -27.57 15.17
C ALA B 127 -41.14 -26.29 15.52
N ASN B 128 -41.89 -25.73 14.58
CA ASN B 128 -42.66 -24.50 14.82
C ASN B 128 -41.78 -23.33 15.26
N LYS B 129 -40.59 -23.22 14.65
CA LYS B 129 -39.71 -22.08 14.80
C LYS B 129 -39.19 -21.70 13.42
N ALA B 130 -38.67 -20.47 13.32
CA ALA B 130 -38.13 -19.99 12.05
C ALA B 130 -37.04 -18.97 12.33
N THR B 131 -35.88 -19.18 11.75
CA THR B 131 -34.75 -18.25 11.89
C THR B 131 -34.21 -17.97 10.50
N LEU B 132 -34.08 -16.69 10.17
CA LEU B 132 -33.31 -16.22 9.03
C LEU B 132 -31.91 -15.86 9.52
N VAL B 133 -30.91 -16.26 8.74
CA VAL B 133 -29.50 -16.25 9.14
C VAL B 133 -28.72 -15.46 8.09
N CYS B 134 -28.20 -14.31 8.47
CA CYS B 134 -27.47 -13.43 7.56
C CYS B 134 -25.99 -13.38 7.99
N LEU B 135 -25.10 -13.88 7.15
CA LEU B 135 -23.68 -13.96 7.47
C LEU B 135 -22.93 -12.98 6.60
N ILE B 136 -22.07 -12.18 7.24
CA ILE B 136 -21.40 -11.02 6.64
C ILE B 136 -19.89 -11.22 6.79
N SER B 137 -19.17 -11.27 5.67
CA SER B 137 -17.78 -11.71 5.66
C SER B 137 -16.89 -10.72 4.95
N ASP B 138 -15.62 -10.69 5.36
CA ASP B 138 -14.53 -10.07 4.60
C ASP B 138 -14.71 -8.58 4.38
N PHE B 139 -15.19 -7.86 5.37
CA PHE B 139 -15.30 -6.43 5.19
C PHE B 139 -14.30 -5.71 6.09
N TYR B 140 -13.90 -4.51 5.63
CA TYR B 140 -12.98 -3.60 6.33
C TYR B 140 -13.31 -2.15 5.99
N PRO B 141 -13.35 -1.25 6.98
CA PRO B 141 -13.12 -1.49 8.41
C PRO B 141 -14.31 -2.15 9.07
N GLY B 142 -14.31 -2.26 10.40
CA GLY B 142 -15.25 -3.14 11.09
C GLY B 142 -16.70 -2.68 11.16
N ALA B 143 -16.98 -1.40 10.99
CA ALA B 143 -18.34 -0.88 11.21
C ALA B 143 -19.31 -1.31 10.10
N VAL B 144 -20.45 -1.91 10.49
CA VAL B 144 -21.57 -2.20 9.60
C VAL B 144 -22.87 -1.84 10.31
N THR B 145 -23.90 -1.61 9.52
CA THR B 145 -25.24 -1.57 10.08
C THR B 145 -26.07 -2.57 9.29
N VAL B 146 -26.84 -3.38 10.01
CA VAL B 146 -27.69 -4.40 9.43
C VAL B 146 -29.15 -3.97 9.62
N ALA B 147 -29.92 -4.01 8.55
CA ALA B 147 -31.33 -3.68 8.59
C ALA B 147 -32.12 -4.81 7.94
N TRP B 148 -33.22 -5.23 8.58
CA TRP B 148 -34.06 -6.27 8.00
C TRP B 148 -35.34 -5.66 7.46
N LYS B 149 -35.85 -6.25 6.37
CA LYS B 149 -37.09 -5.82 5.73
C LYS B 149 -38.05 -7.00 5.66
N ALA B 150 -39.30 -6.76 5.99
CA ALA B 150 -40.36 -7.70 5.64
C ALA B 150 -41.05 -7.10 4.44
N ASP B 151 -40.99 -7.79 3.30
CA ASP B 151 -41.31 -7.19 2.02
C ASP B 151 -40.42 -5.96 1.80
N SER B 152 -40.99 -4.76 1.89
CA SER B 152 -40.19 -3.54 1.78
C SER B 152 -40.22 -2.68 3.03
N SER B 153 -40.83 -3.14 4.13
CA SER B 153 -41.08 -2.51 5.43
C SER B 153 -40.02 -2.94 6.41
N PRO B 154 -39.53 -2.03 7.23
CA PRO B 154 -38.49 -2.37 8.20
C PRO B 154 -38.99 -3.30 9.30
N VAL B 155 -38.12 -4.21 9.73
CA VAL B 155 -38.44 -5.12 10.82
C VAL B 155 -37.95 -4.50 12.12
N LYS B 156 -38.86 -4.33 13.08
CA LYS B 156 -38.54 -3.62 14.32
C LYS B 156 -38.43 -4.56 15.53
N ALA B 157 -38.33 -5.87 15.32
CA ALA B 157 -38.39 -6.83 16.41
C ALA B 157 -37.81 -8.15 15.91
N GLY B 158 -37.13 -8.86 16.82
CA GLY B 158 -36.60 -10.18 16.53
C GLY B 158 -35.21 -10.22 15.93
N VAL B 159 -34.51 -9.08 15.82
CA VAL B 159 -33.18 -9.00 15.21
C VAL B 159 -32.12 -9.06 16.30
N GLU B 160 -31.15 -9.96 16.14
CA GLU B 160 -29.98 -10.06 17.01
C GLU B 160 -28.74 -10.05 16.15
N THR B 161 -27.82 -9.12 16.40
CA THR B 161 -26.70 -8.89 15.52
C THR B 161 -25.41 -8.87 16.33
N THR B 162 -24.37 -9.54 15.84
CA THR B 162 -23.10 -9.59 16.56
C THR B 162 -22.35 -8.27 16.43
N THR B 163 -21.43 -8.07 17.37
CA THR B 163 -20.38 -7.11 17.12
C THR B 163 -19.37 -7.71 16.15
N PRO B 164 -18.94 -6.95 15.15
CA PRO B 164 -17.94 -7.46 14.19
C PRO B 164 -16.64 -7.89 14.86
N SER B 165 -16.07 -9.02 14.40
CA SER B 165 -14.81 -9.56 14.89
C SER B 165 -13.86 -9.78 13.73
N LYS B 166 -12.55 -9.77 14.01
CA LYS B 166 -11.61 -9.89 12.91
C LYS B 166 -11.43 -11.36 12.54
N GLN B 167 -11.48 -11.64 11.24
CA GLN B 167 -11.21 -12.98 10.72
C GLN B 167 -9.70 -13.23 10.58
N SER B 168 -9.38 -14.43 10.06
CA SER B 168 -7.99 -14.88 9.90
C SER B 168 -7.25 -14.14 8.81
N ASN B 169 -7.97 -13.65 7.81
CA ASN B 169 -7.42 -12.78 6.77
C ASN B 169 -7.43 -11.30 7.16
N ASN B 170 -7.67 -10.98 8.44
CA ASN B 170 -7.69 -9.63 9.03
C ASN B 170 -8.82 -8.73 8.56
N LYS B 171 -9.86 -9.27 7.93
CA LYS B 171 -11.08 -8.54 7.72
C LYS B 171 -12.12 -8.94 8.77
N TYR B 172 -13.28 -8.31 8.75
CA TYR B 172 -14.28 -8.51 9.78
C TYR B 172 -15.39 -9.47 9.33
N ALA B 173 -16.00 -10.11 10.32
CA ALA B 173 -17.17 -10.96 10.13
C ALA B 173 -18.21 -10.56 11.15
N ALA B 174 -19.46 -10.81 10.81
CA ALA B 174 -20.58 -10.52 11.71
C ALA B 174 -21.74 -11.41 11.31
N SER B 175 -22.71 -11.57 12.23
CA SER B 175 -23.90 -12.36 11.94
C SER B 175 -25.11 -11.61 12.42
N SER B 176 -26.20 -11.71 11.67
CA SER B 176 -27.49 -11.19 12.12
C SER B 176 -28.54 -12.28 11.98
N TYR B 177 -29.36 -12.45 13.02
CA TYR B 177 -30.39 -13.48 13.08
C TYR B 177 -31.74 -12.83 13.26
N LEU B 178 -32.72 -13.18 12.42
CA LEU B 178 -34.09 -12.69 12.60
C LEU B 178 -34.95 -13.90 12.99
N SER B 179 -35.48 -13.88 14.19
CA SER B 179 -36.32 -14.97 14.67
C SER B 179 -37.79 -14.68 14.37
N LEU B 180 -38.48 -15.60 13.70
CA LEU B 180 -39.87 -15.44 13.35
C LEU B 180 -40.65 -16.68 13.75
N THR B 181 -41.91 -16.58 13.67
CA THR B 181 -42.73 -17.77 13.63
C THR B 181 -42.90 -18.22 12.19
N PRO B 182 -43.17 -19.51 11.98
CA PRO B 182 -43.53 -19.98 10.62
C PRO B 182 -44.65 -19.18 9.98
N GLU B 183 -45.68 -18.81 10.74
CA GLU B 183 -46.79 -18.05 10.17
C GLU B 183 -46.30 -16.73 9.60
N GLN B 184 -45.49 -15.99 10.37
CA GLN B 184 -44.92 -14.74 9.85
C GLN B 184 -44.09 -14.99 8.61
N TRP B 185 -43.25 -16.03 8.66
CA TRP B 185 -42.40 -16.36 7.51
C TRP B 185 -43.26 -16.61 6.28
N LYS B 186 -44.31 -17.43 6.45
CA LYS B 186 -45.09 -17.92 5.33
C LYS B 186 -45.95 -16.79 4.76
N SER B 187 -46.35 -15.82 5.59
CA SER B 187 -47.38 -14.87 5.21
C SER B 187 -46.85 -13.61 4.54
N HIS B 188 -45.54 -13.41 4.51
CA HIS B 188 -44.97 -12.24 3.85
C HIS B 188 -44.49 -12.63 2.47
N ARG B 189 -44.38 -11.64 1.59
CA ARG B 189 -43.89 -11.95 0.24
C ARG B 189 -42.46 -12.43 0.27
N SER B 190 -41.61 -11.78 1.08
CA SER B 190 -40.20 -12.12 1.23
C SER B 190 -39.66 -11.37 2.44
N TYR B 191 -38.43 -11.70 2.85
CA TYR B 191 -37.62 -10.97 3.83
C TYR B 191 -36.22 -10.69 3.28
N SER B 192 -35.64 -9.57 3.72
CA SER B 192 -34.36 -9.14 3.21
C SER B 192 -33.43 -8.76 4.34
N CYS B 193 -32.18 -9.14 4.16
CA CYS B 193 -31.07 -8.67 4.99
C CYS B 193 -30.34 -7.62 4.16
N GLN B 194 -30.31 -6.39 4.65
CA GLN B 194 -29.65 -5.25 3.99
C GLN B 194 -28.44 -4.85 4.83
N VAL B 195 -27.25 -4.99 4.26
CA VAL B 195 -26.02 -4.68 4.99
C VAL B 195 -25.41 -3.41 4.40
N THR B 196 -25.27 -2.40 5.24
CA THR B 196 -24.72 -1.10 4.86
C THR B 196 -23.32 -0.95 5.45
N HIS B 197 -22.35 -0.60 4.60
CA HIS B 197 -20.95 -0.53 4.99
C HIS B 197 -20.28 0.62 4.27
N GLU B 198 -19.81 1.63 5.00
CA GLU B 198 -19.16 2.78 4.38
C GLU B 198 -20.05 3.38 3.29
N GLY B 199 -21.32 3.61 3.65
CA GLY B 199 -22.29 4.25 2.79
C GLY B 199 -22.81 3.44 1.62
N SER B 200 -22.39 2.19 1.46
CA SER B 200 -22.83 1.34 0.36
C SER B 200 -23.62 0.14 0.90
N THR B 201 -24.70 -0.22 0.21
CA THR B 201 -25.59 -1.26 0.73
C THR B 201 -25.53 -2.49 -0.16
N VAL B 202 -25.40 -3.64 0.50
CA VAL B 202 -25.49 -4.96 -0.10
C VAL B 202 -26.70 -5.65 0.50
N GLU B 203 -27.53 -6.25 -0.35
CA GLU B 203 -28.82 -6.80 0.08
C GLU B 203 -29.01 -8.21 -0.44
N LYS B 204 -29.60 -9.07 0.40
CA LYS B 204 -30.06 -10.37 -0.03
C LYS B 204 -31.52 -10.56 0.35
N THR B 205 -32.24 -11.36 -0.42
CA THR B 205 -33.66 -11.58 -0.19
C THR B 205 -33.97 -13.07 -0.26
N VAL B 206 -34.79 -13.55 0.66
CA VAL B 206 -35.31 -14.91 0.58
C VAL B 206 -36.82 -14.82 0.74
N ALA B 207 -37.50 -15.88 0.29
CA ALA B 207 -38.95 -16.02 0.24
C ALA B 207 -39.34 -17.45 0.54
N PRO B 208 -40.55 -17.66 1.08
CA PRO B 208 -41.03 -19.02 1.33
C PRO B 208 -41.14 -19.82 0.05
N THR B 209 -40.87 -21.12 0.17
CA THR B 209 -41.28 -22.11 -0.82
C THR B 209 -41.26 -23.52 -0.20
N GLU C 1 8.79 -27.53 18.33
CA GLU C 1 7.33 -27.51 18.39
C GLU C 1 6.84 -28.13 19.70
N VAL C 2 5.99 -27.38 20.39
CA VAL C 2 5.47 -27.79 21.66
C VAL C 2 3.96 -27.72 21.60
N GLN C 3 3.30 -28.72 22.17
CA GLN C 3 1.85 -28.74 22.25
C GLN C 3 1.47 -28.79 23.73
N LEU C 4 0.53 -27.92 24.11
CA LEU C 4 -0.07 -27.90 25.42
C LEU C 4 -1.56 -27.89 25.19
N VAL C 5 -2.25 -28.89 25.70
CA VAL C 5 -3.68 -29.05 25.47
C VAL C 5 -4.40 -29.06 26.81
N GLU C 6 -5.19 -28.02 27.09
CA GLU C 6 -5.97 -27.90 28.31
C GLU C 6 -7.30 -28.63 28.22
N SER C 7 -7.78 -29.06 29.38
CA SER C 7 -9.15 -29.56 29.47
C SER C 7 -9.69 -29.26 30.86
N GLY C 8 -11.00 -29.45 31.02
CA GLY C 8 -11.64 -29.22 32.30
C GLY C 8 -12.50 -27.98 32.35
N GLY C 9 -12.51 -27.18 31.28
CA GLY C 9 -13.39 -26.03 31.24
C GLY C 9 -14.86 -26.45 31.22
N GLY C 10 -15.69 -25.47 31.45
CA GLY C 10 -17.11 -25.69 31.52
C GLY C 10 -17.76 -24.65 32.41
N LEU C 11 -18.99 -24.98 32.81
CA LEU C 11 -19.82 -24.10 33.63
C LEU C 11 -19.71 -24.49 35.09
N VAL C 12 -19.61 -23.49 35.96
CA VAL C 12 -19.53 -23.72 37.39
C VAL C 12 -20.36 -22.66 38.10
N GLN C 13 -21.01 -23.07 39.18
CA GLN C 13 -21.74 -22.05 39.92
C GLN C 13 -20.80 -21.24 40.80
N PRO C 14 -21.16 -20.00 41.09
CA PRO C 14 -20.42 -19.26 42.13
C PRO C 14 -20.30 -20.06 43.42
N GLY C 15 -19.13 -19.96 44.05
CA GLY C 15 -18.81 -20.78 45.21
C GLY C 15 -18.42 -22.19 44.88
N GLY C 16 -18.57 -22.62 43.63
CA GLY C 16 -18.15 -23.92 43.20
C GLY C 16 -16.63 -24.03 43.04
N SER C 17 -16.24 -25.09 42.34
CA SER C 17 -14.85 -25.51 42.19
C SER C 17 -14.48 -25.74 40.73
N LEU C 18 -13.20 -25.59 40.42
CA LEU C 18 -12.72 -25.94 39.09
C LEU C 18 -11.48 -26.83 39.17
N ARG C 19 -11.37 -27.72 38.19
CA ARG C 19 -10.18 -28.60 38.01
C ARG C 19 -9.79 -28.58 36.52
N LEU C 20 -8.59 -28.08 36.22
CA LEU C 20 -8.07 -27.96 34.89
C LEU C 20 -6.88 -28.91 34.82
N SER C 21 -6.63 -29.47 33.67
CA SER C 21 -5.40 -30.21 33.44
C SER C 21 -4.86 -29.81 32.07
N CYS C 22 -3.56 -29.95 31.92
CA CYS C 22 -2.90 -29.60 30.68
C CYS C 22 -1.92 -30.72 30.37
N ALA C 23 -2.10 -31.31 29.18
CA ALA C 23 -1.23 -32.35 28.64
C ALA C 23 -0.18 -31.69 27.77
N ALA C 24 1.09 -31.88 28.12
CA ALA C 24 2.21 -31.25 27.46
C ALA C 24 2.96 -32.27 26.64
N SER C 25 3.38 -31.89 25.44
CA SER C 25 4.18 -32.79 24.63
C SER C 25 5.15 -31.98 23.76
N GLY C 26 6.20 -32.67 23.29
CA GLY C 26 7.20 -32.11 22.41
C GLY C 26 8.51 -31.77 23.09
N PHE C 27 8.55 -31.72 24.42
CA PHE C 27 9.72 -31.27 25.15
C PHE C 27 9.85 -32.07 26.44
N THR C 28 11.01 -31.92 27.10
CA THR C 28 11.32 -32.60 28.36
C THR C 28 10.63 -31.84 29.47
N PHE C 29 9.39 -32.24 29.73
CA PHE C 29 8.47 -31.54 30.65
C PHE C 29 9.10 -31.28 32.02
N SER C 30 9.79 -32.27 32.59
CA SER C 30 10.19 -32.11 33.99
C SER C 30 11.36 -31.14 34.17
N SER C 31 11.86 -30.53 33.12
CA SER C 31 12.95 -29.59 33.26
C SER C 31 12.49 -28.14 33.19
N PHE C 32 11.18 -27.88 33.10
CA PHE C 32 10.69 -26.52 32.93
C PHE C 32 9.62 -26.16 33.95
N ASN C 33 9.68 -24.90 34.42
CA ASN C 33 8.56 -24.31 35.16
C ASN C 33 7.34 -24.20 34.25
N MET C 34 6.16 -24.38 34.84
CA MET C 34 4.93 -24.29 34.08
C MET C 34 3.99 -23.30 34.76
N PHE C 35 3.19 -22.64 33.94
CA PHE C 35 2.31 -21.59 34.45
C PHE C 35 0.88 -21.84 34.02
N TRP C 36 -0.02 -21.31 34.83
CA TRP C 36 -1.38 -21.00 34.42
C TRP C 36 -1.52 -19.48 34.31
N VAL C 37 -2.12 -19.06 33.20
CA VAL C 37 -2.41 -17.67 32.89
C VAL C 37 -3.87 -17.60 32.42
N ARG C 38 -4.59 -16.57 32.83
CA ARG C 38 -5.98 -16.47 32.47
C ARG C 38 -6.30 -15.10 31.87
N GLN C 39 -7.45 -15.05 31.20
CA GLN C 39 -7.91 -13.84 30.52
C GLN C 39 -9.43 -13.77 30.57
N ALA C 40 -9.96 -12.83 31.35
CA ALA C 40 -11.40 -12.61 31.39
C ALA C 40 -11.87 -11.99 30.07
N PRO C 41 -13.13 -12.23 29.67
CA PRO C 41 -13.59 -11.77 28.36
C PRO C 41 -13.41 -10.27 28.19
N GLY C 42 -12.75 -9.89 27.08
CA GLY C 42 -12.43 -8.49 26.84
C GLY C 42 -11.39 -7.87 27.74
N LYS C 43 -10.66 -8.64 28.52
CA LYS C 43 -9.64 -8.04 29.39
C LYS C 43 -8.26 -8.61 29.06
N GLY C 44 -7.30 -8.32 29.94
CA GLY C 44 -5.90 -8.61 29.70
C GLY C 44 -5.46 -9.94 30.30
N LEU C 45 -4.20 -10.28 30.03
CA LEU C 45 -3.59 -11.48 30.60
C LEU C 45 -3.33 -11.30 32.08
N GLU C 46 -3.64 -12.34 32.84
CA GLU C 46 -3.42 -12.34 34.29
C GLU C 46 -2.69 -13.60 34.69
N TRP C 47 -1.54 -13.44 35.33
CA TRP C 47 -0.80 -14.61 35.78
C TRP C 47 -1.54 -15.25 36.98
N VAL C 48 -1.85 -16.54 36.89
CA VAL C 48 -2.64 -17.23 37.92
C VAL C 48 -1.75 -18.00 38.90
N ALA C 49 -0.88 -18.88 38.40
CA ALA C 49 -0.04 -19.66 39.30
C ALA C 49 1.13 -20.21 38.50
N GLY C 50 2.16 -20.58 39.25
CA GLY C 50 3.34 -21.19 38.66
C GLY C 50 3.92 -22.23 39.58
N ILE C 51 4.65 -23.17 38.97
CA ILE C 51 5.22 -24.30 39.68
C ILE C 51 6.54 -24.69 39.02
N ASP C 52 7.49 -25.17 39.83
CA ASP C 52 8.83 -25.51 39.36
C ASP C 52 8.87 -26.96 38.89
N ASP C 53 9.98 -27.32 38.24
CA ASP C 53 10.23 -28.64 37.66
C ASP C 53 9.69 -29.80 38.45
N ASP C 54 10.10 -29.87 39.74
CA ASP C 54 9.77 -30.95 40.66
C ASP C 54 8.43 -30.76 41.37
N GLY C 55 7.85 -29.57 41.29
CA GLY C 55 6.58 -29.33 41.95
C GLY C 55 6.71 -28.77 43.34
N SER C 56 7.82 -28.12 43.66
CA SER C 56 8.17 -27.89 45.06
C SER C 56 7.93 -26.48 45.57
N TYR C 57 7.81 -25.47 44.69
CA TYR C 57 7.65 -24.10 45.16
C TYR C 57 6.50 -23.44 44.41
N PRO C 58 5.27 -23.95 44.59
CA PRO C 58 4.11 -23.32 43.94
C PRO C 58 3.90 -21.90 44.42
N ASN C 59 3.55 -21.00 43.49
CA ASN C 59 3.19 -19.65 43.87
C ASN C 59 1.97 -19.22 43.05
N TYR C 60 1.33 -18.13 43.49
CA TYR C 60 -0.01 -17.76 43.04
C TYR C 60 -0.12 -16.24 42.86
N GLY C 61 -0.91 -15.85 41.86
CA GLY C 61 -1.32 -14.46 41.74
C GLY C 61 -2.21 -14.06 42.90
N SER C 62 -2.33 -12.74 43.09
CA SER C 62 -3.09 -12.20 44.22
C SER C 62 -4.53 -12.66 44.20
N ALA C 63 -5.16 -12.66 43.03
CA ALA C 63 -6.59 -12.89 42.99
C ALA C 63 -6.97 -14.29 43.40
N VAL C 64 -6.04 -15.24 43.30
CA VAL C 64 -6.37 -16.65 43.54
C VAL C 64 -5.64 -17.25 44.73
N LYS C 65 -4.71 -16.52 45.36
CA LYS C 65 -3.95 -17.09 46.47
C LYS C 65 -4.87 -17.44 47.62
N GLY C 66 -4.67 -18.65 48.16
CA GLY C 66 -5.48 -19.19 49.20
C GLY C 66 -6.65 -20.00 48.72
N ARG C 67 -7.03 -19.86 47.45
CA ARG C 67 -8.12 -20.64 46.88
C ARG C 67 -7.61 -21.62 45.84
N ALA C 68 -6.31 -21.61 45.57
CA ALA C 68 -5.77 -22.27 44.39
C ALA C 68 -4.66 -23.26 44.74
N THR C 69 -4.61 -24.34 43.98
CA THR C 69 -3.53 -25.31 44.05
C THR C 69 -3.05 -25.63 42.64
N ILE C 70 -1.78 -25.35 42.37
CA ILE C 70 -1.13 -25.76 41.11
C ILE C 70 -0.26 -26.96 41.42
N SER C 71 -0.29 -27.94 40.55
CA SER C 71 0.52 -29.12 40.75
C SER C 71 0.80 -29.75 39.40
N ARG C 72 1.67 -30.74 39.40
CA ARG C 72 2.03 -31.40 38.17
C ARG C 72 2.32 -32.86 38.47
N ASP C 73 2.18 -33.69 37.47
CA ASP C 73 2.61 -35.08 37.57
C ASP C 73 3.59 -35.30 36.44
N ASN C 74 4.87 -35.37 36.79
CA ASN C 74 5.86 -35.48 35.73
C ASN C 74 5.80 -36.80 35.02
N SER C 75 5.36 -37.88 35.70
CA SER C 75 5.29 -39.17 35.02
C SER C 75 4.25 -39.18 33.90
N LYS C 76 3.24 -38.29 33.94
CA LYS C 76 2.22 -38.21 32.91
C LYS C 76 2.30 -36.93 32.10
N ASN C 77 3.38 -36.16 32.22
CA ASN C 77 3.55 -34.89 31.50
C ASN C 77 2.30 -34.01 31.57
N THR C 78 1.75 -33.87 32.78
CA THR C 78 0.47 -33.19 32.96
C THR C 78 0.56 -32.16 34.07
N LEU C 79 0.01 -30.97 33.80
CA LEU C 79 -0.10 -29.89 34.78
C LEU C 79 -1.54 -29.66 35.19
N TYR C 80 -1.76 -29.36 36.46
CA TYR C 80 -3.12 -29.24 37.00
C TYR C 80 -3.32 -27.91 37.70
N LEU C 81 -4.56 -27.44 37.66
CA LEU C 81 -4.98 -26.29 38.45
C LEU C 81 -6.28 -26.64 39.15
N GLN C 82 -6.33 -26.37 40.45
CA GLN C 82 -7.53 -26.58 41.29
C GLN C 82 -7.92 -25.24 41.91
N MET C 83 -9.19 -24.88 41.90
CA MET C 83 -9.58 -23.60 42.50
C MET C 83 -10.95 -23.68 43.18
N ASN C 84 -11.04 -23.12 44.39
CA ASN C 84 -12.25 -23.12 45.22
C ASN C 84 -12.89 -21.74 45.28
N SER C 85 -14.10 -21.74 45.85
CA SER C 85 -14.88 -20.53 46.11
C SER C 85 -14.89 -19.62 44.87
N LEU C 86 -15.33 -20.17 43.75
CA LEU C 86 -15.22 -19.43 42.50
C LEU C 86 -16.10 -18.19 42.50
N ARG C 87 -15.53 -17.09 42.03
CA ARG C 87 -16.27 -15.85 41.88
C ARG C 87 -16.63 -15.69 40.41
N ALA C 88 -17.70 -14.95 40.16
CA ALA C 88 -18.07 -14.65 38.79
C ALA C 88 -16.88 -14.08 38.02
N GLU C 89 -16.06 -13.26 38.68
CA GLU C 89 -14.93 -12.66 37.99
C GLU C 89 -13.78 -13.65 37.76
N ASP C 90 -13.93 -14.92 38.17
CA ASP C 90 -13.03 -15.97 37.73
C ASP C 90 -13.38 -16.53 36.36
N THR C 91 -14.50 -16.11 35.77
CA THR C 91 -14.82 -16.41 34.38
C THR C 91 -13.68 -15.98 33.48
N ALA C 92 -13.11 -16.93 32.75
CA ALA C 92 -11.93 -16.57 31.95
C ALA C 92 -11.54 -17.75 31.10
N VAL C 93 -10.79 -17.44 30.04
CA VAL C 93 -10.04 -18.47 29.35
C VAL C 93 -8.81 -18.74 30.21
N TYR C 94 -8.56 -20.00 30.52
CA TYR C 94 -7.39 -20.40 31.28
C TYR C 94 -6.37 -21.02 30.34
N TYR C 95 -5.16 -20.46 30.35
CA TYR C 95 -4.10 -20.90 29.46
C TYR C 95 -3.05 -21.67 30.25
N CYS C 96 -2.70 -22.83 29.73
CA CYS C 96 -1.49 -23.50 30.13
C CYS C 96 -0.33 -22.84 29.40
N ALA C 97 0.79 -22.63 30.09
CA ALA C 97 1.91 -21.91 29.53
C ALA C 97 3.20 -22.53 30.03
N LYS C 98 4.16 -22.76 29.13
CA LYS C 98 5.45 -23.35 29.50
C LYS C 98 6.53 -22.28 29.57
N SER C 99 7.30 -22.30 30.64
CA SER C 99 8.41 -21.36 30.71
C SER C 99 9.60 -21.88 29.90
N GLY C 100 10.46 -20.94 29.48
CA GLY C 100 11.71 -21.27 28.82
C GLY C 100 12.83 -21.77 29.73
N TYR C 101 12.67 -21.67 31.05
CA TYR C 101 13.68 -22.17 31.98
C TYR C 101 13.01 -22.91 33.14
N GLY C 102 13.84 -23.59 33.92
CA GLY C 102 13.35 -24.38 35.02
C GLY C 102 14.09 -24.01 36.29
N GLY C 103 13.42 -24.26 37.41
CA GLY C 103 13.94 -23.99 38.74
C GLY C 103 13.25 -22.80 39.40
N SER C 104 13.02 -22.93 40.70
CA SER C 104 12.49 -21.83 41.50
C SER C 104 12.77 -22.10 42.96
N TRP C 105 12.94 -21.02 43.72
CA TRP C 105 12.89 -21.09 45.16
C TRP C 105 11.71 -20.29 45.68
N GLY C 106 10.66 -20.20 44.87
CA GLY C 106 9.47 -19.45 45.19
C GLY C 106 9.23 -18.28 44.27
N GLY C 107 10.28 -17.81 43.60
CA GLY C 107 10.16 -16.71 42.66
C GLY C 107 9.80 -17.21 41.27
N TYR C 108 8.97 -16.42 40.59
CA TYR C 108 8.65 -16.60 39.18
C TYR C 108 8.54 -15.24 38.53
N ILE C 109 8.92 -15.19 37.26
CA ILE C 109 8.83 -13.98 36.44
C ILE C 109 8.31 -14.40 35.08
N ALA C 110 7.38 -13.62 34.53
CA ALA C 110 6.78 -13.98 33.24
C ALA C 110 7.56 -13.43 32.05
N ASP C 111 8.92 -13.43 32.13
CA ASP C 111 9.76 -12.88 31.07
C ASP C 111 10.11 -13.88 29.95
N ASP C 112 9.78 -15.16 30.12
CA ASP C 112 10.16 -16.17 29.14
C ASP C 112 9.14 -17.31 29.13
N ILE C 113 7.88 -16.97 28.84
CA ILE C 113 6.91 -17.97 28.44
C ILE C 113 7.17 -18.26 26.98
N ASP C 114 7.43 -19.54 26.64
CA ASP C 114 7.73 -19.80 25.24
C ASP C 114 6.78 -20.75 24.53
N ALA C 115 5.71 -21.21 25.17
CA ALA C 115 4.67 -21.98 24.51
C ALA C 115 3.35 -21.72 25.22
N TRP C 116 2.27 -21.68 24.45
CA TRP C 116 0.94 -21.40 24.96
C TRP C 116 -0.05 -22.49 24.54
N GLY C 117 -0.95 -22.89 25.43
CA GLY C 117 -2.04 -23.74 25.01
C GLY C 117 -3.10 -22.95 24.27
N GLN C 118 -4.13 -23.64 23.82
CA GLN C 118 -5.23 -22.90 23.22
C GLN C 118 -6.22 -22.41 24.23
N GLY C 119 -6.07 -22.79 25.49
CA GLY C 119 -6.95 -22.19 26.48
C GLY C 119 -8.25 -22.97 26.61
N THR C 120 -8.84 -22.88 27.79
CA THR C 120 -10.12 -23.52 28.04
C THR C 120 -10.98 -22.53 28.82
N LEU C 121 -12.23 -22.37 28.43
CA LEU C 121 -13.12 -21.37 29.00
C LEU C 121 -13.84 -21.91 30.23
N VAL C 122 -13.68 -21.22 31.36
CA VAL C 122 -14.44 -21.49 32.57
C VAL C 122 -15.49 -20.40 32.69
N THR C 123 -16.76 -20.79 32.74
CA THR C 123 -17.85 -19.82 32.94
C THR C 123 -18.41 -19.95 34.35
N VAL C 124 -18.34 -18.88 35.13
CA VAL C 124 -18.84 -18.88 36.50
C VAL C 124 -20.17 -18.12 36.53
N SER C 125 -21.27 -18.85 36.69
CA SER C 125 -22.55 -18.18 36.57
C SER C 125 -23.62 -19.01 37.25
N SER C 126 -24.67 -18.31 37.71
CA SER C 126 -25.87 -18.97 38.24
C SER C 126 -26.86 -19.36 37.15
N ALA C 127 -26.65 -18.93 35.90
CA ALA C 127 -27.51 -19.37 34.82
C ALA C 127 -27.36 -20.87 34.56
N SER C 128 -28.40 -21.46 33.98
CA SER C 128 -28.46 -22.89 33.74
C SER C 128 -27.86 -23.26 32.39
N THR C 129 -27.26 -24.45 32.33
CA THR C 129 -26.84 -24.96 31.04
C THR C 129 -28.06 -25.21 30.16
N LYS C 130 -27.91 -24.92 28.88
CA LYS C 130 -28.91 -25.28 27.87
C LYS C 130 -28.20 -25.75 26.61
N GLY C 131 -28.57 -26.94 26.13
CA GLY C 131 -28.04 -27.47 24.90
C GLY C 131 -28.72 -26.85 23.67
N PRO C 132 -27.99 -26.80 22.57
CA PRO C 132 -28.52 -26.17 21.36
C PRO C 132 -29.39 -27.09 20.52
N SER C 133 -30.29 -26.46 19.77
CA SER C 133 -30.94 -27.10 18.65
C SER C 133 -30.05 -26.89 17.42
N VAL C 134 -29.92 -27.92 16.60
CA VAL C 134 -29.04 -27.86 15.43
C VAL C 134 -29.88 -28.06 14.18
N PHE C 135 -29.77 -27.11 13.23
CA PHE C 135 -30.54 -27.19 12.00
C PHE C 135 -29.65 -27.03 10.78
N PRO C 136 -29.92 -27.78 9.70
CA PRO C 136 -29.10 -27.68 8.48
C PRO C 136 -29.46 -26.46 7.67
N LEU C 137 -28.44 -25.84 7.11
CA LEU C 137 -28.60 -24.66 6.28
C LEU C 137 -28.29 -25.06 4.84
N ALA C 138 -29.35 -25.39 4.09
CA ALA C 138 -29.21 -26.02 2.79
C ALA C 138 -28.71 -25.05 1.74
N PRO C 139 -27.96 -25.53 0.75
CA PRO C 139 -27.60 -24.71 -0.40
C PRO C 139 -28.76 -24.62 -1.41
N GLY C 147 -20.18 -22.72 -9.72
CA GLY C 147 -18.84 -22.89 -9.18
C GLY C 147 -18.78 -23.35 -7.72
N THR C 148 -19.26 -22.53 -6.79
CA THR C 148 -19.32 -22.90 -5.38
C THR C 148 -20.74 -22.75 -4.84
N ALA C 149 -21.01 -23.48 -3.77
CA ALA C 149 -22.26 -23.37 -3.03
C ALA C 149 -21.92 -23.24 -1.54
N ALA C 150 -22.72 -22.45 -0.83
CA ALA C 150 -22.59 -22.27 0.60
C ALA C 150 -23.63 -23.15 1.27
N LEU C 151 -23.19 -23.97 2.21
CA LEU C 151 -24.11 -24.81 3.01
C LEU C 151 -23.64 -24.78 4.46
N GLY C 152 -24.53 -25.00 5.41
CA GLY C 152 -24.07 -24.90 6.79
C GLY C 152 -25.04 -25.45 7.79
N CYS C 153 -24.73 -25.28 9.06
CA CYS C 153 -25.74 -25.67 10.08
C CYS C 153 -25.85 -24.59 11.15
N LEU C 154 -27.08 -24.38 11.60
CA LEU C 154 -27.41 -23.37 12.62
C LEU C 154 -27.39 -24.06 13.98
N VAL C 155 -26.69 -23.45 14.93
CA VAL C 155 -26.57 -24.00 16.28
C VAL C 155 -27.30 -23.02 17.22
N LYS C 156 -28.55 -23.32 17.55
CA LYS C 156 -29.44 -22.30 18.10
C LYS C 156 -29.64 -22.48 19.60
N ASP C 157 -29.62 -21.35 20.32
CA ASP C 157 -30.06 -21.21 21.72
C ASP C 157 -29.35 -22.17 22.68
N TYR C 158 -28.07 -21.87 22.97
CA TYR C 158 -27.31 -22.65 23.94
C TYR C 158 -26.65 -21.74 24.97
N PHE C 159 -26.20 -22.36 26.08
CA PHE C 159 -25.48 -21.68 27.14
C PHE C 159 -24.74 -22.72 27.96
N PRO C 160 -23.45 -22.50 28.31
CA PRO C 160 -22.58 -21.40 27.87
C PRO C 160 -21.78 -21.71 26.58
N GLU C 161 -20.93 -20.77 26.18
CA GLU C 161 -19.87 -21.07 25.27
C GLU C 161 -18.96 -22.11 25.93
N PRO C 162 -18.16 -22.85 25.13
CA PRO C 162 -18.10 -22.82 23.67
C PRO C 162 -18.85 -24.00 23.08
N VAL C 163 -19.07 -23.93 21.77
CA VAL C 163 -19.56 -25.05 20.99
C VAL C 163 -18.47 -25.36 19.98
N THR C 164 -18.27 -26.64 19.69
CA THR C 164 -17.38 -27.07 18.62
C THR C 164 -18.19 -27.55 17.41
N VAL C 165 -17.76 -27.16 16.21
CA VAL C 165 -18.36 -27.64 14.98
C VAL C 165 -17.28 -28.19 14.06
N SER C 166 -17.40 -29.46 13.70
CA SER C 166 -16.55 -30.02 12.66
C SER C 166 -17.43 -30.42 11.48
N TRP C 167 -16.78 -30.73 10.37
CA TRP C 167 -17.50 -31.19 9.19
C TRP C 167 -16.96 -32.54 8.77
N ASN C 168 -17.88 -33.42 8.40
CA ASN C 168 -17.54 -34.78 7.99
C ASN C 168 -16.58 -35.43 8.99
N SER C 169 -16.92 -35.28 10.27
CA SER C 169 -16.11 -35.84 11.37
C SER C 169 -14.69 -35.32 11.34
N GLY C 170 -14.49 -34.09 10.90
CA GLY C 170 -13.16 -33.54 10.87
C GLY C 170 -12.36 -33.86 9.62
N ALA C 171 -12.93 -34.66 8.70
CA ALA C 171 -12.23 -34.90 7.45
C ALA C 171 -12.34 -33.74 6.49
N LEU C 172 -13.28 -32.80 6.71
CA LEU C 172 -13.47 -31.64 5.82
C LEU C 172 -13.03 -30.40 6.58
N THR C 173 -11.93 -29.81 6.13
CA THR C 173 -11.40 -28.63 6.77
C THR C 173 -11.29 -27.47 5.80
N SER C 174 -11.23 -27.75 4.50
CA SER C 174 -11.10 -26.71 3.50
C SER C 174 -12.45 -26.01 3.27
N GLY C 175 -12.44 -24.68 3.29
CA GLY C 175 -13.64 -23.94 3.02
C GLY C 175 -14.61 -23.78 4.18
N VAL C 176 -14.20 -24.12 5.41
CA VAL C 176 -15.03 -24.05 6.60
C VAL C 176 -14.87 -22.68 7.24
N HIS C 177 -16.00 -22.09 7.61
CA HIS C 177 -16.03 -20.80 8.32
C HIS C 177 -17.11 -20.88 9.39
N THR C 178 -16.69 -21.11 10.63
CA THR C 178 -17.58 -21.06 11.78
C THR C 178 -17.60 -19.64 12.31
N PHE C 179 -18.75 -19.06 12.38
CA PHE C 179 -18.88 -17.66 12.76
C PHE C 179 -18.95 -17.51 14.29
N PRO C 180 -18.42 -16.42 14.82
CA PRO C 180 -18.60 -16.13 16.26
C PRO C 180 -20.08 -16.13 16.63
N ALA C 181 -20.36 -16.58 17.85
CA ALA C 181 -21.74 -16.64 18.31
C ALA C 181 -22.28 -15.25 18.61
N VAL C 182 -23.58 -15.08 18.40
CA VAL C 182 -24.32 -13.92 18.91
C VAL C 182 -24.85 -14.28 20.29
N LEU C 183 -24.77 -13.34 21.22
CA LEU C 183 -25.36 -13.47 22.55
C LEU C 183 -26.72 -12.76 22.49
N GLN C 184 -27.79 -13.54 22.55
CA GLN C 184 -29.09 -12.92 22.33
C GLN C 184 -29.55 -12.21 23.60
N SER C 185 -30.49 -11.27 23.42
CA SER C 185 -31.05 -10.54 24.54
C SER C 185 -31.57 -11.48 25.63
N SER C 186 -31.90 -12.72 25.25
CA SER C 186 -32.37 -13.72 26.20
C SER C 186 -31.27 -14.32 27.06
N GLY C 187 -30.00 -14.06 26.76
CA GLY C 187 -28.91 -14.71 27.46
C GLY C 187 -28.48 -16.04 26.87
N LEU C 188 -29.13 -16.51 25.82
CA LEU C 188 -28.71 -17.71 25.11
C LEU C 188 -27.86 -17.33 23.90
N TYR C 189 -26.95 -18.22 23.51
CA TYR C 189 -26.07 -18.03 22.35
C TYR C 189 -26.58 -18.76 21.12
N SER C 190 -26.21 -18.24 19.94
CA SER C 190 -26.45 -18.92 18.66
C SER C 190 -25.27 -18.69 17.72
N LEU C 191 -24.91 -19.71 16.94
CA LEU C 191 -23.90 -19.52 15.89
C LEU C 191 -24.24 -20.33 14.64
N SER C 192 -23.47 -20.06 13.59
CA SER C 192 -23.57 -20.77 12.33
C SER C 192 -22.17 -21.16 11.87
N SER C 193 -22.09 -22.35 11.26
CA SER C 193 -20.89 -22.81 10.56
C SER C 193 -21.25 -23.02 9.09
N VAL C 194 -20.48 -22.40 8.19
CA VAL C 194 -20.73 -22.42 6.75
C VAL C 194 -19.50 -22.97 6.07
N VAL C 195 -19.67 -24.00 5.25
CA VAL C 195 -18.60 -24.52 4.43
C VAL C 195 -18.89 -24.18 2.98
N THR C 196 -17.91 -23.64 2.29
CA THR C 196 -18.00 -23.41 0.85
C THR C 196 -17.55 -24.68 0.12
N VAL C 197 -18.42 -25.23 -0.71
CA VAL C 197 -18.14 -26.49 -1.37
C VAL C 197 -18.25 -26.29 -2.88
N PRO C 198 -17.58 -27.13 -3.66
CA PRO C 198 -17.76 -27.11 -5.11
C PRO C 198 -19.17 -27.55 -5.46
N SER C 199 -19.83 -26.78 -6.33
CA SER C 199 -21.17 -27.14 -6.79
C SER C 199 -21.20 -28.54 -7.40
N SER C 200 -20.14 -28.93 -8.07
CA SER C 200 -20.08 -30.24 -8.72
C SER C 200 -20.15 -31.37 -7.72
N SER C 201 -20.01 -31.08 -6.43
CA SER C 201 -20.05 -32.12 -5.40
C SER C 201 -21.44 -32.33 -4.79
N LEU C 202 -22.40 -31.43 -5.05
CA LEU C 202 -23.67 -31.45 -4.31
C LEU C 202 -24.43 -32.76 -4.54
N GLY C 203 -24.29 -33.37 -5.71
CA GLY C 203 -25.01 -34.61 -5.94
C GLY C 203 -24.40 -35.82 -5.27
N THR C 204 -23.10 -35.83 -5.06
CA THR C 204 -22.41 -37.06 -4.71
C THR C 204 -21.71 -37.04 -3.37
N GLN C 205 -21.34 -35.89 -2.83
CA GLN C 205 -20.60 -35.83 -1.57
C GLN C 205 -21.56 -35.53 -0.43
N THR C 206 -21.54 -36.36 0.61
CA THR C 206 -22.37 -36.09 1.78
C THR C 206 -21.68 -35.09 2.68
N TYR C 207 -22.43 -34.10 3.17
CA TYR C 207 -21.89 -33.11 4.09
C TYR C 207 -22.63 -33.23 5.43
N ILE C 208 -21.88 -33.54 6.48
CA ILE C 208 -22.45 -33.69 7.81
C ILE C 208 -21.70 -32.72 8.73
N CYS C 209 -22.44 -31.90 9.45
CA CYS C 209 -21.83 -31.10 10.51
C CYS C 209 -21.97 -31.86 11.82
N ASN C 210 -20.91 -31.83 12.62
CA ASN C 210 -20.85 -32.53 13.90
C ASN C 210 -20.72 -31.46 14.96
N VAL C 211 -21.77 -31.29 15.77
CA VAL C 211 -21.82 -30.27 16.77
C VAL C 211 -21.63 -30.91 18.14
N ASN C 212 -20.73 -30.36 18.94
CA ASN C 212 -20.58 -30.82 20.33
C ASN C 212 -20.63 -29.64 21.28
N HIS C 213 -21.53 -29.69 22.24
CA HIS C 213 -21.61 -28.70 23.32
C HIS C 213 -21.41 -29.43 24.64
N LYS C 214 -20.17 -29.41 25.14
CA LYS C 214 -19.83 -30.22 26.31
C LYS C 214 -20.62 -29.88 27.58
N PRO C 215 -20.83 -28.63 27.98
CA PRO C 215 -21.54 -28.39 29.24
C PRO C 215 -22.93 -29.00 29.30
N SER C 216 -23.58 -29.22 28.15
CA SER C 216 -24.88 -29.85 28.16
C SER C 216 -24.84 -31.28 27.68
N ASN C 217 -23.67 -31.78 27.30
CA ASN C 217 -23.48 -33.11 26.70
C ASN C 217 -24.33 -33.35 25.45
N THR C 218 -24.40 -32.34 24.59
CA THR C 218 -25.10 -32.43 23.31
C THR C 218 -24.07 -32.82 22.25
N LYS C 219 -24.33 -33.92 21.54
CA LYS C 219 -23.54 -34.35 20.39
C LYS C 219 -24.52 -34.66 19.27
N VAL C 220 -24.48 -33.88 18.19
CA VAL C 220 -25.44 -33.98 17.08
C VAL C 220 -24.66 -34.05 15.77
N ASP C 221 -25.02 -34.98 14.89
CA ASP C 221 -24.57 -34.99 13.51
C ASP C 221 -25.75 -34.67 12.61
N LYS C 222 -25.61 -33.65 11.76
CA LYS C 222 -26.72 -33.22 10.91
C LYS C 222 -26.28 -33.28 9.44
N LYS C 223 -26.96 -34.12 8.66
CA LYS C 223 -26.71 -34.16 7.23
C LYS C 223 -27.31 -32.92 6.59
N VAL C 224 -26.54 -32.28 5.71
CA VAL C 224 -26.96 -31.05 5.06
C VAL C 224 -27.06 -31.35 3.57
N GLU C 225 -28.27 -31.43 3.08
CA GLU C 225 -28.76 -31.86 1.78
C GLU C 225 -29.40 -30.71 1.03
N PRO C 226 -29.35 -30.72 -0.31
CA PRO C 226 -30.16 -29.79 -1.13
C PRO C 226 -31.65 -30.04 -0.94
N LYS D 10 -58.26 13.57 -36.75
CA LYS D 10 -57.25 14.43 -37.36
C LYS D 10 -57.59 15.93 -37.20
N CYS D 11 -57.49 16.71 -38.27
CA CYS D 11 -57.89 18.11 -38.21
C CYS D 11 -59.38 18.27 -38.41
N GLN D 12 -59.92 19.37 -37.90
CA GLN D 12 -61.34 19.66 -38.01
C GLN D 12 -61.56 21.08 -38.53
N PRO D 13 -62.65 21.31 -39.27
CA PRO D 13 -62.95 22.67 -39.75
C PRO D 13 -63.08 23.66 -38.60
N ILE D 14 -62.69 24.90 -38.89
CA ILE D 14 -62.78 25.97 -37.90
C ILE D 14 -64.23 26.38 -37.71
N GLU D 15 -64.69 26.34 -36.46
CA GLU D 15 -66.02 26.74 -36.04
C GLU D 15 -66.02 28.03 -35.25
N ILE D 16 -64.87 28.48 -34.77
CA ILE D 16 -64.78 29.71 -34.00
C ILE D 16 -64.99 30.86 -34.96
N PRO D 17 -66.10 31.61 -34.83
CA PRO D 17 -66.45 32.55 -35.91
C PRO D 17 -65.35 33.52 -36.24
N MET D 18 -64.66 34.00 -35.20
CA MET D 18 -63.61 34.99 -35.35
C MET D 18 -62.38 34.45 -36.08
N CYS D 19 -62.18 33.13 -36.09
CA CYS D 19 -61.03 32.51 -36.76
C CYS D 19 -61.39 31.86 -38.08
N LYS D 20 -62.60 32.07 -38.58
CA LYS D 20 -62.88 31.66 -39.95
C LYS D 20 -62.23 32.64 -40.90
N ASP D 21 -61.86 32.12 -42.08
CA ASP D 21 -61.37 32.91 -43.21
C ASP D 21 -60.10 33.67 -42.89
N ILE D 22 -59.16 33.03 -42.20
CA ILE D 22 -57.88 33.68 -41.91
C ILE D 22 -56.72 33.00 -42.64
N GLY D 23 -56.99 32.19 -43.64
CA GLY D 23 -55.90 31.68 -44.45
C GLY D 23 -55.42 30.29 -44.10
N TYR D 24 -56.01 29.65 -43.09
CA TYR D 24 -55.96 28.20 -42.98
C TYR D 24 -57.33 27.75 -42.54
N GLN D 25 -57.74 26.57 -43.01
CA GLN D 25 -59.12 26.14 -42.85
C GLN D 25 -59.34 25.21 -41.67
N MET D 26 -58.28 24.56 -41.16
CA MET D 26 -58.44 23.49 -40.18
C MET D 26 -57.67 23.76 -38.90
N THR D 27 -58.28 23.43 -37.78
CA THR D 27 -57.63 23.50 -36.48
C THR D 27 -57.74 22.13 -35.80
N ARG D 28 -57.43 22.11 -34.51
CA ARG D 28 -57.54 20.87 -33.77
C ARG D 28 -57.61 21.16 -32.28
N MET D 29 -58.49 20.40 -31.56
CA MET D 29 -58.73 20.59 -30.13
C MET D 29 -58.12 19.45 -29.31
N PRO D 30 -57.63 19.71 -28.09
CA PRO D 30 -57.60 20.93 -27.34
C PRO D 30 -56.69 21.99 -28.01
N ASN D 31 -56.97 23.30 -27.85
CA ASN D 31 -56.11 24.33 -28.41
C ASN D 31 -54.97 24.62 -27.43
N LEU D 32 -54.15 25.65 -27.73
CA LEU D 32 -53.01 26.02 -26.91
C LEU D 32 -53.44 26.77 -25.66
N MET D 33 -54.72 27.08 -25.53
CA MET D 33 -55.26 27.69 -24.33
C MET D 33 -55.83 26.65 -23.38
N GLY D 34 -55.78 25.36 -23.75
CA GLY D 34 -56.35 24.29 -22.96
C GLY D 34 -57.85 24.02 -23.12
N HIS D 35 -58.52 24.68 -24.05
CA HIS D 35 -59.96 24.47 -24.22
C HIS D 35 -60.18 23.15 -24.92
N GLU D 36 -61.12 22.38 -24.38
CA GLU D 36 -61.34 21.01 -24.80
C GLU D 36 -62.12 20.93 -26.13
N ASN D 37 -62.94 21.96 -26.43
CA ASN D 37 -63.76 22.02 -27.65
C ASN D 37 -63.79 23.43 -28.20
N GLN D 38 -64.27 23.59 -29.43
CA GLN D 38 -64.27 24.92 -30.09
C GLN D 38 -65.32 25.87 -29.50
N ARG D 39 -66.42 25.35 -29.01
CA ARG D 39 -67.46 26.22 -28.43
C ARG D 39 -66.89 26.92 -27.18
N GLU D 40 -66.18 26.19 -26.34
CA GLU D 40 -65.55 26.73 -25.11
C GLU D 40 -64.55 27.78 -25.56
N ALA D 41 -63.78 27.49 -26.61
CA ALA D 41 -62.81 28.45 -27.12
C ALA D 41 -63.49 29.71 -27.63
N ALA D 42 -64.57 29.55 -28.41
CA ALA D 42 -65.28 30.74 -28.90
C ALA D 42 -65.78 31.61 -27.75
N ILE D 43 -66.32 30.99 -26.70
CA ILE D 43 -66.86 31.73 -25.55
C ILE D 43 -65.76 32.55 -24.88
N GLN D 44 -64.57 31.95 -24.69
CA GLN D 44 -63.49 32.68 -24.03
C GLN D 44 -62.95 33.79 -24.89
N LEU D 45 -63.06 33.66 -26.22
CA LEU D 45 -62.60 34.66 -27.15
C LEU D 45 -63.54 35.85 -27.25
N HIS D 46 -64.75 35.70 -26.70
CA HIS D 46 -65.74 36.74 -26.85
C HIS D 46 -65.27 38.06 -26.24
N GLU D 47 -64.54 37.98 -25.12
CA GLU D 47 -63.99 39.19 -24.50
C GLU D 47 -63.23 40.04 -25.51
N PHE D 48 -62.61 39.40 -26.51
CA PHE D 48 -61.79 40.04 -27.54
C PHE D 48 -62.58 40.55 -28.76
N ALA D 49 -63.85 40.18 -28.89
CA ALA D 49 -64.65 40.62 -30.03
C ALA D 49 -64.63 42.14 -30.24
N PRO D 50 -64.83 42.99 -29.23
CA PRO D 50 -64.75 44.44 -29.50
C PRO D 50 -63.39 44.86 -30.05
N LEU D 51 -62.30 44.44 -29.42
CA LEU D 51 -60.99 44.86 -29.90
C LEU D 51 -60.72 44.37 -31.32
N VAL D 52 -61.17 43.17 -31.64
CA VAL D 52 -60.90 42.64 -32.97
C VAL D 52 -61.65 43.44 -34.02
N GLU D 53 -62.91 43.82 -33.74
CA GLU D 53 -63.69 44.59 -34.71
C GLU D 53 -63.03 45.95 -34.91
N TYR D 54 -62.79 46.69 -33.81
CA TYR D 54 -61.91 47.85 -33.88
C TYR D 54 -60.60 47.41 -34.53
N GLY D 55 -59.99 48.29 -35.29
CA GLY D 55 -58.79 47.86 -35.96
C GLY D 55 -57.49 48.42 -35.43
N CYS D 56 -56.89 47.81 -34.40
CA CYS D 56 -55.64 48.37 -33.89
C CYS D 56 -54.40 47.92 -34.69
N HIS D 57 -54.59 47.31 -35.87
CA HIS D 57 -53.51 47.01 -36.81
C HIS D 57 -52.35 46.27 -36.13
N GLY D 58 -52.68 45.38 -35.21
CA GLY D 58 -51.62 44.66 -34.51
C GLY D 58 -51.59 43.18 -34.84
N HIS D 59 -52.30 42.79 -35.92
CA HIS D 59 -52.52 41.39 -36.30
C HIS D 59 -53.18 40.60 -35.16
N LEU D 60 -54.07 41.25 -34.42
CA LEU D 60 -54.63 40.63 -33.23
C LEU D 60 -55.37 39.34 -33.58
N ARG D 61 -56.14 39.33 -34.68
CA ARG D 61 -56.92 38.15 -35.03
C ARG D 61 -56.02 36.98 -35.35
N PHE D 62 -55.02 37.21 -36.21
CA PHE D 62 -54.04 36.19 -36.50
C PHE D 62 -53.42 35.65 -35.21
N PHE D 63 -52.97 36.56 -34.33
CA PHE D 63 -52.29 36.11 -33.12
C PHE D 63 -53.21 35.29 -32.24
N LEU D 64 -54.38 35.83 -31.91
CA LEU D 64 -55.31 35.09 -31.07
C LEU D 64 -55.64 33.76 -31.70
N CYS D 65 -55.90 33.74 -33.01
CA CYS D 65 -56.36 32.50 -33.61
C CYS D 65 -55.25 31.45 -33.66
N SER D 66 -53.98 31.88 -33.71
CA SER D 66 -52.88 30.93 -33.61
C SER D 66 -52.89 30.19 -32.27
N LEU D 67 -53.45 30.78 -31.21
CA LEU D 67 -53.55 30.11 -29.91
C LEU D 67 -54.94 29.51 -29.67
N TYR D 68 -55.99 30.19 -30.08
CA TYR D 68 -57.33 29.67 -29.82
C TYR D 68 -57.80 28.67 -30.88
N ALA D 69 -57.32 28.79 -32.11
CA ALA D 69 -57.71 27.85 -33.17
C ALA D 69 -56.46 27.53 -33.98
N PRO D 70 -55.50 26.86 -33.36
CA PRO D 70 -54.19 26.70 -34.02
C PRO D 70 -54.33 25.93 -35.32
N MET D 71 -53.57 26.34 -36.32
CA MET D 71 -53.58 25.65 -37.59
C MET D 71 -53.28 24.18 -37.39
N CYS D 72 -54.08 23.32 -38.01
CA CYS D 72 -53.80 21.89 -38.06
C CYS D 72 -53.64 21.47 -39.52
N THR D 73 -52.56 20.76 -39.82
CA THR D 73 -52.41 20.10 -41.11
C THR D 73 -51.75 18.74 -40.89
N GLU D 74 -51.71 17.99 -41.99
CA GLU D 74 -51.01 16.72 -41.99
C GLU D 74 -49.53 16.93 -41.68
N GLN D 75 -48.97 18.02 -42.19
CA GLN D 75 -47.57 18.36 -42.00
C GLN D 75 -47.25 18.69 -40.54
N VAL D 76 -48.22 19.23 -39.80
CA VAL D 76 -47.97 19.65 -38.43
C VAL D 76 -48.45 18.56 -37.49
N SER D 77 -47.52 18.07 -36.67
CA SER D 77 -47.89 17.12 -35.62
C SER D 77 -48.52 17.90 -34.47
N THR D 78 -47.68 18.83 -33.82
CA THR D 78 -47.97 19.75 -32.74
C THR D 78 -48.17 21.19 -33.23
N PRO D 79 -49.00 21.98 -32.53
CA PRO D 79 -49.28 23.35 -32.99
C PRO D 79 -48.05 24.25 -33.03
N ILE D 80 -48.13 25.22 -33.92
CA ILE D 80 -47.13 26.27 -34.12
C ILE D 80 -47.75 27.60 -33.73
N PRO D 81 -47.45 28.16 -32.56
CA PRO D 81 -48.07 29.43 -32.15
C PRO D 81 -47.46 30.59 -32.92
N ALA D 82 -48.10 31.76 -32.81
CA ALA D 82 -47.44 32.95 -33.33
C ALA D 82 -46.20 33.25 -32.49
N CYS D 83 -45.22 33.93 -33.09
CA CYS D 83 -43.99 34.22 -32.35
C CYS D 83 -44.23 35.25 -31.24
N ARG D 84 -43.32 35.27 -30.27
CA ARG D 84 -43.46 36.20 -29.15
C ARG D 84 -43.55 37.64 -29.64
N VAL D 85 -42.76 37.99 -30.65
CA VAL D 85 -42.73 39.37 -31.14
C VAL D 85 -44.11 39.78 -31.66
N MET D 86 -44.88 38.80 -32.18
CA MET D 86 -46.23 39.07 -32.66
C MET D 86 -47.16 39.33 -31.49
N CYS D 87 -47.05 38.50 -30.44
CA CYS D 87 -47.81 38.76 -29.21
C CYS D 87 -47.53 40.17 -28.70
N GLU D 88 -46.27 40.56 -28.66
CA GLU D 88 -45.91 41.82 -28.03
C GLU D 88 -46.34 43.00 -28.87
N GLN D 89 -46.25 42.86 -30.20
CA GLN D 89 -46.70 43.95 -31.06
C GLN D 89 -48.21 44.10 -31.03
N ALA D 90 -48.93 43.00 -30.90
CA ALA D 90 -50.39 43.08 -30.80
C ALA D 90 -50.78 43.74 -29.50
N ARG D 91 -50.14 43.31 -28.39
CA ARG D 91 -50.41 43.90 -27.08
C ARG D 91 -50.08 45.38 -27.07
N LEU D 92 -48.99 45.78 -27.74
CA LEU D 92 -48.57 47.17 -27.71
C LEU D 92 -49.45 48.06 -28.59
N LYS D 93 -49.81 47.59 -29.80
CA LYS D 93 -50.56 48.45 -30.70
C LYS D 93 -52.02 48.57 -30.29
N CYS D 94 -52.56 47.56 -29.60
CA CYS D 94 -53.90 47.69 -29.05
C CYS D 94 -53.90 48.21 -27.62
N SER D 95 -52.78 48.71 -27.11
CA SER D 95 -52.78 49.18 -25.72
C SER D 95 -53.63 50.43 -25.55
N PRO D 96 -53.54 51.46 -26.41
CA PRO D 96 -54.41 52.64 -26.19
C PRO D 96 -55.89 52.33 -26.22
N ILE D 97 -56.33 51.50 -27.16
CA ILE D 97 -57.74 51.14 -27.22
C ILE D 97 -58.12 50.19 -26.08
N MET D 98 -57.16 49.45 -25.50
CA MET D 98 -57.50 48.63 -24.34
C MET D 98 -57.71 49.47 -23.09
N GLU D 99 -56.90 50.52 -22.89
CA GLU D 99 -57.14 51.46 -21.80
C GLU D 99 -58.54 52.03 -21.92
N GLN D 100 -58.92 52.38 -23.16
CA GLN D 100 -60.18 53.03 -23.48
C GLN D 100 -61.38 52.17 -23.13
N PHE D 101 -61.29 50.86 -23.34
CA PHE D 101 -62.35 49.91 -23.09
C PHE D 101 -62.28 49.32 -21.68
N ASN D 102 -61.44 49.90 -20.82
CA ASN D 102 -61.01 49.31 -19.55
C ASN D 102 -60.88 47.78 -19.67
N PHE D 103 -60.08 47.37 -20.65
CA PHE D 103 -59.80 45.98 -20.96
C PHE D 103 -58.34 45.74 -20.64
N LYS D 104 -58.05 44.70 -19.89
CA LYS D 104 -56.67 44.38 -19.55
C LYS D 104 -56.24 43.12 -20.26
N TRP D 105 -54.99 43.11 -20.68
CA TRP D 105 -54.40 41.98 -21.35
C TRP D 105 -54.40 40.82 -20.37
N PRO D 106 -54.99 39.68 -20.69
CA PRO D 106 -55.07 38.59 -19.72
C PRO D 106 -53.71 37.91 -19.49
N ASP D 107 -53.53 37.42 -18.25
CA ASP D 107 -52.31 36.70 -17.88
C ASP D 107 -52.17 35.38 -18.62
N SER D 108 -53.26 34.86 -19.15
CA SER D 108 -53.21 33.68 -20.00
C SER D 108 -52.48 33.96 -21.31
N LEU D 109 -52.31 35.23 -21.69
CA LEU D 109 -51.60 35.58 -22.90
C LEU D 109 -50.27 36.26 -22.60
N ASP D 110 -49.63 35.83 -21.51
CA ASP D 110 -48.29 36.27 -21.16
C ASP D 110 -47.33 35.99 -22.31
N CYS D 111 -46.86 37.04 -22.98
CA CYS D 111 -46.07 36.87 -24.20
C CYS D 111 -44.74 36.18 -23.93
N ARG D 112 -44.20 36.33 -22.72
CA ARG D 112 -42.91 35.69 -22.43
C ARG D 112 -42.95 34.17 -22.63
N LYS D 113 -44.16 33.57 -22.68
CA LYS D 113 -44.28 32.13 -22.84
C LYS D 113 -43.98 31.65 -24.26
N LEU D 114 -44.01 32.54 -25.26
CA LEU D 114 -43.92 32.08 -26.62
C LEU D 114 -42.48 32.05 -27.11
N PRO D 115 -42.14 31.11 -28.00
CA PRO D 115 -40.82 31.14 -28.64
C PRO D 115 -40.72 32.30 -29.62
N ASN D 116 -39.49 32.67 -29.98
CA ASN D 116 -39.31 33.54 -31.14
C ASN D 116 -38.67 32.72 -32.27
N LYS D 117 -38.46 33.39 -33.41
CA LYS D 117 -37.96 32.70 -34.57
C LYS D 117 -36.55 32.14 -34.30
N ASN D 118 -36.17 31.15 -35.10
CA ASN D 118 -34.85 30.53 -35.05
C ASN D 118 -34.63 29.68 -33.80
N ASP D 119 -35.71 29.21 -33.18
CA ASP D 119 -35.64 28.12 -32.21
C ASP D 119 -35.95 26.82 -32.94
N PRO D 120 -35.00 25.88 -33.07
CA PRO D 120 -35.26 24.67 -33.87
C PRO D 120 -36.25 23.70 -33.24
N ASN D 121 -36.44 23.74 -31.91
CA ASN D 121 -37.36 22.85 -31.21
C ASN D 121 -38.76 23.40 -31.08
N TYR D 122 -38.94 24.72 -31.10
CA TYR D 122 -40.29 25.29 -31.12
C TYR D 122 -40.34 26.30 -32.26
N LEU D 123 -40.97 25.87 -33.35
CA LEU D 123 -41.29 26.75 -34.45
C LEU D 123 -42.40 27.71 -34.04
N CYS D 124 -42.41 28.89 -34.67
CA CYS D 124 -43.52 29.79 -34.46
C CYS D 124 -43.85 30.42 -35.80
N MET D 125 -45.05 30.99 -35.89
CA MET D 125 -45.57 31.68 -37.08
C MET D 125 -45.43 33.19 -36.93
N GLU D 126 -45.14 33.86 -38.02
CA GLU D 126 -45.36 35.30 -38.11
C GLU D 126 -46.51 35.54 -39.09
N ALA D 127 -47.02 36.78 -39.12
CA ALA D 127 -48.27 36.97 -39.85
C ALA D 127 -48.07 36.99 -41.36
N PRO D 128 -49.07 36.51 -42.12
CA PRO D 128 -49.05 36.59 -43.58
C PRO D 128 -49.15 38.01 -44.08
N GLU E 1 -24.60 38.22 -26.26
CA GLU E 1 -25.53 39.25 -26.73
C GLU E 1 -26.05 40.16 -25.59
N LEU E 2 -26.46 39.55 -24.47
CA LEU E 2 -26.77 40.35 -23.29
C LEU E 2 -25.44 40.87 -22.71
N THR E 3 -25.30 42.20 -22.58
CA THR E 3 -24.02 42.77 -22.19
C THR E 3 -24.20 43.65 -20.98
N GLN E 4 -23.33 43.45 -19.99
CA GLN E 4 -23.15 44.20 -18.77
C GLN E 4 -21.68 44.63 -18.70
N PRO E 5 -21.41 45.79 -18.13
CA PRO E 5 -20.04 46.14 -17.81
C PRO E 5 -19.44 45.10 -16.88
N PRO E 6 -18.21 44.69 -17.16
CA PRO E 6 -17.57 43.70 -16.27
C PRO E 6 -17.40 44.21 -14.85
N SER E 7 -17.23 45.51 -14.65
CA SER E 7 -17.05 46.01 -13.29
C SER E 7 -17.52 47.47 -13.16
N VAL E 8 -17.96 47.79 -11.95
CA VAL E 8 -18.34 49.14 -11.57
C VAL E 8 -17.78 49.33 -10.17
N SER E 9 -17.25 50.50 -9.88
CA SER E 9 -16.82 50.81 -8.53
C SER E 9 -17.51 52.08 -8.05
N VAL E 10 -17.84 52.10 -6.76
CA VAL E 10 -18.42 53.25 -6.08
C VAL E 10 -17.80 53.32 -4.69
N SER E 11 -17.94 54.49 -4.07
CA SER E 11 -17.65 54.61 -2.65
C SER E 11 -18.97 54.68 -1.88
N PRO E 12 -18.94 54.39 -0.56
CA PRO E 12 -20.19 54.25 0.19
C PRO E 12 -21.04 55.50 0.09
N GLY E 13 -22.36 55.30 0.01
CA GLY E 13 -23.31 56.39 -0.08
C GLY E 13 -23.51 56.94 -1.47
N GLN E 14 -22.70 56.54 -2.44
CA GLN E 14 -22.91 56.98 -3.80
C GLN E 14 -24.01 56.14 -4.43
N THR E 15 -24.46 56.56 -5.59
CA THR E 15 -25.43 55.80 -6.35
C THR E 15 -24.71 54.95 -7.39
N ALA E 16 -24.96 53.65 -7.37
CA ALA E 16 -24.37 52.77 -8.37
C ALA E 16 -25.41 52.45 -9.41
N ARG E 17 -24.98 52.39 -10.66
CA ARG E 17 -25.82 52.05 -11.79
C ARG E 17 -25.16 50.92 -12.56
N ILE E 18 -25.89 49.84 -12.76
CA ILE E 18 -25.43 48.67 -13.50
C ILE E 18 -26.45 48.43 -14.61
N THR E 19 -26.00 48.42 -15.85
CA THR E 19 -26.90 48.31 -16.99
C THR E 19 -26.76 46.94 -17.65
N CYS E 20 -27.86 46.48 -18.20
CA CYS E 20 -27.89 45.28 -19.04
C CYS E 20 -28.53 45.67 -20.38
N SER E 21 -27.78 45.44 -21.47
CA SER E 21 -28.20 45.82 -22.81
C SER E 21 -28.54 44.58 -23.62
N GLY E 22 -29.68 44.62 -24.29
CA GLY E 22 -30.12 43.58 -25.20
C GLY E 22 -30.04 44.01 -26.65
N ASP E 23 -30.75 43.28 -27.50
CA ASP E 23 -30.77 43.49 -28.96
C ASP E 23 -31.71 44.65 -29.30
N GLY E 24 -31.15 45.84 -29.55
CA GLY E 24 -32.00 46.99 -29.86
C GLY E 24 -32.81 46.85 -31.12
N SER E 25 -32.33 46.09 -32.10
CA SER E 25 -33.02 45.96 -33.37
C SER E 25 -34.31 45.14 -33.25
N TYR E 26 -34.49 44.43 -32.14
CA TYR E 26 -35.70 43.66 -31.88
C TYR E 26 -36.91 44.57 -31.84
N ALA E 27 -38.00 44.13 -32.45
CA ALA E 27 -39.21 44.93 -32.62
C ALA E 27 -40.26 44.67 -31.55
N GLY E 28 -39.97 43.87 -30.54
CA GLY E 28 -40.91 43.59 -29.47
C GLY E 28 -40.57 44.21 -28.13
N SER E 29 -40.81 43.48 -27.04
CA SER E 29 -40.62 43.97 -25.68
C SER E 29 -39.42 43.31 -25.02
N TYR E 30 -39.03 43.84 -23.87
CA TYR E 30 -37.88 43.33 -23.14
C TYR E 30 -38.28 43.07 -21.67
N TYR E 31 -37.65 42.06 -21.06
CA TYR E 31 -37.91 41.71 -19.66
C TYR E 31 -36.58 41.34 -18.99
N TYR E 32 -36.33 41.91 -17.80
CA TYR E 32 -35.07 41.70 -17.10
C TYR E 32 -35.32 41.41 -15.61
N GLY E 33 -34.48 40.55 -15.04
CA GLY E 33 -34.40 40.42 -13.60
C GLY E 33 -32.97 40.67 -13.17
N TRP E 34 -32.73 40.99 -11.91
CA TRP E 34 -31.37 41.24 -11.42
C TRP E 34 -31.12 40.34 -10.23
N TYR E 35 -29.95 39.71 -10.25
CA TYR E 35 -29.56 38.68 -9.30
C TYR E 35 -28.20 39.04 -8.73
N GLN E 36 -28.15 39.15 -7.41
CA GLN E 36 -26.93 39.50 -6.72
C GLN E 36 -26.31 38.24 -6.16
N GLN E 37 -25.00 38.16 -6.18
CA GLN E 37 -24.32 36.98 -5.68
C GLN E 37 -23.05 37.37 -4.93
N LYS E 38 -22.97 36.93 -3.69
CA LYS E 38 -21.79 37.10 -2.88
C LYS E 38 -20.93 35.84 -2.98
N PRO E 39 -19.60 35.97 -2.82
CA PRO E 39 -18.72 34.80 -3.02
C PRO E 39 -19.08 33.63 -2.13
N GLY E 40 -19.23 32.47 -2.75
CA GLY E 40 -19.56 31.29 -1.98
C GLY E 40 -21.02 31.17 -1.59
N GLN E 41 -21.89 32.04 -2.09
CA GLN E 41 -23.32 31.97 -1.80
C GLN E 41 -24.13 31.76 -3.07
N ALA E 42 -25.40 31.44 -2.88
CA ALA E 42 -26.33 31.36 -4.01
C ALA E 42 -26.85 32.74 -4.41
N PRO E 43 -27.32 32.88 -5.65
CA PRO E 43 -27.94 34.15 -6.07
C PRO E 43 -29.14 34.49 -5.21
N VAL E 44 -29.42 35.80 -5.16
CA VAL E 44 -30.57 36.36 -4.46
C VAL E 44 -31.23 37.35 -5.40
N THR E 45 -32.54 37.23 -5.57
CA THR E 45 -33.23 38.08 -6.52
C THR E 45 -33.49 39.48 -5.96
N LEU E 46 -33.00 40.50 -6.67
CA LEU E 46 -33.25 41.89 -6.27
C LEU E 46 -34.41 42.51 -7.03
N ILE E 47 -34.45 42.28 -8.34
CA ILE E 47 -35.49 42.86 -9.18
C ILE E 47 -35.98 41.77 -10.09
N TYR E 48 -37.29 41.74 -10.32
CA TYR E 48 -37.86 40.87 -11.33
C TYR E 48 -38.82 41.68 -12.20
N TYR E 49 -39.07 41.17 -13.42
CA TYR E 49 -40.01 41.79 -14.37
C TYR E 49 -39.71 43.28 -14.55
N ASN E 50 -38.45 43.60 -14.81
CA ASN E 50 -37.94 44.95 -15.08
C ASN E 50 -37.90 45.89 -13.87
N ASN E 51 -38.94 45.93 -13.00
CA ASN E 51 -38.94 46.94 -11.93
C ASN E 51 -39.68 46.57 -10.65
N LYS E 52 -39.98 45.29 -10.41
CA LYS E 52 -40.65 44.82 -9.22
C LYS E 52 -39.62 44.33 -8.23
N ARG E 53 -39.83 44.64 -6.95
CA ARG E 53 -38.87 44.32 -5.90
C ARG E 53 -39.50 43.36 -4.89
N PRO E 54 -38.93 42.19 -4.68
CA PRO E 54 -39.47 41.28 -3.66
C PRO E 54 -39.39 41.91 -2.27
N SER E 55 -40.33 41.55 -1.39
CA SER E 55 -40.20 41.95 0.01
C SER E 55 -38.89 41.42 0.58
N GLY E 56 -38.33 42.19 1.50
CA GLY E 56 -37.04 41.84 2.06
C GLY E 56 -35.85 42.41 1.32
N ILE E 57 -36.03 42.79 0.07
CA ILE E 57 -34.96 43.50 -0.63
C ILE E 57 -35.04 44.98 -0.26
N PRO E 58 -33.94 45.59 0.17
CA PRO E 58 -33.97 47.00 0.60
C PRO E 58 -34.44 47.92 -0.52
N GLU E 59 -35.17 48.98 -0.13
CA GLU E 59 -35.72 49.90 -1.12
C GLU E 59 -34.65 50.63 -1.93
N ARG E 60 -33.40 50.62 -1.50
CA ARG E 60 -32.37 51.37 -2.22
C ARG E 60 -32.02 50.74 -3.56
N PHE E 61 -32.48 49.52 -3.82
CA PHE E 61 -32.35 48.81 -5.08
C PHE E 61 -33.57 49.08 -5.94
N SER E 62 -33.34 49.47 -7.21
CA SER E 62 -34.46 49.58 -8.14
C SER E 62 -34.01 49.30 -9.57
N GLY E 63 -34.97 48.90 -10.39
CA GLY E 63 -34.69 48.65 -11.79
C GLY E 63 -35.66 49.43 -12.65
N SER E 64 -35.23 49.72 -13.88
CA SER E 64 -36.14 50.35 -14.81
C SER E 64 -35.67 50.02 -16.21
N LEU E 65 -36.65 49.73 -17.05
CA LEU E 65 -36.41 49.42 -18.45
C LEU E 65 -36.45 50.70 -19.27
N SER E 66 -35.40 50.93 -20.06
CA SER E 66 -35.40 52.01 -21.05
C SER E 66 -34.94 51.47 -22.39
N GLY E 67 -35.84 51.45 -23.36
CA GLY E 67 -35.53 50.87 -24.65
C GLY E 67 -35.23 49.41 -24.48
N SER E 68 -34.05 48.98 -24.95
CA SER E 68 -33.63 47.61 -24.75
C SER E 68 -32.71 47.45 -23.52
N THR E 69 -32.66 48.46 -22.65
CA THR E 69 -31.68 48.48 -21.58
C THR E 69 -32.43 48.49 -20.25
N ASN E 70 -31.98 47.65 -19.32
CA ASN E 70 -32.46 47.74 -17.95
C ASN E 70 -31.31 48.22 -17.06
N THR E 71 -31.59 49.20 -16.24
CA THR E 71 -30.60 49.75 -15.33
C THR E 71 -31.02 49.35 -13.93
N LEU E 72 -30.12 48.66 -13.22
CA LEU E 72 -30.27 48.45 -11.79
C LEU E 72 -29.58 49.61 -11.08
N THR E 73 -30.33 50.36 -10.29
CA THR E 73 -29.78 51.48 -9.54
C THR E 73 -29.76 51.12 -8.06
N ILE E 74 -28.58 51.25 -7.43
CA ILE E 74 -28.41 51.11 -6.00
C ILE E 74 -28.07 52.49 -5.46
N SER E 75 -29.04 53.14 -4.82
CA SER E 75 -28.82 54.47 -4.27
C SER E 75 -28.34 54.34 -2.83
N GLY E 76 -27.34 55.14 -2.47
CA GLY E 76 -26.73 55.02 -1.16
C GLY E 76 -26.04 53.69 -0.91
N VAL E 77 -25.05 53.36 -1.74
CA VAL E 77 -24.44 52.04 -1.72
C VAL E 77 -23.85 51.74 -0.34
N GLN E 78 -24.03 50.49 0.14
CA GLN E 78 -23.46 50.01 1.40
C GLN E 78 -22.34 49.00 1.15
N ALA E 79 -21.47 48.84 2.15
CA ALA E 79 -20.40 47.85 2.04
C ALA E 79 -20.94 46.47 1.74
N GLU E 80 -22.11 46.15 2.30
CA GLU E 80 -22.79 44.87 2.10
C GLU E 80 -23.32 44.68 0.69
N ASP E 81 -23.30 45.71 -0.15
CA ASP E 81 -23.70 45.57 -1.54
C ASP E 81 -22.58 45.16 -2.47
N GLU E 82 -21.37 45.03 -1.96
CA GLU E 82 -20.27 44.53 -2.75
C GLU E 82 -20.55 43.08 -3.12
N ALA E 83 -20.67 42.78 -4.40
CA ALA E 83 -21.12 41.47 -4.86
C ALA E 83 -21.05 41.46 -6.39
N ASP E 84 -21.38 40.31 -6.97
CA ASP E 84 -21.59 40.24 -8.41
C ASP E 84 -23.08 40.39 -8.75
N TYR E 85 -23.35 41.08 -9.84
CA TYR E 85 -24.71 41.31 -10.27
C TYR E 85 -24.89 40.75 -11.67
N TYR E 86 -25.92 39.93 -11.83
CA TYR E 86 -26.27 39.30 -13.10
C TYR E 86 -27.66 39.77 -13.46
N CYS E 87 -27.83 40.28 -14.67
CA CYS E 87 -29.15 40.45 -15.22
C CYS E 87 -29.59 39.14 -15.83
N GLY E 88 -30.90 38.91 -15.76
CA GLY E 88 -31.60 37.74 -16.30
C GLY E 88 -32.61 38.18 -17.31
N SER E 89 -32.62 37.57 -18.48
CA SER E 89 -33.48 37.98 -19.61
C SER E 89 -33.55 36.88 -20.65
N ALA E 90 -33.64 37.26 -21.90
CA ALA E 90 -33.58 36.28 -23.00
C ALA E 90 -32.80 36.89 -24.15
N ASP E 91 -31.96 36.11 -24.80
CA ASP E 91 -31.24 36.57 -26.01
C ASP E 91 -31.96 36.00 -27.24
N ASN E 92 -31.31 35.95 -28.40
CA ASN E 92 -32.00 35.47 -29.61
C ASN E 92 -32.14 33.94 -29.62
N SER E 93 -31.35 33.25 -28.80
CA SER E 93 -31.40 31.79 -28.61
C SER E 93 -32.27 31.37 -27.41
N GLY E 94 -32.76 32.28 -26.59
CA GLY E 94 -33.60 31.83 -25.47
C GLY E 94 -33.26 32.52 -24.17
N ALA E 95 -33.68 31.95 -23.05
CA ALA E 95 -33.42 32.54 -21.72
C ALA E 95 -31.91 32.66 -21.49
N ALA E 96 -31.48 33.78 -20.93
CA ALA E 96 -30.03 33.95 -20.76
C ALA E 96 -29.70 34.92 -19.62
N PHE E 97 -28.47 34.81 -19.14
CA PHE E 97 -27.95 35.76 -18.17
C PHE E 97 -26.92 36.68 -18.80
N GLY E 98 -26.81 37.87 -18.26
CA GLY E 98 -25.66 38.69 -18.60
C GLY E 98 -24.36 38.09 -18.08
N GLY E 99 -23.24 38.66 -18.53
CA GLY E 99 -21.95 38.14 -18.11
C GLY E 99 -21.55 38.48 -16.68
N GLY E 100 -22.32 39.30 -15.98
CA GLY E 100 -21.97 39.63 -14.61
C GLY E 100 -21.29 40.98 -14.48
N THR E 101 -21.64 41.70 -13.43
CA THR E 101 -20.94 42.93 -13.06
C THR E 101 -20.44 42.78 -11.64
N LYS E 102 -19.14 42.96 -11.48
CA LYS E 102 -18.53 42.96 -10.14
C LYS E 102 -18.58 44.40 -9.66
N LEU E 103 -19.26 44.62 -8.55
CA LEU E 103 -19.42 45.93 -7.93
C LEU E 103 -18.42 46.01 -6.79
N THR E 104 -17.47 46.94 -6.90
CA THR E 104 -16.46 47.17 -5.87
C THR E 104 -16.87 48.38 -5.08
N VAL E 105 -16.87 48.25 -3.76
CA VAL E 105 -17.20 49.36 -2.89
C VAL E 105 -15.90 49.85 -2.24
N LEU E 106 -15.50 51.07 -2.59
CA LEU E 106 -14.25 51.67 -2.13
C LEU E 106 -14.42 52.17 -0.72
N GLY E 107 -13.28 52.40 -0.06
CA GLY E 107 -13.28 53.06 1.23
C GLY E 107 -13.82 52.24 2.38
N GLN E 108 -13.77 50.92 2.30
CA GLN E 108 -14.20 50.15 3.43
C GLN E 108 -13.12 50.20 4.52
N PRO E 109 -13.51 50.13 5.79
CA PRO E 109 -12.55 50.38 6.86
C PRO E 109 -11.47 49.30 6.89
N LYS E 110 -10.23 49.73 7.13
CA LYS E 110 -9.15 48.77 7.27
C LYS E 110 -9.31 47.97 8.55
N ALA E 111 -8.91 46.69 8.48
CA ALA E 111 -8.99 45.78 9.63
C ALA E 111 -7.80 44.84 9.62
N ALA E 112 -7.15 44.71 10.78
CA ALA E 112 -5.98 43.85 10.93
C ALA E 112 -6.41 42.39 11.02
N PRO E 113 -5.56 41.47 10.58
CA PRO E 113 -5.91 40.05 10.65
C PRO E 113 -5.78 39.52 12.06
N SER E 114 -6.67 38.58 12.44
CA SER E 114 -6.39 37.77 13.63
C SER E 114 -5.83 36.43 13.14
N VAL E 115 -4.80 35.97 13.81
CA VAL E 115 -4.04 34.81 13.39
C VAL E 115 -4.11 33.75 14.48
N THR E 116 -4.46 32.52 14.10
CA THR E 116 -4.40 31.38 14.98
C THR E 116 -3.49 30.33 14.35
N LEU E 117 -2.56 29.78 15.14
CA LEU E 117 -1.64 28.77 14.62
C LEU E 117 -1.76 27.47 15.41
N PHE E 118 -2.06 26.37 14.70
CA PHE E 118 -2.09 25.06 15.39
C PHE E 118 -0.85 24.24 15.06
N PRO E 119 -0.25 23.60 16.04
CA PRO E 119 0.88 22.70 15.77
C PRO E 119 0.38 21.36 15.26
N PRO E 120 1.26 20.46 14.85
CA PRO E 120 0.79 19.12 14.47
C PRO E 120 0.13 18.39 15.63
N SER E 121 -0.92 17.64 15.32
CA SER E 121 -1.60 16.85 16.32
C SER E 121 -0.75 15.62 16.71
N SER E 122 -1.00 15.11 17.92
CA SER E 122 -0.43 13.82 18.30
C SER E 122 -0.81 12.75 17.30
N GLU E 123 -2.08 12.71 16.88
CA GLU E 123 -2.51 11.68 15.96
C GLU E 123 -1.80 11.77 14.61
N GLU E 124 -1.62 12.99 14.08
CA GLU E 124 -0.92 13.09 12.80
C GLU E 124 0.54 12.67 12.94
N LEU E 125 1.19 13.07 14.04
CA LEU E 125 2.57 12.63 14.23
C LEU E 125 2.65 11.11 14.29
N GLN E 126 1.74 10.45 15.02
CA GLN E 126 1.76 8.99 15.05
C GLN E 126 1.51 8.41 13.67
N ALA E 127 0.74 9.10 12.84
CA ALA E 127 0.56 8.65 11.48
C ALA E 127 1.74 9.10 10.57
N ASN E 128 2.84 9.54 11.16
CA ASN E 128 4.04 9.99 10.43
C ASN E 128 3.75 11.17 9.51
N LYS E 129 2.90 12.09 9.94
CA LYS E 129 2.75 13.35 9.23
C LYS E 129 2.78 14.48 10.22
N ALA E 130 3.01 15.69 9.69
CA ALA E 130 3.03 16.92 10.48
C ALA E 130 2.60 18.06 9.58
N THR E 131 1.59 18.82 10.01
CA THR E 131 1.09 19.98 9.29
C THR E 131 0.94 21.11 10.29
N LEU E 132 1.50 22.27 9.98
CA LEU E 132 1.23 23.47 10.74
C LEU E 132 0.13 24.22 10.01
N VAL E 133 -0.84 24.72 10.77
CA VAL E 133 -2.07 25.31 10.23
C VAL E 133 -2.19 26.73 10.77
N CYS E 134 -2.08 27.71 9.87
CA CYS E 134 -2.14 29.12 10.20
C CYS E 134 -3.43 29.70 9.61
N LEU E 135 -4.37 30.07 10.46
CA LEU E 135 -5.68 30.52 10.02
C LEU E 135 -5.77 32.02 10.27
N ILE E 136 -6.20 32.76 9.24
CA ILE E 136 -6.10 34.22 9.17
C ILE E 136 -7.51 34.77 8.96
N SER E 137 -7.98 35.58 9.90
CA SER E 137 -9.38 36.03 9.90
C SER E 137 -9.49 37.55 10.03
N ASP E 138 -10.63 38.04 9.52
CA ASP E 138 -11.15 39.38 9.81
C ASP E 138 -10.22 40.48 9.36
N PHE E 139 -9.62 40.34 8.18
CA PHE E 139 -8.78 41.43 7.70
C PHE E 139 -9.42 42.08 6.49
N TYR E 140 -9.08 43.37 6.30
CA TYR E 140 -9.53 44.17 5.15
C TYR E 140 -8.48 45.24 4.82
N PRO E 141 -8.12 45.42 3.55
CA PRO E 141 -8.56 44.73 2.32
C PRO E 141 -7.95 43.35 2.16
N GLY E 142 -8.13 42.71 1.01
CA GLY E 142 -7.84 41.27 0.88
C GLY E 142 -6.35 40.88 0.84
N ALA E 143 -5.46 41.79 0.49
CA ALA E 143 -4.07 41.40 0.26
C ALA E 143 -3.31 41.11 1.56
N VAL E 144 -2.77 39.89 1.68
CA VAL E 144 -1.85 39.54 2.74
C VAL E 144 -0.71 38.75 2.11
N THR E 145 0.42 38.75 2.79
CA THR E 145 1.54 37.88 2.47
C THR E 145 1.89 37.10 3.72
N VAL E 146 2.07 35.79 3.54
CA VAL E 146 2.37 34.87 4.64
C VAL E 146 3.77 34.35 4.45
N ALA E 147 4.57 34.44 5.48
CA ALA E 147 5.92 33.89 5.48
C ALA E 147 6.08 33.02 6.71
N TRP E 148 6.71 31.87 6.53
CA TRP E 148 6.97 30.95 7.62
C TRP E 148 8.45 30.98 7.99
N LYS E 149 8.75 30.77 9.27
CA LYS E 149 10.11 30.71 9.76
C LYS E 149 10.34 29.35 10.42
N ALA E 150 11.49 28.73 10.14
CA ALA E 150 11.98 27.62 10.97
C ALA E 150 13.05 28.19 11.90
N ASP E 151 12.80 28.14 13.20
CA ASP E 151 13.53 28.98 14.14
C ASP E 151 13.36 30.42 13.66
N SER E 152 14.43 31.01 13.10
CA SER E 152 14.37 32.35 12.55
C SER E 152 14.64 32.39 11.04
N SER E 153 14.76 31.24 10.38
CA SER E 153 15.14 31.19 8.98
C SER E 153 13.90 31.05 8.10
N PRO E 154 13.89 31.69 6.93
CA PRO E 154 12.70 31.61 6.08
C PRO E 154 12.49 30.17 5.59
N VAL E 155 11.24 29.72 5.53
CA VAL E 155 10.98 28.37 5.05
C VAL E 155 10.75 28.43 3.56
N LYS E 156 11.49 27.61 2.84
CA LYS E 156 11.60 27.66 1.39
C LYS E 156 10.74 26.64 0.66
N ALA E 157 9.89 25.89 1.37
CA ALA E 157 9.27 24.73 0.75
C ALA E 157 8.17 24.20 1.64
N GLY E 158 7.16 23.59 1.03
CA GLY E 158 6.09 22.94 1.77
C GLY E 158 4.94 23.82 2.21
N VAL E 159 4.89 25.08 1.75
CA VAL E 159 3.87 26.05 2.07
C VAL E 159 2.82 26.06 0.96
N GLU E 160 1.55 25.94 1.34
CA GLU E 160 0.41 26.11 0.45
C GLU E 160 -0.51 27.12 1.11
N THR E 161 -0.86 28.18 0.39
CA THR E 161 -1.57 29.33 0.95
C THR E 161 -2.76 29.68 0.07
N THR E 162 -3.93 29.90 0.67
CA THR E 162 -5.12 30.18 -0.15
C THR E 162 -5.12 31.63 -0.64
N THR E 163 -5.86 31.88 -1.71
CA THR E 163 -6.22 33.25 -2.01
C THR E 163 -7.30 33.69 -1.03
N PRO E 164 -7.20 34.91 -0.52
CA PRO E 164 -8.20 35.39 0.45
C PRO E 164 -9.61 35.42 -0.13
N SER E 165 -10.58 35.05 0.70
CA SER E 165 -11.99 35.04 0.36
C SER E 165 -12.76 35.81 1.42
N LYS E 166 -13.94 36.31 1.02
CA LYS E 166 -14.71 37.13 1.95
C LYS E 166 -15.54 36.26 2.90
N GLN E 167 -15.52 36.64 4.18
CA GLN E 167 -16.35 36.06 5.22
C GLN E 167 -17.74 36.70 5.22
N SER E 168 -18.58 36.24 6.15
CA SER E 168 -19.95 36.74 6.23
C SER E 168 -20.00 38.15 6.76
N ASN E 169 -19.04 38.54 7.60
CA ASN E 169 -18.97 39.93 8.01
C ASN E 169 -18.25 40.80 6.99
N ASN E 170 -17.99 40.27 5.79
CA ASN E 170 -17.43 41.00 4.66
C ASN E 170 -15.99 41.47 4.88
N LYS E 171 -15.29 40.87 5.84
CA LYS E 171 -13.84 40.94 5.85
C LYS E 171 -13.32 39.64 5.24
N TYR E 172 -12.01 39.54 5.05
CA TYR E 172 -11.43 38.40 4.35
C TYR E 172 -10.88 37.32 5.28
N ALA E 173 -10.77 36.11 4.75
CA ALA E 173 -10.08 35.02 5.43
C ALA E 173 -9.10 34.34 4.50
N ALA E 174 -8.10 33.70 5.11
CA ALA E 174 -7.07 32.96 4.38
C ALA E 174 -6.50 31.85 5.27
N SER E 175 -5.91 30.83 4.64
CA SER E 175 -5.25 29.73 5.32
C SER E 175 -3.91 29.45 4.66
N SER E 176 -2.92 29.16 5.49
CA SER E 176 -1.63 28.71 5.02
C SER E 176 -1.27 27.43 5.77
N TYR E 177 -0.82 26.44 5.02
CA TYR E 177 -0.47 25.12 5.56
C TYR E 177 0.99 24.86 5.26
N LEU E 178 1.76 24.53 6.29
CA LEU E 178 3.15 24.13 6.13
C LEU E 178 3.24 22.63 6.42
N SER E 179 3.56 21.86 5.38
CA SER E 179 3.67 20.43 5.52
C SER E 179 5.11 20.02 5.84
N LEU E 180 5.30 19.30 6.93
CA LEU E 180 6.61 18.87 7.35
C LEU E 180 6.57 17.38 7.62
N THR E 181 7.74 16.87 7.91
CA THR E 181 7.85 15.52 8.47
C THR E 181 7.94 15.71 9.99
N PRO E 182 7.66 14.69 10.81
CA PRO E 182 7.84 14.82 12.25
C PRO E 182 9.29 15.16 12.62
N GLU E 183 10.24 14.56 11.92
CA GLU E 183 11.68 14.79 12.15
C GLU E 183 12.00 16.27 11.93
N GLN E 184 11.44 16.87 10.90
CA GLN E 184 11.70 18.31 10.70
C GLN E 184 11.00 19.07 11.83
N TRP E 185 9.81 18.65 12.22
CA TRP E 185 9.08 19.36 13.29
C TRP E 185 9.80 19.28 14.64
N LYS E 186 10.32 18.12 15.02
CA LYS E 186 10.94 17.96 16.35
C LYS E 186 12.37 18.49 16.39
N SER E 187 12.98 18.66 15.23
CA SER E 187 14.41 19.01 15.12
C SER E 187 14.64 20.52 15.22
N HIS E 188 13.60 21.32 15.07
CA HIS E 188 13.76 22.79 15.10
C HIS E 188 13.35 23.34 16.47
N ARG E 189 13.76 24.55 16.80
CA ARG E 189 13.40 25.16 18.10
C ARG E 189 11.91 25.49 18.10
N SER E 190 11.42 26.01 16.98
CA SER E 190 10.03 26.40 16.83
C SER E 190 9.80 26.68 15.35
N TYR E 191 8.54 26.87 15.00
CA TYR E 191 8.14 27.40 13.70
C TYR E 191 7.22 28.58 13.94
N SER E 192 7.22 29.52 12.99
CA SER E 192 6.43 30.74 13.08
C SER E 192 5.65 30.95 11.79
N CYS E 193 4.45 31.48 11.93
CA CYS E 193 3.65 31.98 10.83
C CYS E 193 3.63 33.50 10.92
N GLN E 194 4.11 34.19 9.88
CA GLN E 194 4.16 35.65 9.87
C GLN E 194 3.24 36.23 8.79
N VAL E 195 2.24 37.00 9.22
CA VAL E 195 1.22 37.57 8.34
C VAL E 195 1.46 39.07 8.19
N THR E 196 1.75 39.51 6.98
CA THR E 196 1.99 40.92 6.72
C THR E 196 0.77 41.45 5.98
N HIS E 197 0.19 42.53 6.50
CA HIS E 197 -1.04 43.11 5.97
C HIS E 197 -0.92 44.63 6.05
N GLU E 198 -0.91 45.32 4.91
CA GLU E 198 -0.77 46.77 4.91
C GLU E 198 0.46 47.19 5.72
N GLY E 199 1.59 46.52 5.44
CA GLY E 199 2.88 46.82 6.02
C GLY E 199 3.08 46.45 7.48
N SER E 200 2.07 45.90 8.15
CA SER E 200 2.21 45.51 9.53
C SER E 200 2.16 43.99 9.65
N THR E 201 2.94 43.46 10.56
CA THR E 201 3.11 42.03 10.67
C THR E 201 2.55 41.51 11.97
N VAL E 202 1.80 40.41 11.85
CA VAL E 202 1.28 39.64 12.98
C VAL E 202 1.91 38.26 12.89
N GLU E 203 2.46 37.78 14.01
CA GLU E 203 3.24 36.55 14.03
C GLU E 203 2.78 35.63 15.15
N LYS E 204 2.74 34.33 14.87
CA LYS E 204 2.54 33.32 15.90
C LYS E 204 3.65 32.28 15.81
N THR E 205 3.97 31.70 16.96
CA THR E 205 5.04 30.72 17.05
C THR E 205 4.54 29.53 17.83
N VAL E 206 4.88 28.33 17.34
CA VAL E 206 4.61 27.09 18.05
C VAL E 206 5.89 26.27 18.07
N ALA E 207 5.96 25.37 19.04
CA ALA E 207 7.15 24.57 19.29
C ALA E 207 6.74 23.18 19.67
N PRO E 208 7.57 22.18 19.43
CA PRO E 208 7.25 20.80 19.80
C PRO E 208 6.98 20.66 21.29
N THR E 209 6.06 19.74 21.59
CA THR E 209 5.82 19.25 22.94
C THR E 209 5.23 17.83 22.89
N GLU F 1 -41.69 32.07 1.97
CA GLU F 1 -40.51 31.21 2.10
C GLU F 1 -40.60 29.99 1.23
N VAL F 2 -39.55 29.75 0.43
CA VAL F 2 -39.48 28.61 -0.47
C VAL F 2 -38.16 27.91 -0.25
N GLN F 3 -38.17 26.59 -0.29
CA GLN F 3 -36.95 25.82 -0.20
C GLN F 3 -36.83 24.94 -1.45
N LEU F 4 -35.63 24.96 -2.05
CA LEU F 4 -35.23 24.07 -3.13
C LEU F 4 -33.93 23.42 -2.70
N VAL F 5 -33.88 22.09 -2.65
CA VAL F 5 -32.70 21.36 -2.19
C VAL F 5 -32.23 20.39 -3.28
N GLU F 6 -31.08 20.68 -3.87
CA GLU F 6 -30.54 19.83 -4.92
C GLU F 6 -29.77 18.66 -4.34
N SER F 7 -29.73 17.59 -5.11
CA SER F 7 -28.83 16.49 -4.79
C SER F 7 -28.42 15.82 -6.10
N GLY F 8 -27.42 14.95 -6.00
CA GLY F 8 -26.92 14.25 -7.16
C GLY F 8 -25.58 14.74 -7.62
N GLY F 9 -25.03 15.77 -6.97
CA GLY F 9 -23.68 16.21 -7.29
C GLY F 9 -22.65 15.14 -6.97
N GLY F 10 -21.45 15.34 -7.48
CA GLY F 10 -20.36 14.40 -7.24
C GLY F 10 -19.33 14.49 -8.35
N LEU F 11 -18.52 13.43 -8.43
CA LEU F 11 -17.45 13.30 -9.41
C LEU F 11 -17.87 12.40 -10.55
N VAL F 12 -17.54 12.79 -11.79
CA VAL F 12 -17.87 11.99 -12.97
C VAL F 12 -16.75 12.10 -13.98
N GLN F 13 -16.52 11.01 -14.71
CA GLN F 13 -15.50 11.04 -15.75
C GLN F 13 -16.02 11.74 -17.00
N PRO F 14 -15.13 12.32 -17.80
CA PRO F 14 -15.55 12.80 -19.11
C PRO F 14 -16.28 11.71 -19.89
N GLY F 15 -17.32 12.09 -20.61
CA GLY F 15 -18.15 11.12 -21.31
C GLY F 15 -19.19 10.40 -20.49
N GLY F 16 -19.14 10.53 -19.17
CA GLY F 16 -20.15 9.96 -18.29
C GLY F 16 -21.43 10.76 -18.28
N SER F 17 -22.24 10.50 -17.26
CA SER F 17 -23.59 11.04 -17.16
C SER F 17 -23.82 11.65 -15.78
N LEU F 18 -24.68 12.66 -15.72
CA LEU F 18 -25.02 13.24 -14.42
C LEU F 18 -26.52 13.20 -14.25
N ARG F 19 -26.97 12.91 -13.04
CA ARG F 19 -28.41 12.86 -12.68
C ARG F 19 -28.63 13.72 -11.43
N LEU F 20 -29.41 14.78 -11.58
CA LEU F 20 -29.64 15.75 -10.49
C LEU F 20 -31.12 15.76 -10.15
N SER F 21 -31.44 15.99 -8.89
CA SER F 21 -32.84 16.14 -8.47
C SER F 21 -32.94 17.35 -7.55
N CYS F 22 -34.10 17.95 -7.50
CA CYS F 22 -34.32 19.07 -6.61
C CYS F 22 -35.65 18.85 -5.91
N ALA F 23 -35.61 18.85 -4.57
CA ALA F 23 -36.83 18.75 -3.76
C ALA F 23 -37.29 20.17 -3.47
N ALA F 24 -38.52 20.48 -3.87
CA ALA F 24 -39.06 21.82 -3.72
C ALA F 24 -40.09 21.82 -2.62
N SER F 25 -40.13 22.89 -1.83
CA SER F 25 -41.14 22.98 -0.79
C SER F 25 -41.49 24.44 -0.55
N GLY F 26 -42.71 24.65 -0.01
CA GLY F 26 -43.21 25.96 0.39
C GLY F 26 -44.22 26.59 -0.52
N PHE F 27 -44.40 26.07 -1.73
CA PHE F 27 -45.28 26.68 -2.72
C PHE F 27 -46.02 25.60 -3.50
N THR F 28 -46.99 26.01 -4.29
CA THR F 28 -47.77 25.07 -5.12
C THR F 28 -46.95 24.76 -6.38
N PHE F 29 -46.14 23.69 -6.27
CA PHE F 29 -45.08 23.38 -7.25
C PHE F 29 -45.61 23.32 -8.69
N SER F 30 -46.74 22.68 -8.91
CA SER F 30 -47.11 22.44 -10.29
C SER F 30 -47.60 23.69 -10.98
N SER F 31 -47.63 24.83 -10.32
CA SER F 31 -48.10 26.06 -10.92
C SER F 31 -46.96 26.94 -11.41
N PHE F 32 -45.70 26.49 -11.31
CA PHE F 32 -44.57 27.33 -11.65
C PHE F 32 -43.62 26.63 -12.61
N ASN F 33 -43.06 27.42 -13.53
CA ASN F 33 -41.95 26.96 -14.34
C ASN F 33 -40.72 26.79 -13.46
N MET F 34 -39.88 25.83 -13.80
CA MET F 34 -38.69 25.60 -13.02
C MET F 34 -37.49 25.57 -13.94
N PHE F 35 -36.34 25.98 -13.42
CA PHE F 35 -35.10 26.09 -14.16
C PHE F 35 -33.95 25.37 -13.49
N TRP F 36 -33.01 24.94 -14.32
CA TRP F 36 -31.65 24.65 -13.90
C TRP F 36 -30.73 25.73 -14.44
N VAL F 37 -29.86 26.23 -13.57
CA VAL F 37 -28.87 27.26 -13.85
C VAL F 37 -27.55 26.77 -13.29
N ARG F 38 -26.45 27.00 -14.02
CA ARG F 38 -25.17 26.46 -13.59
C ARG F 38 -24.16 27.60 -13.48
N GLN F 39 -23.06 27.32 -12.78
CA GLN F 39 -22.01 28.32 -12.65
C GLN F 39 -20.67 27.59 -12.55
N ALA F 40 -19.86 27.72 -13.60
CA ALA F 40 -18.54 27.11 -13.55
C ALA F 40 -17.66 27.89 -12.54
N PRO F 41 -16.66 27.24 -11.95
CA PRO F 41 -15.89 27.93 -10.89
C PRO F 41 -15.25 29.19 -11.44
N GLY F 42 -15.46 30.30 -10.74
CA GLY F 42 -14.99 31.61 -11.16
C GLY F 42 -15.66 32.26 -12.36
N LYS F 43 -16.78 31.74 -12.86
CA LYS F 43 -17.45 32.29 -14.03
C LYS F 43 -18.91 32.67 -13.70
N GLY F 44 -19.70 32.96 -14.74
CA GLY F 44 -21.01 33.56 -14.55
C GLY F 44 -22.13 32.54 -14.47
N LEU F 45 -23.34 33.04 -14.19
CA LEU F 45 -24.51 32.17 -14.24
C LEU F 45 -24.80 31.81 -15.69
N GLU F 46 -25.12 30.54 -15.94
CA GLU F 46 -25.49 30.06 -17.28
C GLU F 46 -26.79 29.29 -17.19
N TRP F 47 -27.79 29.70 -17.99
CA TRP F 47 -29.09 29.03 -18.00
C TRP F 47 -28.97 27.66 -18.70
N VAL F 48 -29.39 26.60 -18.03
CA VAL F 48 -29.19 25.25 -18.55
C VAL F 48 -30.44 24.71 -19.23
N ALA F 49 -31.57 24.75 -18.54
CA ALA F 49 -32.79 24.17 -19.08
C ALA F 49 -33.98 24.73 -18.31
N GLY F 50 -35.14 24.61 -18.92
CA GLY F 50 -36.37 25.04 -18.28
C GLY F 50 -37.50 24.11 -18.65
N ILE F 51 -38.52 24.10 -17.79
CA ILE F 51 -39.65 23.22 -18.00
C ILE F 51 -40.88 23.90 -17.40
N ASP F 52 -42.03 23.66 -18.03
CA ASP F 52 -43.27 24.32 -17.65
C ASP F 52 -43.99 23.48 -16.61
N ASP F 53 -45.04 24.10 -16.03
CA ASP F 53 -45.85 23.53 -14.97
C ASP F 53 -46.06 22.05 -15.09
N ASP F 54 -46.64 21.64 -16.21
CA ASP F 54 -47.07 20.28 -16.49
C ASP F 54 -45.97 19.43 -17.05
N GLY F 55 -44.85 20.03 -17.45
CA GLY F 55 -43.73 19.32 -18.01
C GLY F 55 -43.71 19.21 -19.53
N SER F 56 -44.40 20.07 -20.25
CA SER F 56 -44.71 19.81 -21.66
C SER F 56 -43.85 20.54 -22.69
N TYR F 57 -43.09 21.57 -22.30
CA TYR F 57 -42.27 22.31 -23.27
C TYR F 57 -40.86 22.51 -22.76
N PRO F 58 -40.12 21.43 -22.54
CA PRO F 58 -38.73 21.60 -22.06
C PRO F 58 -37.92 22.36 -23.09
N ASN F 59 -37.03 23.24 -22.61
CA ASN F 59 -36.08 23.90 -23.50
C ASN F 59 -34.71 23.98 -22.81
N TYR F 60 -33.68 24.24 -23.62
CA TYR F 60 -32.30 24.00 -23.21
C TYR F 60 -31.39 25.11 -23.71
N GLY F 61 -30.37 25.42 -22.90
CA GLY F 61 -29.31 26.29 -23.37
C GLY F 61 -28.49 25.66 -24.49
N SER F 62 -27.77 26.50 -25.22
CA SER F 62 -27.00 25.99 -26.37
C SER F 62 -26.01 24.91 -25.96
N ALA F 63 -25.34 25.09 -24.81
CA ALA F 63 -24.24 24.21 -24.43
C ALA F 63 -24.69 22.80 -24.13
N VAL F 64 -25.96 22.58 -23.77
CA VAL F 64 -26.43 21.26 -23.35
C VAL F 64 -27.51 20.71 -24.27
N LYS F 65 -27.97 21.47 -25.25
CA LYS F 65 -29.07 21.01 -26.10
C LYS F 65 -28.66 19.71 -26.79
N GLY F 66 -29.53 18.72 -26.76
CA GLY F 66 -29.24 17.44 -27.33
C GLY F 66 -28.58 16.46 -26.39
N ARG F 67 -27.99 16.92 -25.28
CA ARG F 67 -27.35 16.06 -24.29
C ARG F 67 -28.09 16.02 -22.99
N ALA F 68 -29.17 16.77 -22.86
CA ALA F 68 -29.79 17.04 -21.57
C ALA F 68 -31.27 16.73 -21.62
N THR F 69 -31.79 16.30 -20.48
CA THR F 69 -33.21 16.15 -20.30
C THR F 69 -33.61 16.79 -18.98
N ILE F 70 -34.52 17.77 -19.02
CA ILE F 70 -35.14 18.31 -17.82
C ILE F 70 -36.55 17.73 -17.72
N SER F 71 -36.92 17.32 -16.51
CA SER F 71 -38.26 16.78 -16.33
C SER F 71 -38.68 17.11 -14.90
N ARG F 72 -39.93 16.77 -14.58
CA ARG F 72 -40.46 17.00 -13.24
C ARG F 72 -41.50 15.92 -12.94
N ASP F 73 -41.68 15.65 -11.66
CA ASP F 73 -42.74 14.76 -11.17
C ASP F 73 -43.52 15.60 -10.17
N ASN F 74 -44.69 16.08 -10.58
CA ASN F 74 -45.41 17.02 -9.73
C ASN F 74 -45.92 16.38 -8.46
N SER F 75 -46.24 15.09 -8.49
CA SER F 75 -46.74 14.41 -7.30
C SER F 75 -45.69 14.32 -6.21
N LYS F 76 -44.42 14.50 -6.52
CA LYS F 76 -43.34 14.50 -5.54
C LYS F 76 -42.68 15.85 -5.36
N ASN F 77 -43.20 16.92 -5.96
CA ASN F 77 -42.58 18.25 -5.87
C ASN F 77 -41.06 18.19 -6.15
N THR F 78 -40.70 17.48 -7.21
CA THR F 78 -39.29 17.21 -7.51
C THR F 78 -39.01 17.60 -8.97
N LEU F 79 -37.90 18.29 -9.19
CA LEU F 79 -37.41 18.60 -10.53
C LEU F 79 -36.16 17.80 -10.76
N TYR F 80 -35.96 17.33 -12.01
CA TYR F 80 -34.79 16.51 -12.34
C TYR F 80 -34.04 17.07 -13.53
N LEU F 81 -32.74 16.79 -13.55
CA LEU F 81 -31.88 17.04 -14.69
C LEU F 81 -31.04 15.81 -14.97
N GLN F 82 -31.02 15.34 -16.22
CA GLN F 82 -30.04 14.34 -16.65
C GLN F 82 -29.23 14.89 -17.82
N MET F 83 -27.94 14.58 -17.85
CA MET F 83 -27.07 15.07 -18.89
C MET F 83 -26.06 13.97 -19.25
N ASN F 84 -25.82 13.74 -20.54
CA ASN F 84 -24.90 12.75 -21.10
C ASN F 84 -23.67 13.41 -21.72
N SER F 85 -22.69 12.57 -22.07
CA SER F 85 -21.45 13.00 -22.72
C SER F 85 -20.88 14.22 -22.01
N LEU F 86 -20.67 14.05 -20.73
CA LEU F 86 -20.23 15.17 -19.92
C LEU F 86 -18.84 15.63 -20.36
N ARG F 87 -18.70 16.94 -20.46
CA ARG F 87 -17.42 17.55 -20.79
C ARG F 87 -16.78 18.16 -19.56
N ALA F 88 -15.45 18.24 -19.59
CA ALA F 88 -14.71 18.88 -18.50
C ALA F 88 -15.30 20.23 -18.14
N GLU F 89 -15.72 21.00 -19.15
CA GLU F 89 -16.32 22.31 -18.95
C GLU F 89 -17.77 22.26 -18.42
N ASP F 90 -18.35 21.08 -18.20
CA ASP F 90 -19.62 20.99 -17.48
C ASP F 90 -19.45 21.02 -15.96
N THR F 91 -18.21 20.96 -15.46
CA THR F 91 -17.91 21.18 -14.04
C THR F 91 -18.53 22.48 -13.60
N ALA F 92 -19.40 22.40 -12.60
CA ALA F 92 -20.11 23.60 -12.18
C ALA F 92 -20.96 23.26 -10.98
N VAL F 93 -21.33 24.31 -10.25
CA VAL F 93 -22.44 24.24 -9.31
C VAL F 93 -23.72 24.32 -10.13
N TYR F 94 -24.61 23.36 -9.90
CA TYR F 94 -25.89 23.33 -10.58
C TYR F 94 -26.97 23.77 -9.60
N TYR F 95 -27.70 24.82 -9.97
CA TYR F 95 -28.73 25.42 -9.13
C TYR F 95 -30.10 25.05 -9.66
N CYS F 96 -30.95 24.59 -8.78
CA CYS F 96 -32.37 24.53 -9.03
C CYS F 96 -32.94 25.93 -8.81
N ALA F 97 -33.83 26.37 -9.70
CA ALA F 97 -34.33 27.74 -9.62
C ALA F 97 -35.82 27.75 -9.95
N LYS F 98 -36.60 28.48 -9.14
CA LYS F 98 -38.04 28.56 -9.34
C LYS F 98 -38.42 29.86 -10.02
N SER F 99 -39.21 29.79 -11.08
CA SER F 99 -39.66 31.01 -11.67
C SER F 99 -40.86 31.56 -10.89
N GLY F 100 -41.07 32.87 -11.02
CA GLY F 100 -42.21 33.56 -10.46
C GLY F 100 -43.53 33.36 -11.20
N TYR F 101 -43.52 32.75 -12.38
CA TYR F 101 -44.73 32.47 -13.12
C TYR F 101 -44.64 31.08 -13.71
N GLY F 102 -45.78 30.61 -14.22
CA GLY F 102 -45.86 29.31 -14.82
C GLY F 102 -46.51 29.41 -16.19
N GLY F 103 -46.27 28.40 -17.01
CA GLY F 103 -46.85 28.37 -18.34
C GLY F 103 -45.77 28.60 -19.37
N SER F 104 -45.85 27.88 -20.48
CA SER F 104 -44.92 28.07 -21.57
C SER F 104 -45.49 27.38 -22.79
N TRP F 105 -45.18 27.94 -23.95
CA TRP F 105 -45.36 27.27 -25.24
C TRP F 105 -44.01 27.07 -25.93
N GLY F 106 -42.96 26.95 -25.14
CA GLY F 106 -41.60 26.80 -25.66
C GLY F 106 -40.69 27.96 -25.32
N GLY F 107 -41.24 29.14 -25.02
CA GLY F 107 -40.42 30.27 -24.62
C GLY F 107 -40.19 30.30 -23.12
N TYR F 108 -38.99 30.72 -22.73
CA TYR F 108 -38.63 31.00 -21.34
C TYR F 108 -37.79 32.25 -21.30
N ILE F 109 -37.96 33.04 -20.24
CA ILE F 109 -37.12 34.20 -20.01
C ILE F 109 -36.75 34.19 -18.53
N ALA F 110 -35.49 34.49 -18.23
CA ALA F 110 -34.98 34.46 -16.86
C ALA F 110 -35.19 35.79 -16.16
N ASP F 111 -36.32 36.46 -16.42
CA ASP F 111 -36.60 37.77 -15.85
C ASP F 111 -37.25 37.70 -14.47
N ASP F 112 -37.66 36.52 -14.00
CA ASP F 112 -38.34 36.45 -12.72
C ASP F 112 -38.06 35.10 -12.06
N ILE F 113 -36.79 34.83 -11.79
CA ILE F 113 -36.44 33.74 -10.88
C ILE F 113 -36.66 34.29 -9.47
N ASP F 114 -37.54 33.66 -8.70
CA ASP F 114 -37.75 34.21 -7.36
C ASP F 114 -37.33 33.30 -6.23
N ALA F 115 -36.77 32.13 -6.52
CA ALA F 115 -36.17 31.30 -5.49
C ALA F 115 -35.01 30.52 -6.08
N TRP F 116 -33.97 30.36 -5.30
CA TRP F 116 -32.75 29.66 -5.68
C TRP F 116 -32.41 28.62 -4.64
N GLY F 117 -31.96 27.45 -5.09
CA GLY F 117 -31.37 26.47 -4.22
C GLY F 117 -29.94 26.85 -3.82
N GLN F 118 -29.32 25.98 -3.00
CA GLN F 118 -27.90 26.23 -2.69
C GLN F 118 -26.94 25.59 -3.67
N GLY F 119 -27.45 24.79 -4.59
CA GLY F 119 -26.63 24.27 -5.65
C GLY F 119 -25.92 23.01 -5.26
N THR F 120 -25.58 22.22 -6.27
CA THR F 120 -24.85 20.98 -6.08
C THR F 120 -23.68 20.97 -7.06
N LEU F 121 -22.50 20.60 -6.57
CA LEU F 121 -21.27 20.68 -7.36
C LEU F 121 -21.04 19.39 -8.15
N VAL F 122 -20.97 19.52 -9.45
CA VAL F 122 -20.58 18.41 -10.33
C VAL F 122 -19.16 18.63 -10.81
N THR F 123 -18.26 17.70 -10.51
CA THR F 123 -16.88 17.74 -10.98
C THR F 123 -16.71 16.73 -12.09
N VAL F 124 -16.34 17.22 -13.27
CA VAL F 124 -16.10 16.37 -14.43
C VAL F 124 -14.61 16.29 -14.66
N SER F 125 -14.03 15.13 -14.34
CA SER F 125 -12.58 14.97 -14.35
C SER F 125 -12.20 13.49 -14.37
N SER F 126 -11.01 13.24 -14.93
CA SER F 126 -10.38 11.93 -14.95
C SER F 126 -9.55 11.64 -13.70
N ALA F 127 -9.32 12.61 -12.82
CA ALA F 127 -8.65 12.28 -11.57
C ALA F 127 -9.55 11.40 -10.72
N SER F 128 -8.93 10.61 -9.85
CA SER F 128 -9.59 9.69 -8.95
C SER F 128 -9.98 10.38 -7.63
N THR F 129 -11.06 9.89 -7.03
CA THR F 129 -11.45 10.34 -5.70
C THR F 129 -10.40 9.96 -4.66
N LYS F 130 -10.20 10.86 -3.70
CA LYS F 130 -9.41 10.49 -2.54
C LYS F 130 -10.10 11.08 -1.31
N GLY F 131 -10.34 10.23 -0.31
CA GLY F 131 -10.93 10.65 0.93
C GLY F 131 -9.89 11.26 1.87
N PRO F 132 -10.34 12.19 2.72
CA PRO F 132 -9.39 12.90 3.58
C PRO F 132 -9.04 12.13 4.84
N SER F 133 -7.87 12.45 5.38
CA SER F 133 -7.53 12.15 6.76
C SER F 133 -7.97 13.32 7.64
N VAL F 134 -8.49 13.01 8.81
CA VAL F 134 -9.02 14.02 9.71
C VAL F 134 -8.23 13.99 11.01
N PHE F 135 -7.75 15.16 11.45
CA PHE F 135 -7.01 15.24 12.69
C PHE F 135 -7.59 16.34 13.59
N PRO F 136 -7.57 16.12 14.90
CA PRO F 136 -8.10 17.16 15.82
C PRO F 136 -7.08 18.26 16.00
N LEU F 137 -7.58 19.49 16.03
CA LEU F 137 -6.75 20.67 16.25
C LEU F 137 -7.08 21.14 17.66
N ALA F 138 -6.24 20.75 18.64
CA ALA F 138 -6.52 20.90 20.06
C ALA F 138 -6.37 22.35 20.48
N PRO F 139 -7.19 22.81 21.44
CA PRO F 139 -7.03 24.14 22.02
C PRO F 139 -5.88 24.13 23.03
N GLY F 147 -11.06 33.31 28.46
CA GLY F 147 -12.41 33.60 27.99
C GLY F 147 -12.85 32.62 26.90
N THR F 148 -12.19 32.67 25.73
CA THR F 148 -12.49 31.79 24.62
C THR F 148 -11.25 31.00 24.23
N ALA F 149 -11.48 29.83 23.65
CA ALA F 149 -10.42 29.03 23.07
C ALA F 149 -10.86 28.61 21.68
N ALA F 150 -9.85 28.48 20.82
CA ALA F 150 -10.03 28.01 19.45
C ALA F 150 -9.65 26.53 19.41
N LEU F 151 -10.50 25.76 18.75
CA LEU F 151 -10.24 24.32 18.53
C LEU F 151 -10.79 23.95 17.15
N GLY F 152 -10.28 22.89 16.54
CA GLY F 152 -10.77 22.63 15.18
C GLY F 152 -10.45 21.28 14.63
N CYS F 153 -10.72 21.12 13.35
CA CYS F 153 -10.50 19.88 12.61
C CYS F 153 -9.73 20.19 11.35
N LEU F 154 -8.71 19.39 11.09
CA LEU F 154 -7.92 19.51 9.87
C LEU F 154 -8.41 18.39 8.93
N VAL F 155 -8.89 18.75 7.76
CA VAL F 155 -9.37 17.78 6.75
C VAL F 155 -8.30 17.73 5.66
N LYS F 156 -7.56 16.64 5.58
CA LYS F 156 -6.37 16.64 4.73
C LYS F 156 -6.42 15.73 3.51
N ASP F 157 -5.91 16.27 2.41
CA ASP F 157 -5.68 15.55 1.13
C ASP F 157 -6.91 14.86 0.56
N TYR F 158 -7.94 15.62 0.19
CA TYR F 158 -9.17 15.04 -0.40
C TYR F 158 -9.41 15.62 -1.79
N PHE F 159 -10.11 14.85 -2.61
CA PHE F 159 -10.52 15.24 -3.97
C PHE F 159 -11.79 14.48 -4.33
N PRO F 160 -12.79 15.09 -4.99
CA PRO F 160 -12.82 16.52 -5.18
C PRO F 160 -13.61 17.21 -4.07
N GLU F 161 -13.89 18.48 -4.27
CA GLU F 161 -14.76 19.27 -3.37
C GLU F 161 -16.19 18.80 -3.63
N PRO F 162 -17.12 18.87 -2.67
CA PRO F 162 -16.91 19.53 -1.42
C PRO F 162 -16.82 18.59 -0.22
N VAL F 163 -16.46 19.16 0.92
CA VAL F 163 -16.41 18.41 2.19
C VAL F 163 -17.35 19.15 3.15
N THR F 164 -18.12 18.42 3.95
CA THR F 164 -18.99 19.15 4.89
C THR F 164 -18.47 18.94 6.30
N VAL F 165 -18.46 19.99 7.08
CA VAL F 165 -18.03 19.85 8.49
C VAL F 165 -19.12 20.38 9.39
N SER F 166 -19.52 19.56 10.34
CA SER F 166 -20.52 19.96 11.34
C SER F 166 -19.90 19.78 12.73
N TRP F 167 -20.47 20.41 13.73
CA TRP F 167 -19.94 20.22 15.09
C TRP F 167 -21.03 19.64 15.98
N ASN F 168 -20.69 18.60 16.73
CA ASN F 168 -21.61 17.94 17.69
C ASN F 168 -22.89 17.53 16.97
N SER F 169 -22.78 16.92 15.79
CA SER F 169 -23.89 16.43 14.95
C SER F 169 -24.84 17.57 14.55
N GLY F 170 -24.31 18.77 14.35
CA GLY F 170 -25.11 19.94 13.96
C GLY F 170 -25.68 20.69 15.14
N ALA F 171 -25.50 20.18 16.34
CA ALA F 171 -26.00 20.83 17.57
C ALA F 171 -25.20 22.10 17.87
N LEU F 172 -23.94 22.16 17.48
CA LEU F 172 -23.13 23.37 17.75
C LEU F 172 -23.00 24.19 16.48
N THR F 173 -23.62 25.37 16.46
CA THR F 173 -23.58 26.24 15.28
C THR F 173 -22.90 27.55 15.64
N SER F 174 -22.92 27.92 16.91
CA SER F 174 -22.34 29.19 17.40
C SER F 174 -20.81 29.10 17.43
N GLY F 175 -20.14 30.13 16.93
CA GLY F 175 -18.67 30.22 16.92
C GLY F 175 -18.01 29.34 15.89
N VAL F 176 -18.75 28.84 14.91
CA VAL F 176 -18.14 27.91 13.93
C VAL F 176 -17.64 28.65 12.70
N HIS F 177 -16.39 28.45 12.34
CA HIS F 177 -15.83 29.05 11.10
C HIS F 177 -15.12 27.96 10.30
N THR F 178 -15.76 27.46 9.25
CA THR F 178 -15.07 26.49 8.38
C THR F 178 -14.39 27.32 7.28
N PHE F 179 -13.08 27.22 7.20
CA PHE F 179 -12.27 28.00 6.24
C PHE F 179 -12.33 27.37 4.86
N PRO F 180 -12.25 28.14 3.77
CA PRO F 180 -12.23 27.60 2.43
C PRO F 180 -10.99 26.75 2.21
N ALA F 181 -11.13 25.72 1.40
CA ALA F 181 -10.02 24.78 1.16
C ALA F 181 -8.89 25.38 0.34
N VAL F 182 -7.70 24.85 0.57
CA VAL F 182 -6.50 25.19 -0.22
C VAL F 182 -6.35 24.06 -1.24
N LEU F 183 -6.14 24.41 -2.49
CA LEU F 183 -5.88 23.36 -3.49
C LEU F 183 -4.36 23.28 -3.55
N GLN F 184 -3.80 22.16 -3.17
CA GLN F 184 -2.32 22.08 -3.14
C GLN F 184 -1.79 21.77 -4.53
N SER F 185 -0.48 21.84 -4.69
CA SER F 185 0.24 21.55 -5.95
C SER F 185 0.00 20.09 -6.40
N SER F 186 -0.21 19.17 -5.46
CA SER F 186 -0.54 17.73 -5.61
C SER F 186 -1.91 17.53 -6.26
N GLY F 187 -2.79 18.52 -6.19
CA GLY F 187 -4.14 18.43 -6.73
C GLY F 187 -5.11 17.99 -5.67
N LEU F 188 -4.63 17.79 -4.45
CA LEU F 188 -5.53 17.42 -3.35
C LEU F 188 -5.93 18.68 -2.59
N TYR F 189 -7.12 18.67 -2.00
CA TYR F 189 -7.65 19.81 -1.25
C TYR F 189 -7.46 19.60 0.25
N SER F 190 -7.30 20.71 0.97
CA SER F 190 -7.18 20.67 2.45
C SER F 190 -7.98 21.82 3.03
N LEU F 191 -8.73 21.59 4.09
CA LEU F 191 -9.46 22.70 4.74
C LEU F 191 -9.45 22.49 6.25
N SER F 192 -9.78 23.54 6.98
CA SER F 192 -9.85 23.49 8.45
C SER F 192 -11.16 24.12 8.90
N SER F 193 -11.77 23.54 9.91
CA SER F 193 -12.99 24.10 10.51
C SER F 193 -12.61 24.44 11.94
N VAL F 194 -12.75 25.69 12.39
CA VAL F 194 -12.34 26.09 13.76
C VAL F 194 -13.58 26.55 14.52
N VAL F 195 -13.75 26.12 15.75
CA VAL F 195 -14.90 26.61 16.55
C VAL F 195 -14.34 27.44 17.69
N THR F 196 -14.91 28.60 17.92
CA THR F 196 -14.53 29.38 19.09
C THR F 196 -15.40 28.88 20.23
N VAL F 197 -14.78 28.42 21.30
CA VAL F 197 -15.60 27.86 22.41
C VAL F 197 -15.25 28.58 23.71
N PRO F 198 -16.16 28.58 24.68
CA PRO F 198 -15.87 29.20 25.95
C PRO F 198 -14.79 28.39 26.65
N SER F 199 -13.85 29.06 27.30
CA SER F 199 -12.76 28.38 28.04
C SER F 199 -13.31 27.54 29.21
N SER F 200 -14.41 27.98 29.83
CA SER F 200 -15.10 27.31 30.96
C SER F 200 -15.68 25.95 30.56
N SER F 201 -15.94 25.72 29.28
CA SER F 201 -16.51 24.44 28.82
C SER F 201 -15.42 23.44 28.43
N LEU F 202 -14.15 23.81 28.47
CA LEU F 202 -13.13 22.87 27.95
C LEU F 202 -13.10 21.56 28.74
N GLY F 203 -13.16 21.61 30.05
CA GLY F 203 -13.18 20.38 30.87
C GLY F 203 -14.45 19.54 30.75
N THR F 204 -15.61 20.20 30.65
CA THR F 204 -16.91 19.50 30.76
C THR F 204 -17.68 19.30 29.44
N GLN F 205 -17.37 19.98 28.36
CA GLN F 205 -18.18 19.82 27.13
C GLN F 205 -17.39 19.02 26.09
N THR F 206 -18.04 18.07 25.43
CA THR F 206 -17.36 17.26 24.39
C THR F 206 -17.56 17.89 23.03
N TYR F 207 -16.48 18.11 22.30
CA TYR F 207 -16.55 18.72 20.96
C TYR F 207 -16.18 17.68 19.92
N ILE F 208 -17.10 17.39 19.02
CA ILE F 208 -16.79 16.40 17.96
C ILE F 208 -17.06 17.06 16.63
N CYS F 209 -16.09 16.99 15.73
CA CYS F 209 -16.35 17.49 14.37
C CYS F 209 -16.75 16.28 13.52
N ASN F 210 -17.77 16.43 12.71
CA ASN F 210 -18.29 15.37 11.85
C ASN F 210 -17.98 15.75 10.42
N VAL F 211 -17.07 15.00 9.81
CA VAL F 211 -16.59 15.27 8.46
C VAL F 211 -17.31 14.33 7.51
N ASN F 212 -17.88 14.86 6.44
CA ASN F 212 -18.50 14.03 5.42
C ASN F 212 -17.97 14.43 4.06
N HIS F 213 -17.33 13.50 3.36
CA HIS F 213 -16.84 13.66 2.00
C HIS F 213 -17.50 12.58 1.17
N LYS F 214 -18.62 12.95 0.55
CA LYS F 214 -19.45 11.98 -0.17
C LYS F 214 -18.76 11.26 -1.32
N PRO F 215 -17.98 11.91 -2.21
CA PRO F 215 -17.46 11.16 -3.37
C PRO F 215 -16.61 9.96 -3.00
N SER F 216 -15.99 9.97 -1.83
CA SER F 216 -15.18 8.87 -1.36
C SER F 216 -15.88 8.07 -0.26
N ASN F 217 -17.12 8.42 0.07
CA ASN F 217 -17.85 7.78 1.18
C ASN F 217 -17.10 7.86 2.51
N THR F 218 -16.47 9.00 2.81
CA THR F 218 -15.77 9.20 4.08
C THR F 218 -16.68 9.95 5.05
N LYS F 219 -16.97 9.32 6.21
CA LYS F 219 -17.70 9.91 7.32
C LYS F 219 -16.87 9.65 8.55
N VAL F 220 -16.32 10.71 9.16
CA VAL F 220 -15.40 10.59 10.28
C VAL F 220 -15.93 11.49 11.38
N ASP F 221 -16.00 10.97 12.59
CA ASP F 221 -16.26 11.77 13.78
C ASP F 221 -14.97 11.83 14.57
N LYS F 222 -14.52 13.04 14.89
CA LYS F 222 -13.25 13.23 15.56
C LYS F 222 -13.47 14.04 16.83
N LYS F 223 -13.25 13.39 17.98
CA LYS F 223 -13.30 14.11 19.25
C LYS F 223 -12.08 15.01 19.38
N VAL F 224 -12.31 16.25 19.77
CA VAL F 224 -11.25 17.25 19.85
C VAL F 224 -11.09 17.63 21.31
N GLU F 225 -10.00 17.20 21.89
CA GLU F 225 -9.76 17.23 23.32
C GLU F 225 -8.65 18.22 23.63
N PRO F 226 -8.62 18.80 24.83
CA PRO F 226 -7.39 19.46 25.25
C PRO F 226 -6.28 18.42 25.40
N LYS G 10 -24.41 -44.40 -34.08
CA LYS G 10 -23.24 -43.49 -34.18
C LYS G 10 -23.67 -42.07 -33.84
N CYS G 11 -23.55 -41.18 -34.81
CA CYS G 11 -23.89 -39.78 -34.67
C CYS G 11 -25.37 -39.58 -34.92
N GLN G 12 -25.90 -38.48 -34.40
CA GLN G 12 -27.32 -38.19 -34.51
C GLN G 12 -27.52 -36.79 -35.10
N PRO G 13 -28.61 -36.58 -35.83
CA PRO G 13 -28.87 -35.22 -36.34
C PRO G 13 -29.00 -34.24 -35.20
N ILE G 14 -28.58 -33.00 -35.45
CA ILE G 14 -28.64 -31.93 -34.45
C ILE G 14 -30.08 -31.50 -34.24
N GLU G 15 -30.54 -31.50 -32.98
CA GLU G 15 -31.88 -31.04 -32.65
C GLU G 15 -31.92 -29.74 -31.88
N ILE G 16 -30.79 -29.31 -31.31
CA ILE G 16 -30.69 -28.07 -30.55
C ILE G 16 -30.83 -26.92 -31.53
N PRO G 17 -31.91 -26.15 -31.46
CA PRO G 17 -32.18 -25.21 -32.56
C PRO G 17 -31.05 -24.24 -32.85
N MET G 18 -30.38 -23.73 -31.83
CA MET G 18 -29.35 -22.74 -32.15
C MET G 18 -28.13 -23.37 -32.81
N CYS G 19 -27.98 -24.70 -32.75
CA CYS G 19 -26.84 -25.36 -33.38
C CYS G 19 -27.18 -25.99 -34.71
N LYS G 20 -28.38 -25.78 -35.23
CA LYS G 20 -28.65 -26.20 -36.59
C LYS G 20 -28.00 -25.23 -37.56
N ASP G 21 -27.63 -25.74 -38.73
CA ASP G 21 -27.14 -24.97 -39.87
C ASP G 21 -25.86 -24.19 -39.54
N ILE G 22 -24.92 -24.83 -38.84
CA ILE G 22 -23.64 -24.17 -38.59
C ILE G 22 -22.47 -24.90 -39.26
N GLY G 23 -22.71 -25.78 -40.20
CA GLY G 23 -21.62 -26.34 -40.97
C GLY G 23 -21.21 -27.75 -40.61
N TYR G 24 -21.87 -28.39 -39.64
CA TYR G 24 -21.85 -29.83 -39.53
C TYR G 24 -23.25 -30.26 -39.12
N GLN G 25 -23.67 -31.44 -39.57
CA GLN G 25 -25.06 -31.85 -39.40
C GLN G 25 -25.26 -32.75 -38.19
N MET G 26 -24.19 -33.36 -37.67
CA MET G 26 -24.27 -34.45 -36.72
C MET G 26 -23.49 -34.16 -35.43
N THR G 27 -24.13 -34.55 -34.31
CA THR G 27 -23.49 -34.52 -33.00
C THR G 27 -23.63 -35.90 -32.35
N ARG G 28 -23.34 -35.95 -31.05
CA ARG G 28 -23.42 -37.20 -30.28
C ARG G 28 -23.55 -36.83 -28.80
N MET G 29 -24.46 -37.50 -28.10
CA MET G 29 -24.66 -37.26 -26.71
C MET G 29 -24.13 -38.46 -25.95
N PRO G 30 -23.64 -38.26 -24.72
CA PRO G 30 -23.62 -36.98 -23.98
C PRO G 30 -22.66 -35.93 -24.57
N ASN G 31 -22.96 -34.65 -24.44
CA ASN G 31 -22.08 -33.62 -24.97
C ASN G 31 -20.96 -33.34 -23.95
N LEU G 32 -20.11 -32.35 -24.22
CA LEU G 32 -18.97 -32.02 -23.36
C LEU G 32 -19.40 -31.27 -22.11
N MET G 33 -20.67 -30.89 -22.01
CA MET G 33 -21.23 -30.25 -20.83
C MET G 33 -21.84 -31.26 -19.87
N GLY G 34 -21.82 -32.55 -20.23
CA GLY G 34 -22.39 -33.61 -19.43
C GLY G 34 -23.87 -33.89 -19.65
N HIS G 35 -24.52 -33.24 -20.63
CA HIS G 35 -25.94 -33.44 -20.86
C HIS G 35 -26.16 -34.78 -21.53
N GLU G 36 -27.12 -35.54 -21.00
CA GLU G 36 -27.32 -36.91 -21.46
C GLU G 36 -28.10 -36.98 -22.77
N ASN G 37 -28.92 -35.96 -23.07
CA ASN G 37 -29.69 -35.92 -24.31
C ASN G 37 -29.72 -34.48 -24.83
N GLN G 38 -30.17 -34.36 -26.09
CA GLN G 38 -30.20 -33.04 -26.75
C GLN G 38 -31.25 -32.10 -26.15
N ARG G 39 -32.35 -32.62 -25.62
CA ARG G 39 -33.37 -31.73 -25.07
C ARG G 39 -32.85 -30.99 -23.84
N GLU G 40 -32.17 -31.71 -22.94
CA GLU G 40 -31.57 -31.04 -21.79
C GLU G 40 -30.51 -30.04 -22.22
N ALA G 41 -29.70 -30.40 -23.24
CA ALA G 41 -28.71 -29.47 -23.74
C ALA G 41 -29.37 -28.20 -24.25
N ALA G 42 -30.46 -28.34 -25.01
CA ALA G 42 -31.18 -27.15 -25.51
C ALA G 42 -31.69 -26.29 -24.36
N ILE G 43 -32.26 -26.92 -23.33
CA ILE G 43 -32.80 -26.17 -22.20
C ILE G 43 -31.68 -25.36 -21.52
N GLN G 44 -30.50 -25.98 -21.29
CA GLN G 44 -29.39 -25.27 -20.68
C GLN G 44 -28.83 -24.19 -21.61
N LEU G 45 -28.97 -24.36 -22.93
CA LEU G 45 -28.47 -23.34 -23.83
C LEU G 45 -29.39 -22.14 -23.92
N HIS G 46 -30.61 -22.27 -23.42
CA HIS G 46 -31.59 -21.20 -23.60
C HIS G 46 -31.14 -19.88 -22.98
N GLU G 47 -30.41 -19.94 -21.87
CA GLU G 47 -29.88 -18.73 -21.25
C GLU G 47 -29.12 -17.88 -22.25
N PHE G 48 -28.48 -18.50 -23.25
CA PHE G 48 -27.64 -17.81 -24.24
C PHE G 48 -28.41 -17.31 -25.45
N ALA G 49 -29.68 -17.69 -25.61
CA ALA G 49 -30.45 -17.23 -26.78
C ALA G 49 -30.44 -15.71 -26.97
N PRO G 50 -30.67 -14.88 -25.93
CA PRO G 50 -30.55 -13.43 -26.16
C PRO G 50 -29.19 -13.01 -26.70
N LEU G 51 -28.09 -13.51 -26.10
CA LEU G 51 -26.77 -13.12 -26.56
C LEU G 51 -26.48 -13.61 -27.98
N VAL G 52 -26.96 -14.79 -28.34
CA VAL G 52 -26.61 -15.35 -29.65
C VAL G 52 -27.26 -14.53 -30.75
N GLU G 53 -28.54 -14.19 -30.57
CA GLU G 53 -29.25 -13.38 -31.58
C GLU G 53 -28.75 -11.93 -31.60
N TYR G 54 -28.46 -11.33 -30.44
CA TYR G 54 -27.81 -10.01 -30.40
C TYR G 54 -26.63 -9.93 -31.36
N GLY G 55 -25.82 -10.99 -31.45
CA GLY G 55 -24.70 -11.09 -32.37
C GLY G 55 -23.53 -10.19 -32.06
N CYS G 56 -22.72 -10.59 -31.08
CA CYS G 56 -21.55 -9.83 -30.62
C CYS G 56 -20.26 -10.13 -31.40
N HIS G 57 -20.33 -10.81 -32.55
CA HIS G 57 -19.15 -11.05 -33.40
C HIS G 57 -18.02 -11.74 -32.66
N GLY G 58 -18.35 -12.63 -31.75
CA GLY G 58 -17.33 -13.36 -31.04
C GLY G 58 -17.36 -14.84 -31.37
N HIS G 59 -18.08 -15.21 -32.46
CA HIS G 59 -18.33 -16.60 -32.82
C HIS G 59 -18.99 -17.37 -31.66
N LEU G 60 -19.87 -16.69 -30.94
CA LEU G 60 -20.45 -17.29 -29.75
C LEU G 60 -21.19 -18.57 -30.09
N ARG G 61 -21.93 -18.57 -31.21
CA ARG G 61 -22.75 -19.73 -31.58
C ARG G 61 -21.87 -20.94 -31.88
N PHE G 62 -20.87 -20.75 -32.74
CA PHE G 62 -19.95 -21.84 -33.03
C PHE G 62 -19.34 -22.38 -31.75
N PHE G 63 -18.86 -21.48 -30.87
CA PHE G 63 -18.17 -21.92 -29.66
C PHE G 63 -19.08 -22.70 -28.74
N LEU G 64 -20.24 -22.12 -28.40
CA LEU G 64 -21.16 -22.83 -27.52
C LEU G 64 -21.51 -24.18 -28.11
N CYS G 65 -21.81 -24.22 -29.41
CA CYS G 65 -22.28 -25.45 -30.04
C CYS G 65 -21.18 -26.49 -30.15
N SER G 66 -19.92 -26.05 -30.21
CA SER G 66 -18.82 -27.01 -30.18
C SER G 66 -18.81 -27.82 -28.91
N LEU G 67 -19.40 -27.31 -27.83
CA LEU G 67 -19.47 -28.00 -26.54
C LEU G 67 -20.84 -28.60 -26.27
N TYR G 68 -21.90 -27.86 -26.62
CA TYR G 68 -23.26 -28.34 -26.37
C TYR G 68 -23.72 -29.31 -27.45
N ALA G 69 -23.23 -29.21 -28.68
CA ALA G 69 -23.59 -30.13 -29.76
C ALA G 69 -22.35 -30.48 -30.56
N PRO G 70 -21.38 -31.17 -29.94
CA PRO G 70 -20.09 -31.33 -30.61
C PRO G 70 -20.23 -32.08 -31.92
N MET G 71 -19.46 -31.66 -32.91
CA MET G 71 -19.50 -32.34 -34.19
C MET G 71 -19.23 -33.82 -34.00
N CYS G 72 -20.07 -34.65 -34.60
CA CYS G 72 -19.80 -36.08 -34.62
C CYS G 72 -19.63 -36.50 -36.07
N THR G 73 -18.65 -37.31 -36.39
CA THR G 73 -18.42 -37.89 -37.73
C THR G 73 -17.76 -39.27 -37.58
N GLU G 74 -17.59 -40.01 -38.66
CA GLU G 74 -16.90 -41.32 -38.58
C GLU G 74 -15.45 -41.11 -38.14
N GLN G 75 -14.83 -40.06 -38.68
CA GLN G 75 -13.43 -39.70 -38.37
C GLN G 75 -13.34 -39.21 -36.93
N VAL G 76 -14.37 -38.51 -36.48
CA VAL G 76 -14.33 -37.94 -35.10
C VAL G 76 -14.81 -38.99 -34.09
N SER G 77 -13.86 -39.73 -33.55
CA SER G 77 -14.16 -40.76 -32.55
C SER G 77 -14.58 -40.06 -31.24
N THR G 78 -13.80 -39.09 -30.80
CA THR G 78 -14.03 -38.34 -29.56
C THR G 78 -14.21 -36.86 -29.92
N PRO G 79 -15.03 -36.10 -29.18
CA PRO G 79 -15.27 -34.70 -29.49
C PRO G 79 -14.04 -33.79 -29.57
N ILE G 80 -14.11 -32.85 -30.49
CA ILE G 80 -13.10 -31.82 -30.69
C ILE G 80 -13.73 -30.48 -30.33
N PRO G 81 -13.42 -29.92 -29.17
CA PRO G 81 -14.02 -28.64 -28.76
C PRO G 81 -13.38 -27.49 -29.51
N ALA G 82 -13.99 -26.30 -29.39
CA ALA G 82 -13.34 -25.08 -29.88
C ALA G 82 -12.09 -24.81 -29.06
N CYS G 83 -11.12 -24.11 -29.65
CA CYS G 83 -9.89 -23.83 -28.92
C CYS G 83 -10.11 -22.79 -27.82
N ARG G 84 -9.21 -22.80 -26.84
CA ARG G 84 -9.34 -21.88 -25.72
C ARG G 84 -9.42 -20.44 -26.21
N VAL G 85 -8.63 -20.09 -27.22
CA VAL G 85 -8.63 -18.71 -27.71
C VAL G 85 -10.02 -18.30 -28.22
N MET G 86 -10.79 -19.24 -28.78
CA MET G 86 -12.14 -18.90 -29.22
C MET G 86 -13.05 -18.64 -28.02
N CYS G 87 -13.02 -19.52 -27.01
CA CYS G 87 -13.76 -19.26 -25.78
C CYS G 87 -13.46 -17.87 -25.23
N GLU G 88 -12.17 -17.50 -25.21
CA GLU G 88 -11.77 -16.24 -24.58
C GLU G 88 -12.17 -15.05 -25.43
N GLN G 89 -12.03 -15.14 -26.76
CA GLN G 89 -12.48 -14.05 -27.61
C GLN G 89 -14.00 -13.95 -27.58
N ALA G 90 -14.70 -15.07 -27.45
CA ALA G 90 -16.14 -14.98 -27.32
C ALA G 90 -16.49 -14.30 -26.01
N ARG G 91 -15.86 -14.71 -24.90
CA ARG G 91 -16.16 -14.09 -23.62
C ARG G 91 -15.83 -12.60 -23.65
N LEU G 92 -14.76 -12.21 -24.34
CA LEU G 92 -14.35 -10.82 -24.32
C LEU G 92 -15.27 -9.93 -25.16
N LYS G 93 -15.61 -10.37 -26.36
CA LYS G 93 -16.34 -9.50 -27.26
C LYS G 93 -17.79 -9.37 -26.84
N CYS G 94 -18.34 -10.37 -26.13
CA CYS G 94 -19.68 -10.25 -25.58
C CYS G 94 -19.69 -9.73 -24.14
N SER G 95 -18.56 -9.20 -23.62
CA SER G 95 -18.54 -8.72 -22.24
C SER G 95 -19.36 -7.45 -22.03
N PRO G 96 -19.27 -6.42 -22.90
CA PRO G 96 -20.13 -5.24 -22.68
C PRO G 96 -21.61 -5.55 -22.72
N ILE G 97 -22.04 -6.38 -23.68
CA ILE G 97 -23.45 -6.72 -23.75
C ILE G 97 -23.85 -7.66 -22.62
N MET G 98 -22.90 -8.42 -22.05
CA MET G 98 -23.24 -9.27 -20.92
C MET G 98 -23.49 -8.43 -19.66
N GLU G 99 -22.69 -7.38 -19.45
CA GLU G 99 -22.99 -6.46 -18.36
C GLU G 99 -24.37 -5.85 -18.54
N GLN G 100 -24.72 -5.47 -19.78
CA GLN G 100 -26.02 -4.86 -20.03
C GLN G 100 -27.18 -5.80 -19.73
N PHE G 101 -27.03 -7.08 -20.02
CA PHE G 101 -28.13 -8.00 -19.73
C PHE G 101 -27.99 -8.56 -18.33
N ASN G 102 -27.05 -8.01 -17.56
CA ASN G 102 -26.54 -8.58 -16.31
C ASN G 102 -26.54 -10.11 -16.37
N PHE G 103 -25.77 -10.61 -17.34
CA PHE G 103 -25.58 -12.03 -17.59
C PHE G 103 -24.13 -12.35 -17.28
N LYS G 104 -23.90 -13.39 -16.52
CA LYS G 104 -22.55 -13.75 -16.13
C LYS G 104 -22.11 -15.00 -16.84
N TRP G 105 -20.87 -15.01 -17.26
CA TRP G 105 -20.29 -16.13 -17.95
C TRP G 105 -20.26 -17.30 -16.98
N PRO G 106 -20.89 -18.42 -17.31
CA PRO G 106 -20.97 -19.49 -16.34
C PRO G 106 -19.62 -20.13 -16.07
N ASP G 107 -19.45 -20.60 -14.84
CA ASP G 107 -18.22 -21.26 -14.46
C ASP G 107 -18.04 -22.59 -15.19
N SER G 108 -19.13 -23.14 -15.72
CA SER G 108 -19.05 -24.32 -16.55
C SER G 108 -18.34 -24.05 -17.87
N LEU G 109 -18.17 -22.78 -18.25
CA LEU G 109 -17.45 -22.43 -19.47
C LEU G 109 -16.12 -21.75 -19.15
N ASP G 110 -15.48 -22.17 -18.07
CA ASP G 110 -14.13 -21.72 -17.72
C ASP G 110 -13.19 -22.01 -18.89
N CYS G 111 -12.74 -20.96 -19.57
CA CYS G 111 -11.95 -21.16 -20.77
C CYS G 111 -10.64 -21.85 -20.47
N ARG G 112 -10.10 -21.68 -19.26
CA ARG G 112 -8.84 -22.37 -18.95
C ARG G 112 -8.91 -23.88 -19.14
N LYS G 113 -10.11 -24.48 -19.18
CA LYS G 113 -10.22 -25.92 -19.37
C LYS G 113 -9.90 -26.36 -20.82
N LEU G 114 -9.93 -25.40 -21.83
CA LEU G 114 -9.89 -25.95 -23.18
C LEU G 114 -8.45 -26.03 -23.69
N PRO G 115 -8.14 -26.98 -24.57
CA PRO G 115 -6.81 -26.98 -25.18
C PRO G 115 -6.67 -25.83 -26.17
N ASN G 116 -5.43 -25.44 -26.45
CA ASN G 116 -5.18 -24.52 -27.58
C ASN G 116 -4.55 -25.29 -28.74
N LYS G 117 -4.30 -24.57 -29.83
CA LYS G 117 -3.80 -25.23 -31.03
C LYS G 117 -2.42 -25.86 -30.75
N ASN G 118 -2.09 -26.85 -31.58
CA ASN G 118 -0.78 -27.51 -31.57
C ASN G 118 -0.57 -28.39 -30.34
N ASP G 119 -1.65 -28.85 -29.71
CA ASP G 119 -1.57 -29.94 -28.75
C ASP G 119 -1.87 -31.23 -29.50
N PRO G 120 -0.91 -32.14 -29.68
CA PRO G 120 -1.18 -33.34 -30.52
C PRO G 120 -2.17 -34.33 -29.88
N ASN G 121 -2.32 -34.30 -28.55
CA ASN G 121 -3.20 -35.21 -27.81
C ASN G 121 -4.61 -34.68 -27.63
N TYR G 122 -4.80 -33.35 -27.68
CA TYR G 122 -6.14 -32.76 -27.65
C TYR G 122 -6.24 -31.75 -28.79
N LEU G 123 -6.90 -32.16 -29.86
CA LEU G 123 -7.21 -31.26 -30.95
C LEU G 123 -8.31 -30.30 -30.53
N CYS G 124 -8.32 -29.14 -31.17
CA CYS G 124 -9.41 -28.22 -30.96
C CYS G 124 -9.75 -27.57 -32.29
N MET G 125 -10.96 -27.01 -32.39
CA MET G 125 -11.43 -26.35 -33.60
C MET G 125 -11.26 -24.85 -33.50
N GLU G 126 -10.99 -24.22 -34.63
CA GLU G 126 -11.19 -22.80 -34.77
C GLU G 126 -12.38 -22.59 -35.71
N ALA G 127 -12.90 -21.38 -35.74
CA ALA G 127 -14.15 -21.18 -36.46
C ALA G 127 -13.93 -21.21 -37.97
N PRO G 128 -14.94 -21.60 -38.74
CA PRO G 128 -14.86 -21.50 -40.20
C PRO G 128 -14.78 -20.05 -40.68
N GLU H 1 9.62 -19.83 -22.78
CA GLU H 1 8.62 -18.83 -23.16
C GLU H 1 8.11 -17.88 -22.05
N LEU H 2 7.67 -18.44 -20.92
CA LEU H 2 7.35 -17.62 -19.76
C LEU H 2 8.66 -17.13 -19.14
N THR H 3 8.84 -15.82 -19.04
CA THR H 3 10.13 -15.31 -18.62
C THR H 3 9.93 -14.40 -17.41
N GLN H 4 10.80 -14.59 -16.42
CA GLN H 4 11.01 -13.86 -15.20
C GLN H 4 12.48 -13.45 -15.13
N PRO H 5 12.78 -12.29 -14.57
CA PRO H 5 14.17 -12.00 -14.25
C PRO H 5 14.75 -13.05 -13.33
N PRO H 6 15.95 -13.54 -13.62
CA PRO H 6 16.55 -14.52 -12.71
C PRO H 6 16.76 -13.98 -11.30
N SER H 7 16.93 -12.67 -11.12
CA SER H 7 17.10 -12.17 -9.75
C SER H 7 16.67 -10.72 -9.60
N VAL H 8 16.22 -10.39 -8.39
CA VAL H 8 15.83 -9.05 -7.99
C VAL H 8 16.42 -8.78 -6.60
N SER H 9 16.93 -7.57 -6.39
CA SER H 9 17.45 -7.19 -5.08
C SER H 9 16.73 -5.97 -4.54
N VAL H 10 16.40 -6.02 -3.26
CA VAL H 10 15.75 -4.91 -2.58
C VAL H 10 16.32 -4.82 -1.17
N SER H 11 16.17 -3.68 -0.57
CA SER H 11 16.43 -3.55 0.86
C SER H 11 15.10 -3.47 1.60
N PRO H 12 15.10 -3.76 2.91
CA PRO H 12 13.83 -3.86 3.66
C PRO H 12 12.96 -2.63 3.54
N GLY H 13 11.65 -2.86 3.48
CA GLY H 13 10.68 -1.77 3.38
C GLY H 13 10.46 -1.29 1.97
N GLN H 14 11.34 -1.67 1.04
CA GLN H 14 11.16 -1.31 -0.35
C GLN H 14 9.99 -2.10 -0.94
N THR H 15 9.52 -1.63 -2.09
CA THR H 15 8.49 -2.35 -2.84
C THR H 15 9.19 -3.22 -3.88
N ALA H 16 8.91 -4.53 -3.88
CA ALA H 16 9.56 -5.42 -4.83
C ALA H 16 8.60 -5.71 -5.97
N ARG H 17 9.12 -5.73 -7.19
CA ARG H 17 8.30 -6.02 -8.35
C ARG H 17 8.93 -7.17 -9.12
N ILE H 18 8.18 -8.26 -9.26
CA ILE H 18 8.66 -9.46 -9.95
C ILE H 18 7.66 -9.72 -11.09
N THR H 19 8.17 -9.68 -12.31
CA THR H 19 7.29 -9.70 -13.47
C THR H 19 7.43 -11.02 -14.21
N CYS H 20 6.31 -11.51 -14.71
CA CYS H 20 6.31 -12.69 -15.55
C CYS H 20 5.70 -12.28 -16.89
N SER H 21 6.45 -12.49 -17.96
CA SER H 21 6.00 -12.10 -19.28
C SER H 21 5.66 -13.34 -20.08
N GLY H 22 4.48 -13.33 -20.71
CA GLY H 22 4.08 -14.38 -21.61
C GLY H 22 4.11 -13.95 -23.07
N ASP H 23 3.45 -14.75 -23.92
CA ASP H 23 3.45 -14.58 -25.37
C ASP H 23 2.48 -13.47 -25.79
N GLY H 24 3.04 -12.29 -26.12
CA GLY H 24 2.22 -11.14 -26.50
C GLY H 24 1.41 -11.33 -27.76
N SER H 25 1.89 -12.13 -28.69
CA SER H 25 1.16 -12.33 -29.95
C SER H 25 -0.13 -13.13 -29.76
N TYR H 26 -0.32 -13.76 -28.61
CA TYR H 26 -1.53 -14.52 -28.34
C TYR H 26 -2.74 -13.62 -28.35
N ALA H 27 -3.81 -14.09 -28.97
CA ALA H 27 -4.99 -13.27 -29.19
C ALA H 27 -6.05 -13.44 -28.11
N GLY H 28 -5.79 -14.26 -27.10
CA GLY H 28 -6.75 -14.45 -26.03
C GLY H 28 -6.38 -13.84 -24.69
N SER H 29 -6.66 -14.55 -23.60
CA SER H 29 -6.47 -14.07 -22.24
C SER H 29 -5.28 -14.75 -21.56
N TYR H 30 -4.91 -14.19 -20.39
CA TYR H 30 -3.78 -14.67 -19.61
C TYR H 30 -4.17 -14.89 -18.15
N TYR H 31 -3.55 -15.92 -17.55
CA TYR H 31 -3.79 -16.30 -16.16
C TYR H 31 -2.46 -16.67 -15.50
N TYR H 32 -2.22 -16.12 -14.32
CA TYR H 32 -0.95 -16.30 -13.65
C TYR H 32 -1.25 -16.56 -12.19
N GLY H 33 -0.48 -17.47 -11.59
CA GLY H 33 -0.43 -17.62 -10.15
C GLY H 33 0.99 -17.43 -9.68
N TRP H 34 1.20 -17.13 -8.39
CA TRP H 34 2.55 -16.90 -7.88
C TRP H 34 2.80 -17.82 -6.69
N TYR H 35 3.98 -18.42 -6.68
CA TYR H 35 4.38 -19.43 -5.73
C TYR H 35 5.73 -19.05 -5.16
N GLN H 36 5.81 -19.00 -3.85
CA GLN H 36 7.03 -18.63 -3.16
C GLN H 36 7.68 -19.89 -2.63
N GLN H 37 9.00 -19.95 -2.67
CA GLN H 37 9.68 -21.15 -2.17
C GLN H 37 10.95 -20.78 -1.42
N LYS H 38 11.02 -21.19 -0.26
CA LYS H 38 12.25 -21.00 0.48
C LYS H 38 13.14 -22.24 0.35
N PRO H 39 14.45 -22.06 0.49
CA PRO H 39 15.38 -23.19 0.31
C PRO H 39 15.02 -24.33 1.24
N GLY H 40 14.88 -25.51 0.65
CA GLY H 40 14.59 -26.68 1.44
C GLY H 40 13.14 -26.86 1.83
N GLN H 41 12.23 -26.04 1.32
CA GLN H 41 10.82 -26.14 1.64
C GLN H 41 10.00 -26.38 0.36
N ALA H 42 8.73 -26.68 0.57
CA ALA H 42 7.82 -26.75 -0.57
C ALA H 42 7.31 -25.35 -0.98
N PRO H 43 6.83 -25.21 -2.21
CA PRO H 43 6.23 -23.93 -2.63
C PRO H 43 5.04 -23.58 -1.75
N VAL H 44 4.75 -22.27 -1.68
CA VAL H 44 3.58 -21.72 -0.98
C VAL H 44 2.89 -20.75 -1.92
N THR H 45 1.57 -20.88 -2.08
CA THR H 45 0.86 -20.03 -3.02
C THR H 45 0.61 -18.64 -2.43
N LEU H 46 1.06 -17.60 -3.15
CA LEU H 46 0.88 -16.19 -2.79
C LEU H 46 -0.28 -15.55 -3.51
N ILE H 47 -0.41 -15.82 -4.82
CA ILE H 47 -1.47 -15.26 -5.66
C ILE H 47 -1.96 -16.36 -6.58
N TYR H 48 -3.26 -16.39 -6.83
CA TYR H 48 -3.79 -17.24 -7.87
C TYR H 48 -4.78 -16.44 -8.73
N TYR H 49 -4.98 -16.89 -9.97
CA TYR H 49 -5.93 -16.29 -10.90
C TYR H 49 -5.66 -14.78 -11.08
N ASN H 50 -4.42 -14.45 -11.39
CA ASN H 50 -3.95 -13.09 -11.68
C ASN H 50 -3.88 -12.21 -10.44
N ASN H 51 -4.91 -12.18 -9.55
CA ASN H 51 -4.87 -11.22 -8.46
C ASN H 51 -5.60 -11.57 -7.16
N LYS H 52 -5.96 -12.84 -6.93
CA LYS H 52 -6.62 -13.31 -5.71
C LYS H 52 -5.58 -13.83 -4.73
N ARG H 53 -5.78 -13.53 -3.44
CA ARG H 53 -4.83 -13.87 -2.39
C ARG H 53 -5.45 -14.85 -1.42
N PRO H 54 -4.85 -16.01 -1.18
CA PRO H 54 -5.38 -16.93 -0.16
C PRO H 54 -5.36 -16.27 1.20
N SER H 55 -6.31 -16.65 2.07
CA SER H 55 -6.23 -16.18 3.46
C SER H 55 -4.93 -16.68 4.08
N GLY H 56 -4.38 -15.90 4.98
CA GLY H 56 -3.10 -16.24 5.55
C GLY H 56 -1.92 -15.63 4.83
N ILE H 57 -2.07 -15.25 3.58
CA ILE H 57 -1.01 -14.53 2.89
C ILE H 57 -1.10 -13.05 3.27
N PRO H 58 -0.02 -12.45 3.72
CA PRO H 58 -0.07 -11.04 4.12
C PRO H 58 -0.48 -10.15 2.97
N GLU H 59 -1.22 -9.08 3.30
CA GLU H 59 -1.76 -8.16 2.33
C GLU H 59 -0.70 -7.44 1.52
N ARG H 60 0.56 -7.44 1.97
CA ARG H 60 1.58 -6.71 1.25
C ARG H 60 1.92 -7.36 -0.08
N PHE H 61 1.48 -8.62 -0.28
CA PHE H 61 1.61 -9.35 -1.53
C PHE H 61 0.40 -9.07 -2.40
N SER H 62 0.64 -8.70 -3.65
CA SER H 62 -0.47 -8.56 -4.59
C SER H 62 0.01 -8.89 -6.00
N GLY H 63 -0.94 -9.26 -6.84
CA GLY H 63 -0.66 -9.54 -8.23
C GLY H 63 -1.56 -8.67 -9.09
N SER H 64 -1.08 -8.38 -10.29
CA SER H 64 -1.88 -7.62 -11.23
C SER H 64 -1.46 -7.96 -12.64
N LEU H 65 -2.49 -8.13 -13.48
CA LEU H 65 -2.32 -8.45 -14.87
C LEU H 65 -2.24 -7.15 -15.67
N SER H 66 -1.23 -7.02 -16.52
CA SER H 66 -1.17 -5.95 -17.50
C SER H 66 -0.79 -6.57 -18.84
N GLY H 67 -1.72 -6.55 -19.79
CA GLY H 67 -1.48 -7.16 -21.08
C GLY H 67 -1.22 -8.65 -20.95
N SER H 68 -0.06 -9.08 -21.44
CA SER H 68 0.39 -10.44 -21.36
C SER H 68 1.32 -10.66 -20.17
N THR H 69 1.31 -9.73 -19.23
CA THR H 69 2.23 -9.62 -18.10
C THR H 69 1.46 -9.70 -16.77
N ASN H 70 2.02 -10.42 -15.80
CA ASN H 70 1.56 -10.32 -14.41
C ASN H 70 2.73 -9.92 -13.53
N THR H 71 2.50 -8.96 -12.65
CA THR H 71 3.54 -8.49 -11.76
C THR H 71 3.16 -8.83 -10.33
N LEU H 72 4.06 -9.53 -9.63
CA LEU H 72 3.90 -9.72 -8.19
C LEU H 72 4.55 -8.52 -7.51
N THR H 73 3.77 -7.79 -6.72
CA THR H 73 4.25 -6.64 -6.00
C THR H 73 4.24 -7.03 -4.54
N ILE H 74 5.39 -6.88 -3.90
CA ILE H 74 5.55 -7.06 -2.46
C ILE H 74 5.89 -5.69 -1.92
N SER H 75 4.93 -5.03 -1.29
CA SER H 75 5.16 -3.73 -0.69
C SER H 75 5.74 -3.89 0.70
N GLY H 76 6.72 -3.05 1.04
CA GLY H 76 7.36 -3.14 2.34
C GLY H 76 8.08 -4.44 2.63
N VAL H 77 9.06 -4.77 1.78
CA VAL H 77 9.68 -6.09 1.81
C VAL H 77 10.29 -6.37 3.16
N GLN H 78 10.09 -7.60 3.65
CA GLN H 78 10.67 -8.11 4.89
C GLN H 78 11.75 -9.14 4.58
N ALA H 79 12.65 -9.33 5.57
CA ALA H 79 13.70 -10.34 5.47
C ALA H 79 13.12 -11.74 5.25
N GLU H 80 11.97 -12.01 5.86
CA GLU H 80 11.31 -13.30 5.63
C GLU H 80 10.80 -13.48 4.22
N ASP H 81 10.80 -12.44 3.37
CA ASP H 81 10.39 -12.63 1.98
C ASP H 81 11.54 -13.02 1.05
N GLU H 82 12.75 -13.11 1.56
CA GLU H 82 13.84 -13.60 0.75
C GLU H 82 13.54 -15.07 0.41
N ALA H 83 13.45 -15.38 -0.87
CA ALA H 83 13.03 -16.70 -1.36
C ALA H 83 13.09 -16.72 -2.89
N ASP H 84 12.76 -17.85 -3.48
CA ASP H 84 12.52 -17.89 -4.91
C ASP H 84 11.04 -17.73 -5.18
N TYR H 85 10.72 -17.04 -6.27
CA TYR H 85 9.37 -16.78 -6.69
C TYR H 85 9.18 -17.33 -8.10
N TYR H 86 8.15 -18.15 -8.28
CA TYR H 86 7.82 -18.75 -9.58
C TYR H 86 6.42 -18.30 -9.94
N CYS H 87 6.26 -17.76 -11.15
CA CYS H 87 4.95 -17.59 -11.75
C CYS H 87 4.52 -18.90 -12.37
N GLY H 88 3.24 -19.18 -12.30
CA GLY H 88 2.63 -20.31 -12.97
C GLY H 88 1.55 -19.81 -13.90
N SER H 89 1.51 -20.38 -15.11
CA SER H 89 0.62 -19.96 -16.17
C SER H 89 0.58 -21.07 -17.20
N ALA H 90 0.52 -20.73 -18.49
CA ALA H 90 0.63 -21.70 -19.57
C ALA H 90 1.37 -21.07 -20.71
N ASP H 91 2.32 -21.78 -21.28
CA ASP H 91 2.95 -21.36 -22.52
C ASP H 91 2.16 -21.98 -23.69
N ASN H 92 2.75 -21.98 -24.89
CA ASN H 92 2.08 -22.52 -26.08
C ASN H 92 2.02 -24.03 -26.11
N SER H 93 2.72 -24.73 -25.23
CA SER H 93 2.66 -26.19 -25.14
C SER H 93 1.87 -26.72 -23.94
N GLY H 94 1.25 -25.84 -23.12
CA GLY H 94 0.42 -26.23 -22.00
C GLY H 94 0.83 -25.56 -20.69
N ALA H 95 0.31 -26.10 -19.58
CA ALA H 95 0.60 -25.55 -18.27
C ALA H 95 2.11 -25.53 -18.05
N ALA H 96 2.59 -24.47 -17.40
CA ALA H 96 4.03 -24.27 -17.26
C ALA H 96 4.33 -23.25 -16.16
N PHE H 97 5.57 -23.27 -15.70
CA PHE H 97 6.10 -22.30 -14.76
C PHE H 97 7.14 -21.41 -15.41
N GLY H 98 7.24 -20.18 -14.95
CA GLY H 98 8.42 -19.40 -15.27
C GLY H 98 9.67 -20.01 -14.64
N GLY H 99 10.84 -19.49 -15.06
CA GLY H 99 12.12 -19.99 -14.61
C GLY H 99 12.51 -19.59 -13.20
N GLY H 100 11.71 -18.73 -12.55
CA GLY H 100 11.99 -18.37 -11.19
C GLY H 100 12.74 -17.06 -11.05
N THR H 101 12.38 -16.31 -10.01
CA THR H 101 13.13 -15.12 -9.61
C THR H 101 13.65 -15.30 -8.19
N LYS H 102 14.95 -15.16 -8.04
CA LYS H 102 15.59 -15.18 -6.72
C LYS H 102 15.53 -13.76 -6.18
N LEU H 103 14.83 -13.54 -5.08
CA LEU H 103 14.67 -12.24 -4.45
C LEU H 103 15.66 -12.13 -3.30
N THR H 104 16.56 -11.19 -3.40
CA THR H 104 17.55 -10.93 -2.37
C THR H 104 17.09 -9.73 -1.55
N VAL H 105 17.11 -9.87 -0.23
CA VAL H 105 16.81 -8.76 0.66
C VAL H 105 18.13 -8.32 1.28
N LEU H 106 18.57 -7.11 0.93
CA LEU H 106 19.83 -6.54 1.39
C LEU H 106 19.69 -6.03 2.80
N GLY H 107 20.84 -5.82 3.44
CA GLY H 107 20.86 -5.13 4.71
C GLY H 107 20.29 -5.89 5.90
N GLN H 108 20.32 -7.21 5.86
CA GLN H 108 19.88 -7.96 7.02
C GLN H 108 20.95 -7.91 8.12
N PRO H 109 20.56 -8.00 9.38
CA PRO H 109 21.52 -7.77 10.47
C PRO H 109 22.63 -8.81 10.46
N LYS H 110 23.86 -8.36 10.72
CA LYS H 110 24.98 -9.28 10.82
C LYS H 110 24.87 -10.12 12.08
N ALA H 111 25.30 -11.39 11.98
CA ALA H 111 25.22 -12.31 13.10
C ALA H 111 26.48 -13.16 13.12
N ALA H 112 27.10 -13.25 14.28
CA ALA H 112 28.29 -14.06 14.45
C ALA H 112 27.91 -15.54 14.52
N PRO H 113 28.81 -16.43 14.15
CA PRO H 113 28.48 -17.86 14.22
C PRO H 113 28.57 -18.42 15.63
N SER H 114 27.69 -19.36 15.89
CA SER H 114 27.79 -20.20 17.06
C SER H 114 28.44 -21.52 16.60
N VAL H 115 29.51 -21.95 17.25
CA VAL H 115 30.30 -23.11 16.79
C VAL H 115 30.26 -24.21 17.84
N THR H 116 29.87 -25.42 17.43
CA THR H 116 29.95 -26.59 18.29
C THR H 116 30.82 -27.65 17.63
N LEU H 117 31.79 -28.16 18.38
CA LEU H 117 32.72 -29.15 17.87
C LEU H 117 32.62 -30.41 18.71
N PHE H 118 32.32 -31.53 18.08
CA PHE H 118 32.29 -32.81 18.76
C PHE H 118 33.51 -33.63 18.39
N PRO H 119 34.14 -34.27 19.36
CA PRO H 119 35.22 -35.23 19.07
C PRO H 119 34.63 -36.54 18.59
N PRO H 120 35.45 -37.50 18.14
CA PRO H 120 34.90 -38.81 17.77
C PRO H 120 34.25 -39.58 18.94
N SER H 121 33.22 -40.33 18.61
CA SER H 121 32.59 -41.17 19.61
C SER H 121 33.46 -42.38 19.96
N SER H 122 33.27 -42.90 21.17
CA SER H 122 33.87 -44.19 21.50
C SER H 122 33.50 -45.24 20.48
N GLU H 123 32.22 -45.26 20.07
CA GLU H 123 31.82 -46.32 19.15
C GLU H 123 32.57 -46.21 17.84
N GLU H 124 32.72 -44.98 17.29
CA GLU H 124 33.44 -44.84 16.02
C GLU H 124 34.90 -45.22 16.18
N LEU H 125 35.54 -44.81 17.27
CA LEU H 125 36.91 -45.24 17.50
C LEU H 125 37.01 -46.78 17.57
N GLN H 126 36.07 -47.44 18.28
CA GLN H 126 36.13 -48.90 18.37
C GLN H 126 35.94 -49.55 17.01
N ALA H 127 35.22 -48.90 16.11
CA ALA H 127 35.07 -49.35 14.73
C ALA H 127 36.21 -48.88 13.86
N ASN H 128 37.29 -48.39 14.47
CA ASN H 128 38.51 -47.98 13.78
C ASN H 128 38.27 -46.84 12.78
N LYS H 129 37.44 -45.88 13.15
CA LYS H 129 37.32 -44.63 12.41
C LYS H 129 37.27 -43.48 13.41
N ALA H 130 37.48 -42.25 12.91
CA ALA H 130 37.44 -41.07 13.76
C ALA H 130 36.99 -39.91 12.91
N THR H 131 35.93 -39.21 13.35
CA THR H 131 35.39 -38.06 12.63
C THR H 131 35.20 -36.92 13.61
N LEU H 132 35.75 -35.76 13.30
CA LEU H 132 35.45 -34.53 14.03
C LEU H 132 34.36 -33.79 13.28
N VAL H 133 33.40 -33.25 14.03
CA VAL H 133 32.16 -32.67 13.53
C VAL H 133 32.06 -31.25 14.09
N CYS H 134 32.13 -30.27 13.22
CA CYS H 134 32.10 -28.85 13.58
C CYS H 134 30.82 -28.29 13.02
N LEU H 135 29.90 -27.88 13.89
CA LEU H 135 28.60 -27.38 13.45
C LEU H 135 28.53 -25.89 13.70
N ILE H 136 28.09 -25.15 12.68
CA ILE H 136 28.14 -23.68 12.62
C ILE H 136 26.71 -23.21 12.39
N SER H 137 26.17 -22.41 13.32
CA SER H 137 24.77 -22.00 13.33
C SER H 137 24.62 -20.49 13.46
N ASP H 138 23.51 -19.99 12.92
CA ASP H 138 23.01 -18.65 13.23
C ASP H 138 23.99 -17.53 12.85
N PHE H 139 24.64 -17.63 11.70
CA PHE H 139 25.50 -16.55 11.25
C PHE H 139 24.89 -15.85 10.04
N TYR H 140 25.24 -14.58 9.84
CA TYR H 140 24.76 -13.80 8.69
C TYR H 140 25.76 -12.69 8.33
N PRO H 141 26.07 -12.50 7.04
CA PRO H 141 25.59 -13.24 5.87
C PRO H 141 26.22 -14.63 5.77
N GLY H 142 25.96 -15.34 4.67
CA GLY H 142 26.26 -16.75 4.57
C GLY H 142 27.72 -17.11 4.38
N ALA H 143 28.57 -16.20 3.97
CA ALA H 143 29.95 -16.58 3.65
C ALA H 143 30.76 -16.85 4.93
N VAL H 144 31.32 -18.05 5.03
CA VAL H 144 32.29 -18.37 6.08
C VAL H 144 33.46 -19.10 5.44
N THR H 145 34.59 -19.08 6.14
CA THR H 145 35.73 -19.94 5.82
C THR H 145 36.06 -20.73 7.07
N VAL H 146 36.28 -22.03 6.89
CA VAL H 146 36.54 -22.97 7.97
C VAL H 146 37.94 -23.53 7.81
N ALA H 147 38.74 -23.42 8.86
CA ALA H 147 40.09 -23.95 8.87
C ALA H 147 40.22 -24.88 10.07
N TRP H 148 40.89 -26.00 9.85
CA TRP H 148 41.17 -26.97 10.89
C TRP H 148 42.66 -26.96 11.21
N LYS H 149 43.01 -27.20 12.48
CA LYS H 149 44.38 -27.27 12.96
C LYS H 149 44.59 -28.61 13.66
N ALA H 150 45.73 -29.25 13.40
CA ALA H 150 46.24 -30.32 14.24
C ALA H 150 47.30 -29.69 15.12
N ASP H 151 47.09 -29.73 16.44
CA ASP H 151 47.82 -28.87 17.35
C ASP H 151 47.64 -27.42 16.88
N SER H 152 48.69 -26.82 16.31
CA SER H 152 48.59 -25.51 15.70
C SER H 152 48.87 -25.52 14.20
N SER H 153 49.02 -26.69 13.60
CA SER H 153 49.36 -26.77 12.19
C SER H 153 48.11 -27.00 11.37
N PRO H 154 48.04 -26.39 10.19
CA PRO H 154 46.84 -26.54 9.35
C PRO H 154 46.72 -27.96 8.80
N VAL H 155 45.48 -28.46 8.76
CA VAL H 155 45.24 -29.81 8.24
C VAL H 155 44.95 -29.69 6.75
N LYS H 156 45.68 -30.45 5.94
CA LYS H 156 45.66 -30.35 4.49
C LYS H 156 44.84 -31.44 3.81
N ALA H 157 44.04 -32.20 4.56
CA ALA H 157 43.39 -33.40 4.02
C ALA H 157 42.28 -33.84 4.96
N GLY H 158 41.26 -34.46 4.39
CA GLY H 158 40.19 -35.05 5.18
C GLY H 158 39.06 -34.11 5.57
N VAL H 159 39.05 -32.89 5.01
CA VAL H 159 38.05 -31.88 5.32
C VAL H 159 36.95 -31.90 4.26
N GLU H 160 35.71 -32.00 4.70
CA GLU H 160 34.54 -31.86 3.84
C GLU H 160 33.62 -30.84 4.49
N THR H 161 33.27 -29.79 3.76
CA THR H 161 32.56 -28.65 4.31
C THR H 161 31.37 -28.30 3.42
N THR H 162 30.22 -28.05 4.05
CA THR H 162 29.01 -27.74 3.29
C THR H 162 29.00 -26.30 2.81
N THR H 163 28.16 -26.07 1.82
CA THR H 163 27.75 -24.72 1.49
C THR H 163 26.76 -24.24 2.54
N PRO H 164 26.89 -22.99 3.00
CA PRO H 164 25.91 -22.47 3.96
C PRO H 164 24.51 -22.44 3.35
N SER H 165 23.52 -22.83 4.16
CA SER H 165 22.12 -22.86 3.80
C SER H 165 21.34 -22.15 4.89
N LYS H 166 20.14 -21.68 4.52
CA LYS H 166 19.33 -20.92 5.45
C LYS H 166 18.59 -21.83 6.42
N GLN H 167 18.66 -21.44 7.70
CA GLN H 167 17.89 -22.03 8.78
C GLN H 167 16.48 -21.43 8.77
N SER H 168 15.65 -21.84 9.73
CA SER H 168 14.28 -21.34 9.79
C SER H 168 14.23 -19.89 10.26
N ASN H 169 15.17 -19.49 11.11
CA ASN H 169 15.27 -18.10 11.54
C ASN H 169 15.98 -17.21 10.52
N ASN H 170 16.21 -17.71 9.30
CA ASN H 170 16.81 -16.94 8.21
C ASN H 170 18.27 -16.54 8.49
N LYS H 171 18.92 -17.18 9.45
CA LYS H 171 20.37 -17.13 9.45
C LYS H 171 20.86 -18.42 8.81
N TYR H 172 22.17 -18.52 8.61
CA TYR H 172 22.76 -19.63 7.87
C TYR H 172 23.34 -20.70 8.79
N ALA H 173 23.46 -21.90 8.25
CA ALA H 173 24.15 -22.99 8.92
C ALA H 173 25.13 -23.66 7.95
N ALA H 174 26.14 -24.32 8.53
CA ALA H 174 27.11 -25.08 7.76
C ALA H 174 27.72 -26.17 8.65
N SER H 175 28.28 -27.19 8.01
CA SER H 175 28.94 -28.27 8.73
C SER H 175 30.26 -28.56 8.05
N SER H 176 31.29 -28.84 8.86
CA SER H 176 32.59 -29.28 8.39
C SER H 176 32.97 -30.55 9.12
N TYR H 177 33.43 -31.55 8.37
CA TYR H 177 33.78 -32.86 8.91
C TYR H 177 35.25 -33.11 8.61
N LEU H 178 36.01 -33.44 9.63
CA LEU H 178 37.40 -33.83 9.43
C LEU H 178 37.47 -35.33 9.74
N SER H 179 37.74 -36.11 8.71
CA SER H 179 37.87 -37.55 8.85
C SER H 179 39.34 -37.90 9.14
N LEU H 180 39.56 -38.65 10.20
CA LEU H 180 40.87 -39.05 10.69
C LEU H 180 40.86 -40.55 10.96
N THR H 181 42.05 -41.09 11.19
CA THR H 181 42.13 -42.41 11.80
C THR H 181 42.22 -42.26 13.31
N PRO H 182 41.82 -43.28 14.07
CA PRO H 182 42.08 -43.23 15.53
C PRO H 182 43.52 -42.92 15.88
N GLU H 183 44.50 -43.51 15.17
CA GLU H 183 45.90 -43.24 15.47
C GLU H 183 46.22 -41.75 15.36
N GLN H 184 45.77 -41.12 14.26
CA GLN H 184 45.99 -39.68 14.13
C GLN H 184 45.34 -38.92 15.26
N TRP H 185 44.08 -39.25 15.58
CA TRP H 185 43.37 -38.55 16.64
C TRP H 185 44.12 -38.66 17.97
N LYS H 186 44.60 -39.86 18.32
CA LYS H 186 45.20 -40.04 19.64
C LYS H 186 46.59 -39.42 19.72
N SER H 187 47.28 -39.29 18.56
CA SER H 187 48.69 -38.93 18.62
C SER H 187 48.92 -37.43 18.61
N HIS H 188 47.87 -36.63 18.40
CA HIS H 188 48.01 -35.18 18.39
C HIS H 188 47.58 -34.64 19.74
N ARG H 189 48.07 -33.44 20.06
CA ARG H 189 47.70 -32.83 21.34
C ARG H 189 46.21 -32.47 21.35
N SER H 190 45.73 -31.90 20.25
CA SER H 190 44.34 -31.50 20.08
C SER H 190 44.11 -31.17 18.61
N TYR H 191 42.83 -30.97 18.27
CA TYR H 191 42.42 -30.45 16.97
C TYR H 191 41.46 -29.30 17.21
N SER H 192 41.44 -28.34 16.29
CA SER H 192 40.64 -27.15 16.42
C SER H 192 39.87 -26.88 15.14
N CYS H 193 38.63 -26.41 15.31
CA CYS H 193 37.82 -25.90 14.22
C CYS H 193 37.81 -24.38 14.31
N GLN H 194 38.32 -23.70 13.27
CA GLN H 194 38.41 -22.24 13.20
C GLN H 194 37.46 -21.74 12.11
N VAL H 195 36.46 -20.98 12.52
CA VAL H 195 35.42 -20.44 11.64
C VAL H 195 35.64 -18.94 11.51
N THR H 196 35.93 -18.48 10.29
CA THR H 196 36.13 -17.05 10.03
C THR H 196 34.89 -16.49 9.32
N HIS H 197 34.33 -15.43 9.88
CA HIS H 197 33.11 -14.83 9.39
C HIS H 197 33.23 -13.32 9.54
N GLU H 198 33.17 -12.59 8.43
CA GLU H 198 33.28 -11.13 8.48
C GLU H 198 34.56 -10.74 9.20
N GLY H 199 35.64 -11.42 8.85
CA GLY H 199 36.95 -11.10 9.38
C GLY H 199 37.19 -11.44 10.82
N SER H 200 36.23 -12.02 11.52
CA SER H 200 36.41 -12.37 12.92
C SER H 200 36.37 -13.88 13.02
N THR H 201 37.22 -14.46 13.87
CA THR H 201 37.32 -15.90 13.91
C THR H 201 36.88 -16.41 15.26
N VAL H 202 36.10 -17.49 15.23
CA VAL H 202 35.64 -18.23 16.39
C VAL H 202 36.22 -19.63 16.28
N GLU H 203 36.78 -20.12 17.36
CA GLU H 203 37.51 -21.38 17.34
C GLU H 203 37.05 -22.31 18.46
N LYS H 204 36.99 -23.59 18.17
CA LYS H 204 36.75 -24.61 19.19
C LYS H 204 37.85 -25.66 19.10
N THR H 205 38.17 -26.25 20.25
CA THR H 205 39.26 -27.20 20.35
C THR H 205 38.82 -28.42 21.13
N VAL H 206 39.17 -29.61 20.64
CA VAL H 206 38.92 -30.84 21.38
C VAL H 206 40.21 -31.67 21.38
N ALA H 207 40.31 -32.56 22.36
CA ALA H 207 41.50 -33.36 22.56
C ALA H 207 41.10 -34.76 22.97
N PRO H 208 41.94 -35.75 22.71
CA PRO H 208 41.61 -37.11 23.15
C PRO H 208 41.47 -37.23 24.65
N THR H 209 40.58 -38.14 25.05
CA THR H 209 40.45 -38.65 26.41
C THR H 209 39.86 -40.04 26.32
N GLU I 1 -7.52 -25.88 5.41
CA GLU I 1 -6.37 -26.77 5.59
C GLU I 1 -6.46 -28.02 4.72
N VAL I 2 -5.40 -28.26 3.96
CA VAL I 2 -5.33 -29.38 3.05
C VAL I 2 -4.00 -30.08 3.27
N GLN I 3 -4.01 -31.41 3.24
CA GLN I 3 -2.78 -32.20 3.34
C GLN I 3 -2.68 -33.11 2.12
N LEU I 4 -1.50 -33.08 1.49
CA LEU I 4 -1.15 -33.96 0.38
C LEU I 4 0.15 -34.65 0.76
N VAL I 5 0.16 -35.98 0.79
CA VAL I 5 1.34 -36.71 1.26
C VAL I 5 1.81 -37.67 0.17
N GLU I 6 2.98 -37.39 -0.40
CA GLU I 6 3.58 -38.24 -1.42
C GLU I 6 4.33 -39.40 -0.80
N SER I 7 4.44 -40.47 -1.58
CA SER I 7 5.29 -41.59 -1.28
C SER I 7 5.72 -42.17 -2.62
N GLY I 8 6.69 -43.08 -2.56
CA GLY I 8 7.19 -43.75 -3.75
C GLY I 8 8.55 -43.29 -4.18
N GLY I 9 9.12 -42.29 -3.53
CA GLY I 9 10.46 -41.85 -3.84
C GLY I 9 11.49 -42.92 -3.54
N GLY I 10 12.70 -42.70 -4.06
CA GLY I 10 13.78 -43.63 -3.82
C GLY I 10 14.79 -43.55 -4.94
N LEU I 11 15.63 -44.59 -5.02
CA LEU I 11 16.70 -44.70 -6.00
C LEU I 11 16.24 -45.60 -7.14
N VAL I 12 16.55 -45.20 -8.37
CA VAL I 12 16.16 -46.00 -9.52
C VAL I 12 17.28 -45.94 -10.55
N GLN I 13 17.45 -47.04 -11.28
CA GLN I 13 18.48 -47.07 -12.30
C GLN I 13 17.97 -46.36 -13.55
N PRO I 14 18.87 -45.75 -14.31
CA PRO I 14 18.48 -45.25 -15.62
C PRO I 14 17.78 -46.34 -16.41
N GLY I 15 16.74 -45.97 -17.15
CA GLY I 15 15.91 -46.92 -17.88
C GLY I 15 14.87 -47.67 -17.07
N GLY I 16 14.92 -47.58 -15.74
CA GLY I 16 13.92 -48.18 -14.89
C GLY I 16 12.64 -47.35 -14.88
N SER I 17 11.81 -47.63 -13.88
CA SER I 17 10.49 -47.02 -13.77
C SER I 17 10.29 -46.46 -12.37
N LEU I 18 9.41 -45.47 -12.24
CA LEU I 18 9.05 -44.90 -10.95
C LEU I 18 7.54 -44.97 -10.80
N ARG I 19 7.11 -45.19 -9.56
CA ARG I 19 5.68 -45.30 -9.21
C ARG I 19 5.46 -44.44 -7.96
N LEU I 20 4.68 -43.39 -8.10
CA LEU I 20 4.48 -42.44 -7.02
C LEU I 20 3.00 -42.38 -6.71
N SER I 21 2.67 -42.12 -5.44
CA SER I 21 1.28 -41.93 -5.02
C SER I 21 1.17 -40.75 -4.09
N CYS I 22 -0.03 -40.19 -4.00
CA CYS I 22 -0.27 -39.04 -3.15
C CYS I 22 -1.59 -39.24 -2.44
N ALA I 23 -1.56 -39.21 -1.11
CA ALA I 23 -2.76 -39.29 -0.28
C ALA I 23 -3.21 -37.87 0.04
N ALA I 24 -4.41 -37.53 -0.40
CA ALA I 24 -4.97 -36.20 -0.23
C ALA I 24 -6.03 -36.23 0.86
N SER I 25 -6.09 -35.17 1.65
CA SER I 25 -7.12 -35.08 2.69
C SER I 25 -7.45 -33.61 2.94
N GLY I 26 -8.63 -33.37 3.55
CA GLY I 26 -9.08 -32.05 3.93
C GLY I 26 -10.10 -31.45 2.98
N PHE I 27 -10.25 -32.00 1.79
CA PHE I 27 -11.10 -31.38 0.81
C PHE I 27 -11.83 -32.46 0.01
N THR I 28 -12.83 -32.05 -0.76
CA THR I 28 -13.60 -32.99 -1.58
C THR I 28 -12.80 -33.29 -2.84
N PHE I 29 -11.98 -34.35 -2.74
CA PHE I 29 -10.95 -34.68 -3.73
C PHE I 29 -11.49 -34.76 -5.15
N SER I 30 -12.62 -35.42 -5.34
CA SER I 30 -13.04 -35.63 -6.71
C SER I 30 -13.52 -34.36 -7.40
N SER I 31 -13.50 -33.21 -6.76
CA SER I 31 -14.00 -32.02 -7.40
C SER I 31 -12.88 -31.14 -7.94
N PHE I 32 -11.63 -31.55 -7.87
CA PHE I 32 -10.52 -30.70 -8.25
C PHE I 32 -9.56 -31.42 -9.19
N ASN I 33 -9.00 -30.67 -10.13
CA ASN I 33 -7.89 -31.16 -10.92
C ASN I 33 -6.67 -31.35 -10.00
N MET I 34 -5.83 -32.31 -10.35
CA MET I 34 -4.62 -32.52 -9.57
C MET I 34 -3.43 -32.56 -10.52
N PHE I 35 -2.27 -32.13 -10.00
CA PHE I 35 -1.05 -32.00 -10.78
C PHE I 35 0.10 -32.71 -10.08
N TRP I 36 1.05 -33.15 -10.89
CA TRP I 36 2.39 -33.43 -10.46
C TRP I 36 3.31 -32.33 -11.00
N VAL I 37 4.18 -31.84 -10.11
CA VAL I 37 5.17 -30.82 -10.42
C VAL I 37 6.49 -31.31 -9.86
N ARG I 38 7.58 -31.10 -10.60
CA ARG I 38 8.87 -31.63 -10.18
C ARG I 38 9.88 -30.50 -10.11
N GLN I 39 11.01 -30.77 -9.43
CA GLN I 39 12.09 -29.79 -9.28
C GLN I 39 13.43 -30.51 -9.17
N ALA I 40 14.24 -30.41 -10.21
CA ALA I 40 15.58 -30.99 -10.17
C ALA I 40 16.43 -30.24 -9.16
N PRO I 41 17.48 -30.87 -8.62
CA PRO I 41 18.26 -30.21 -7.57
C PRO I 41 18.83 -28.89 -8.05
N GLY I 42 18.57 -27.83 -7.28
CA GLY I 42 19.00 -26.50 -7.67
C GLY I 42 18.34 -25.87 -8.88
N LYS I 43 17.22 -26.38 -9.37
CA LYS I 43 16.59 -25.78 -10.55
C LYS I 43 15.14 -25.40 -10.22
N GLY I 44 14.37 -25.04 -11.26
CA GLY I 44 13.06 -24.46 -11.05
C GLY I 44 11.95 -25.49 -11.03
N LEU I 45 10.73 -25.00 -10.75
CA LEU I 45 9.56 -25.88 -10.83
C LEU I 45 9.24 -26.21 -12.29
N GLU I 46 8.90 -27.47 -12.55
CA GLU I 46 8.50 -27.93 -13.88
C GLU I 46 7.19 -28.69 -13.77
N TRP I 47 6.20 -28.26 -14.54
CA TRP I 47 4.93 -28.97 -14.54
C TRP I 47 5.10 -30.34 -15.22
N VAL I 48 4.66 -31.41 -14.57
CA VAL I 48 4.84 -32.78 -15.06
C VAL I 48 3.58 -33.31 -15.74
N ALA I 49 2.45 -33.27 -15.06
CA ALA I 49 1.25 -33.84 -15.62
C ALA I 49 0.06 -33.26 -14.89
N GLY I 50 -1.10 -33.42 -15.51
CA GLY I 50 -2.33 -33.00 -14.88
C GLY I 50 -3.45 -33.94 -15.25
N ILE I 51 -4.48 -33.96 -14.40
CA ILE I 51 -5.63 -34.83 -14.58
C ILE I 51 -6.86 -34.15 -13.98
N ASP I 52 -8.04 -34.40 -14.60
CA ASP I 52 -9.27 -33.74 -14.20
C ASP I 52 -9.98 -34.57 -13.13
N ASP I 53 -11.01 -33.97 -12.54
CA ASP I 53 -11.79 -34.58 -11.46
C ASP I 53 -12.01 -36.06 -11.62
N ASP I 54 -12.62 -36.46 -12.75
CA ASP I 54 -13.04 -37.83 -12.98
C ASP I 54 -11.91 -38.69 -13.52
N GLY I 55 -10.79 -38.08 -13.93
CA GLY I 55 -9.67 -38.80 -14.48
C GLY I 55 -9.65 -38.89 -15.99
N SER I 56 -10.30 -37.96 -16.70
CA SER I 56 -10.66 -38.17 -18.11
C SER I 56 -9.80 -37.46 -19.15
N TYR I 57 -9.00 -36.45 -18.79
CA TYR I 57 -8.22 -35.73 -19.80
C TYR I 57 -6.81 -35.53 -19.30
N PRO I 58 -6.06 -36.60 -19.11
CA PRO I 58 -4.69 -36.45 -18.62
C PRO I 58 -3.85 -35.68 -19.63
N ASN I 59 -2.96 -34.82 -19.15
CA ASN I 59 -1.97 -34.17 -20.00
C ASN I 59 -0.61 -34.11 -19.31
N TYR I 60 0.42 -33.88 -20.12
CA TYR I 60 1.80 -34.11 -19.73
C TYR I 60 2.68 -32.99 -20.27
N GLY I 61 3.67 -32.59 -19.48
CA GLY I 61 4.68 -31.71 -19.99
C GLY I 61 5.53 -32.39 -21.04
N SER I 62 6.21 -31.57 -21.85
CA SER I 62 6.96 -32.13 -22.98
C SER I 62 7.97 -33.18 -22.53
N ALA I 63 8.63 -32.94 -21.39
CA ALA I 63 9.76 -33.77 -21.02
C ALA I 63 9.34 -35.19 -20.70
N VAL I 64 8.08 -35.41 -20.34
CA VAL I 64 7.63 -36.74 -19.94
C VAL I 64 6.57 -37.30 -20.86
N LYS I 65 6.08 -36.52 -21.83
CA LYS I 65 4.99 -36.99 -22.67
C LYS I 65 5.40 -38.25 -23.39
N GLY I 66 4.54 -39.25 -23.37
CA GLY I 66 4.84 -40.52 -23.95
C GLY I 66 5.48 -41.52 -23.02
N ARG I 67 6.04 -41.07 -21.88
CA ARG I 67 6.66 -41.97 -20.92
C ARG I 67 5.92 -42.03 -19.59
N ALA I 68 4.84 -41.28 -19.44
CA ALA I 68 4.26 -41.02 -18.14
C ALA I 68 2.77 -41.28 -18.17
N THR I 69 2.25 -41.70 -17.02
CA THR I 69 0.81 -41.86 -16.83
C THR I 69 0.40 -41.27 -15.49
N ILE I 70 -0.48 -40.30 -15.54
CA ILE I 70 -1.10 -39.75 -14.36
C ILE I 70 -2.49 -40.34 -14.25
N SER I 71 -2.87 -40.73 -13.03
CA SER I 71 -4.18 -41.29 -12.83
C SER I 71 -4.58 -40.98 -11.40
N ARG I 72 -5.84 -41.27 -11.08
CA ARG I 72 -6.34 -41.04 -9.73
C ARG I 72 -7.38 -42.08 -9.43
N ASP I 73 -7.52 -42.38 -8.15
CA ASP I 73 -8.59 -43.24 -7.66
C ASP I 73 -9.37 -42.39 -6.66
N ASN I 74 -10.53 -41.91 -7.07
CA ASN I 74 -11.26 -40.96 -6.24
C ASN I 74 -11.76 -41.62 -4.96
N SER I 75 -12.06 -42.92 -4.99
CA SER I 75 -12.54 -43.62 -3.82
C SER I 75 -11.49 -43.73 -2.72
N LYS I 76 -10.22 -43.64 -3.04
CA LYS I 76 -9.18 -43.63 -2.03
C LYS I 76 -8.51 -42.28 -1.86
N ASN I 77 -9.06 -41.21 -2.44
CA ASN I 77 -8.45 -39.87 -2.38
C ASN I 77 -6.95 -39.93 -2.70
N THR I 78 -6.60 -40.63 -3.78
CA THR I 78 -5.21 -40.88 -4.09
C THR I 78 -4.90 -40.47 -5.54
N LEU I 79 -3.76 -39.82 -5.73
CA LEU I 79 -3.28 -39.48 -7.06
C LEU I 79 -2.03 -40.31 -7.35
N TYR I 80 -1.86 -40.70 -8.62
CA TYR I 80 -0.72 -41.53 -8.96
C TYR I 80 0.05 -40.93 -10.13
N LEU I 81 1.36 -41.18 -10.13
CA LEU I 81 2.19 -40.91 -11.30
C LEU I 81 3.00 -42.17 -11.59
N GLN I 82 2.96 -42.62 -12.84
CA GLN I 82 3.84 -43.72 -13.27
C GLN I 82 4.71 -43.20 -14.41
N MET I 83 6.00 -43.53 -14.40
CA MET I 83 6.92 -43.06 -15.42
C MET I 83 7.92 -44.15 -15.76
N ASN I 84 8.20 -44.34 -17.05
CA ASN I 84 9.09 -45.35 -17.62
C ASN I 84 10.33 -44.72 -18.24
N SER I 85 11.29 -45.58 -18.61
CA SER I 85 12.51 -45.16 -19.28
C SER I 85 13.13 -43.94 -18.60
N LEU I 86 13.36 -44.08 -17.31
CA LEU I 86 13.82 -42.93 -16.54
C LEU I 86 15.22 -42.48 -16.93
N ARG I 87 15.37 -41.16 -17.06
CA ARG I 87 16.66 -40.54 -17.35
C ARG I 87 17.26 -39.91 -16.10
N ALA I 88 18.58 -39.78 -16.12
CA ALA I 88 19.30 -39.11 -15.04
C ALA I 88 18.68 -37.75 -14.72
N GLU I 89 18.27 -36.99 -15.73
CA GLU I 89 17.66 -35.68 -15.54
C GLU I 89 16.22 -35.77 -15.03
N ASP I 90 15.67 -36.97 -14.79
CA ASP I 90 14.40 -37.11 -14.08
C ASP I 90 14.57 -37.09 -12.57
N THR I 91 15.81 -37.12 -12.11
CA THR I 91 16.13 -36.86 -10.71
C THR I 91 15.52 -35.55 -10.27
N ALA I 92 14.70 -35.60 -9.23
CA ALA I 92 13.98 -34.39 -8.83
C ALA I 92 13.19 -34.72 -7.58
N VAL I 93 12.80 -33.66 -6.86
CA VAL I 93 11.70 -33.75 -5.91
C VAL I 93 10.42 -33.70 -6.72
N TYR I 94 9.53 -34.67 -6.51
CA TYR I 94 8.24 -34.71 -7.18
C TYR I 94 7.16 -34.28 -6.17
N TYR I 95 6.39 -33.27 -6.54
CA TYR I 95 5.37 -32.69 -5.69
C TYR I 95 4.00 -33.08 -6.22
N CYS I 96 3.14 -33.48 -5.30
CA CYS I 96 1.72 -33.54 -5.56
C CYS I 96 1.14 -32.13 -5.39
N ALA I 97 0.22 -31.74 -6.27
CA ALA I 97 -0.32 -30.38 -6.20
C ALA I 97 -1.80 -30.33 -6.53
N LYS I 98 -2.57 -29.62 -5.70
CA LYS I 98 -4.01 -29.50 -5.89
C LYS I 98 -4.35 -28.13 -6.49
N SER I 99 -5.16 -28.14 -7.54
CA SER I 99 -5.66 -26.95 -8.18
C SER I 99 -6.88 -26.41 -7.42
N GLY I 100 -7.10 -25.10 -7.53
CA GLY I 100 -8.29 -24.50 -6.95
C GLY I 100 -9.55 -24.75 -7.76
N TYR I 101 -9.45 -25.32 -8.94
CA TYR I 101 -10.68 -25.60 -9.67
C TYR I 101 -10.64 -27.01 -10.23
N GLY I 102 -11.78 -27.48 -10.71
CA GLY I 102 -11.87 -28.79 -11.31
C GLY I 102 -12.51 -28.69 -12.67
N GLY I 103 -12.20 -29.66 -13.51
CA GLY I 103 -12.73 -29.74 -14.87
C GLY I 103 -11.66 -29.49 -15.92
N SER I 104 -11.75 -30.24 -17.01
CA SER I 104 -10.84 -30.01 -18.13
C SER I 104 -11.39 -30.70 -19.37
N TRP I 105 -11.08 -30.13 -20.52
CA TRP I 105 -11.23 -30.76 -21.82
C TRP I 105 -9.87 -30.96 -22.48
N GLY I 106 -8.82 -31.10 -21.68
CA GLY I 106 -7.47 -31.26 -22.20
C GLY I 106 -6.54 -30.13 -21.86
N GLY I 107 -7.08 -28.95 -21.57
CA GLY I 107 -6.27 -27.81 -21.16
C GLY I 107 -6.08 -27.76 -19.65
N TYR I 108 -4.86 -27.37 -19.23
CA TYR I 108 -4.54 -27.08 -17.84
C TYR I 108 -3.69 -25.84 -17.80
N ILE I 109 -3.84 -25.04 -16.74
CA ILE I 109 -3.03 -23.86 -16.51
C ILE I 109 -2.65 -23.84 -15.05
N ALA I 110 -1.38 -23.53 -14.76
CA ALA I 110 -0.87 -23.55 -13.39
C ALA I 110 -1.07 -22.23 -12.68
N ASP I 111 -2.20 -21.57 -12.95
CA ASP I 111 -2.47 -20.27 -12.38
C ASP I 111 -3.14 -20.37 -11.01
N ASP I 112 -3.52 -21.56 -10.57
CA ASP I 112 -4.25 -21.68 -9.31
C ASP I 112 -3.95 -23.03 -8.64
N ILE I 113 -2.69 -23.30 -8.37
CA ILE I 113 -2.35 -24.38 -7.44
C ILE I 113 -2.52 -23.82 -6.05
N ASP I 114 -3.39 -24.40 -5.24
CA ASP I 114 -3.59 -23.81 -3.92
C ASP I 114 -3.15 -24.71 -2.77
N ALA I 115 -2.64 -25.90 -3.06
CA ALA I 115 -2.06 -26.72 -2.01
C ALA I 115 -0.89 -27.51 -2.60
N TRP I 116 0.15 -27.66 -1.81
CA TRP I 116 1.37 -28.35 -2.20
C TRP I 116 1.68 -29.44 -1.21
N GLY I 117 2.12 -30.61 -1.72
CA GLY I 117 2.68 -31.61 -0.85
C GLY I 117 4.08 -31.21 -0.41
N GLN I 118 4.71 -32.05 0.41
CA GLN I 118 6.11 -31.79 0.72
C GLN I 118 7.08 -32.46 -0.24
N GLY I 119 6.59 -33.25 -1.18
CA GLY I 119 7.48 -33.74 -2.23
C GLY I 119 8.18 -35.03 -1.84
N THR I 120 8.57 -35.80 -2.85
CA THR I 120 9.34 -37.01 -2.62
C THR I 120 10.46 -37.05 -3.65
N LEU I 121 11.68 -37.34 -3.19
CA LEU I 121 12.88 -37.26 -4.02
C LEU I 121 13.08 -38.54 -4.79
N VAL I 122 13.14 -38.42 -6.11
CA VAL I 122 13.50 -39.53 -6.99
C VAL I 122 14.91 -39.30 -7.50
N THR I 123 15.79 -40.25 -7.19
CA THR I 123 17.18 -40.23 -7.62
C THR I 123 17.36 -41.28 -8.71
N VAL I 124 17.74 -40.84 -9.90
CA VAL I 124 17.99 -41.73 -11.02
C VAL I 124 19.48 -41.79 -11.25
N SER I 125 20.09 -42.92 -10.90
CA SER I 125 21.54 -43.08 -10.90
C SER I 125 21.89 -44.57 -10.95
N SER I 126 23.05 -44.85 -11.53
CA SER I 126 23.68 -46.16 -11.55
C SER I 126 24.53 -46.45 -10.31
N ALA I 127 24.79 -45.47 -9.44
CA ALA I 127 25.48 -45.77 -8.19
C ALA I 127 24.59 -46.62 -7.29
N SER I 128 25.23 -47.40 -6.43
CA SER I 128 24.52 -48.30 -5.54
C SER I 128 24.19 -47.60 -4.23
N THR I 129 23.08 -48.01 -3.64
CA THR I 129 22.73 -47.52 -2.32
C THR I 129 23.79 -47.93 -1.33
N LYS I 130 24.03 -47.05 -0.37
CA LYS I 130 24.83 -47.37 0.78
C LYS I 130 24.11 -46.75 1.98
N GLY I 131 23.85 -47.59 2.99
CA GLY I 131 23.24 -47.15 4.23
C GLY I 131 24.25 -46.50 5.15
N PRO I 132 23.80 -45.60 6.01
CA PRO I 132 24.74 -44.88 6.86
C PRO I 132 25.12 -45.65 8.13
N SER I 133 26.31 -45.32 8.62
CA SER I 133 26.71 -45.65 9.98
C SER I 133 26.29 -44.48 10.89
N VAL I 134 25.76 -44.80 12.07
CA VAL I 134 25.24 -43.79 12.97
C VAL I 134 26.04 -43.82 14.26
N PHE I 135 26.53 -42.66 14.69
CA PHE I 135 27.31 -42.56 15.92
C PHE I 135 26.78 -41.45 16.81
N PRO I 136 26.78 -41.63 18.13
CA PRO I 136 26.24 -40.60 19.03
C PRO I 136 27.23 -39.47 19.20
N LEU I 137 26.71 -38.24 19.26
CA LEU I 137 27.54 -37.05 19.45
C LEU I 137 27.22 -36.55 20.85
N ALA I 138 28.03 -37.00 21.82
CA ALA I 138 27.77 -36.85 23.24
C ALA I 138 28.09 -35.45 23.74
N PRO I 139 27.31 -34.94 24.70
CA PRO I 139 27.55 -33.71 25.44
C PRO I 139 28.55 -33.87 26.54
N GLY I 147 23.22 -24.94 31.89
CA GLY I 147 21.88 -24.58 31.45
C GLY I 147 21.33 -25.45 30.33
N THR I 148 21.97 -25.40 29.16
CA THR I 148 21.61 -26.25 28.04
C THR I 148 22.84 -27.02 27.61
N ALA I 149 22.60 -28.16 26.97
CA ALA I 149 23.64 -28.99 26.41
C ALA I 149 23.21 -29.36 25.01
N ALA I 150 24.22 -29.49 24.14
CA ALA I 150 24.05 -29.92 22.76
C ALA I 150 24.43 -31.39 22.66
N LEU I 151 23.52 -32.20 22.16
CA LEU I 151 23.86 -33.58 21.90
C LEU I 151 23.33 -33.93 20.53
N GLY I 152 23.87 -34.99 19.96
CA GLY I 152 23.44 -35.26 18.62
C GLY I 152 23.77 -36.66 18.17
N CYS I 153 23.55 -36.89 16.88
CA CYS I 153 24.12 -38.09 16.33
C CYS I 153 24.51 -37.80 14.91
N LEU I 154 25.56 -38.49 14.53
CA LEU I 154 26.23 -38.30 13.26
C LEU I 154 25.80 -39.43 12.34
N VAL I 155 25.45 -39.08 11.11
CA VAL I 155 24.92 -40.00 10.13
C VAL I 155 25.87 -40.01 8.94
N LYS I 156 26.76 -41.01 8.87
CA LYS I 156 27.96 -40.98 8.03
C LYS I 156 27.82 -41.87 6.81
N ASP I 157 28.27 -41.35 5.66
CA ASP I 157 28.53 -42.08 4.43
C ASP I 157 27.28 -42.85 3.95
N TYR I 158 26.29 -42.12 3.43
CA TYR I 158 25.12 -42.78 2.86
C TYR I 158 24.84 -42.27 1.45
N PHE I 159 24.05 -43.05 0.72
CA PHE I 159 23.63 -42.65 -0.62
C PHE I 159 22.39 -43.42 -1.01
N PRO I 160 21.36 -42.79 -1.60
CA PRO I 160 21.19 -41.37 -1.87
C PRO I 160 20.51 -40.63 -0.75
N GLU I 161 20.32 -39.32 -0.94
CA GLU I 161 19.38 -38.63 -0.10
C GLU I 161 17.99 -39.21 -0.34
N PRO I 162 17.08 -39.07 0.63
CA PRO I 162 17.24 -38.43 1.94
C PRO I 162 17.41 -39.39 3.14
N VAL I 163 17.82 -38.80 4.25
CA VAL I 163 17.79 -39.44 5.56
C VAL I 163 16.80 -38.65 6.41
N THR I 164 15.99 -39.36 7.20
CA THR I 164 15.15 -38.71 8.21
C THR I 164 15.74 -39.01 9.59
N VAL I 165 15.74 -38.00 10.46
CA VAL I 165 16.16 -38.18 11.84
C VAL I 165 15.05 -37.64 12.73
N SER I 166 14.56 -38.46 13.64
CA SER I 166 13.65 -37.98 14.67
C SER I 166 14.34 -38.17 16.02
N TRP I 167 13.77 -37.61 17.07
CA TRP I 167 14.30 -37.80 18.41
C TRP I 167 13.21 -38.35 19.32
N ASN I 168 13.58 -39.36 20.10
CA ASN I 168 12.68 -40.05 21.01
C ASN I 168 11.39 -40.46 20.27
N SER I 169 11.57 -41.06 19.10
CA SER I 169 10.44 -41.54 18.27
C SER I 169 9.46 -40.43 17.91
N GLY I 170 9.95 -39.20 17.75
CA GLY I 170 9.11 -38.08 17.41
C GLY I 170 8.44 -37.41 18.59
N ALA I 171 8.63 -37.94 19.80
CA ALA I 171 8.06 -37.27 20.95
C ALA I 171 8.85 -36.01 21.33
N LEU I 172 10.11 -35.90 20.88
CA LEU I 172 10.99 -34.75 21.20
C LEU I 172 11.17 -33.95 19.93
N THR I 173 10.56 -32.77 19.89
CA THR I 173 10.62 -31.93 18.72
C THR I 173 11.21 -30.57 19.05
N SER I 174 11.18 -30.17 20.30
CA SER I 174 11.72 -28.89 20.73
C SER I 174 13.25 -28.95 20.77
N GLY I 175 13.91 -27.96 20.16
CA GLY I 175 15.36 -27.86 20.15
C GLY I 175 16.11 -28.69 19.13
N VAL I 176 15.40 -29.26 18.16
CA VAL I 176 16.01 -30.19 17.21
C VAL I 176 16.54 -29.41 16.03
N HIS I 177 17.79 -29.68 15.64
CA HIS I 177 18.40 -29.02 14.47
C HIS I 177 19.13 -30.11 13.67
N THR I 178 18.52 -30.57 12.61
CA THR I 178 19.15 -31.48 11.67
C THR I 178 19.74 -30.64 10.54
N PHE I 179 21.08 -30.74 10.36
CA PHE I 179 21.87 -29.93 9.47
C PHE I 179 21.84 -30.50 8.06
N PRO I 180 21.85 -29.64 7.03
CA PRO I 180 21.99 -30.17 5.66
C PRO I 180 23.20 -31.07 5.54
N ALA I 181 23.08 -32.05 4.66
CA ALA I 181 24.14 -33.05 4.45
C ALA I 181 25.29 -32.46 3.65
N VAL I 182 26.48 -32.96 3.91
CA VAL I 182 27.64 -32.74 3.03
C VAL I 182 27.69 -33.85 1.98
N LEU I 183 27.97 -33.47 0.75
CA LEU I 183 28.24 -34.42 -0.33
C LEU I 183 29.76 -34.56 -0.39
N GLN I 184 30.27 -35.73 -0.03
CA GLN I 184 31.72 -35.85 0.03
C GLN I 184 32.31 -36.09 -1.35
N SER I 185 33.62 -35.86 -1.48
CA SER I 185 34.28 -36.10 -2.75
C SER I 185 34.05 -37.51 -3.26
N SER I 186 33.82 -38.46 -2.34
CA SER I 186 33.52 -39.85 -2.67
C SER I 186 32.12 -40.07 -3.20
N GLY I 187 31.25 -39.05 -3.21
CA GLY I 187 29.89 -39.27 -3.64
C GLY I 187 28.95 -39.77 -2.57
N LEU I 188 29.43 -40.01 -1.36
CA LEU I 188 28.59 -40.35 -0.23
C LEU I 188 28.26 -39.10 0.59
N TYR I 189 27.10 -39.13 1.25
CA TYR I 189 26.61 -38.04 2.08
C TYR I 189 26.81 -38.30 3.58
N SER I 190 26.92 -37.22 4.33
CA SER I 190 26.96 -37.24 5.78
C SER I 190 26.20 -36.02 6.30
N LEU I 191 25.47 -36.20 7.40
CA LEU I 191 24.80 -35.09 8.06
C LEU I 191 24.88 -35.34 9.55
N SER I 192 24.46 -34.32 10.30
CA SER I 192 24.38 -34.40 11.74
C SER I 192 23.05 -33.81 12.19
N SER I 193 22.51 -34.37 13.26
CA SER I 193 21.32 -33.85 13.91
C SER I 193 21.65 -33.53 15.36
N VAL I 194 21.37 -32.30 15.80
CA VAL I 194 21.71 -31.86 17.14
C VAL I 194 20.44 -31.35 17.81
N VAL I 195 20.15 -31.90 19.00
CA VAL I 195 19.06 -31.43 19.83
C VAL I 195 19.69 -30.72 21.02
N THR I 196 19.22 -29.52 21.29
CA THR I 196 19.61 -28.78 22.48
C THR I 196 18.69 -29.16 23.64
N VAL I 197 19.27 -29.61 24.75
CA VAL I 197 18.48 -30.14 25.85
C VAL I 197 18.83 -29.40 27.13
N PRO I 198 17.91 -29.38 28.10
CA PRO I 198 18.22 -28.83 29.42
C PRO I 198 19.26 -29.69 30.08
N SER I 199 20.32 -29.05 30.57
CA SER I 199 21.37 -29.77 31.30
C SER I 199 20.81 -30.56 32.49
N SER I 200 19.76 -30.04 33.14
CA SER I 200 19.16 -30.70 34.30
C SER I 200 18.54 -32.04 33.95
N SER I 201 18.35 -32.34 32.68
CA SER I 201 17.72 -33.58 32.28
C SER I 201 18.71 -34.69 31.96
N LEU I 202 20.01 -34.37 31.87
CA LEU I 202 20.99 -35.31 31.31
C LEU I 202 21.08 -36.59 32.11
N GLY I 203 20.87 -36.53 33.42
CA GLY I 203 20.95 -37.74 34.23
C GLY I 203 19.73 -38.64 34.11
N THR I 204 18.57 -38.08 33.82
CA THR I 204 17.33 -38.80 33.99
C THR I 204 16.55 -39.03 32.69
N GLN I 205 16.74 -38.20 31.68
CA GLN I 205 15.96 -38.29 30.45
C GLN I 205 16.77 -39.02 29.37
N THR I 206 16.18 -40.05 28.80
CA THR I 206 16.85 -40.79 27.74
C THR I 206 16.66 -40.11 26.39
N TYR I 207 17.74 -39.96 25.66
CA TYR I 207 17.72 -39.30 24.36
C TYR I 207 18.14 -40.30 23.31
N ILE I 208 17.24 -40.58 22.39
CA ILE I 208 17.50 -41.51 21.31
C ILE I 208 17.22 -40.78 20.00
N CYS I 209 18.17 -40.86 19.09
CA CYS I 209 17.89 -40.46 17.73
C CYS I 209 17.49 -41.67 16.89
N ASN I 210 16.48 -41.48 16.04
CA ASN I 210 15.93 -42.53 15.20
C ASN I 210 16.23 -42.17 13.75
N VAL I 211 17.14 -42.91 13.13
CA VAL I 211 17.59 -42.63 11.77
C VAL I 211 16.92 -43.61 10.82
N ASN I 212 16.32 -43.08 9.76
CA ASN I 212 15.70 -43.93 8.77
C ASN I 212 16.25 -43.52 7.41
N HIS I 213 16.87 -44.47 6.73
CA HIS I 213 17.34 -44.29 5.38
C HIS I 213 16.62 -45.33 4.54
N LYS I 214 15.52 -44.92 3.91
CA LYS I 214 14.68 -45.87 3.19
C LYS I 214 15.35 -46.58 2.04
N PRO I 215 16.12 -45.95 1.15
CA PRO I 215 16.67 -46.71 0.01
C PRO I 215 17.56 -47.88 0.43
N SER I 216 18.14 -47.85 1.61
CA SER I 216 18.96 -48.96 2.07
C SER I 216 18.26 -49.84 3.09
N ASN I 217 16.99 -49.56 3.41
CA ASN I 217 16.30 -50.27 4.50
C ASN I 217 17.03 -50.17 5.83
N THR I 218 17.62 -49.01 6.11
CA THR I 218 18.33 -48.78 7.37
C THR I 218 17.42 -48.04 8.34
N LYS I 219 17.19 -48.64 9.50
CA LYS I 219 16.50 -48.03 10.63
C LYS I 219 17.39 -48.28 11.84
N VAL I 220 17.95 -47.23 12.43
CA VAL I 220 18.88 -47.34 13.54
C VAL I 220 18.41 -46.43 14.65
N ASP I 221 18.31 -46.94 15.87
CA ASP I 221 18.11 -46.13 17.08
C ASP I 221 19.39 -46.09 17.88
N LYS I 222 19.81 -44.87 18.22
CA LYS I 222 21.07 -44.62 18.91
C LYS I 222 20.82 -43.84 20.19
N LYS I 223 21.16 -44.47 21.34
CA LYS I 223 21.13 -43.78 22.61
C LYS I 223 22.31 -42.83 22.70
N VAL I 224 22.03 -41.57 23.11
CA VAL I 224 23.04 -40.53 23.17
C VAL I 224 23.12 -40.11 24.63
N GLU I 225 24.21 -40.45 25.27
CA GLU I 225 24.47 -40.28 26.69
C GLU I 225 25.64 -39.36 26.88
N PRO I 226 25.76 -38.74 28.05
CA PRO I 226 27.00 -38.09 28.47
C PRO I 226 28.13 -39.11 28.65
N LYS J 10 44.72 -1.14 24.31
CA LYS J 10 44.24 0.12 23.73
C LYS J 10 45.27 0.71 22.72
N CYS J 11 45.87 1.82 23.15
CA CYS J 11 46.92 2.55 22.49
C CYS J 11 48.29 1.95 22.82
N GLN J 12 49.27 2.27 22.00
CA GLN J 12 50.63 1.76 22.12
C GLN J 12 51.59 2.94 22.03
N PRO J 13 52.73 2.87 22.73
CA PRO J 13 53.68 3.97 22.64
C PRO J 13 54.18 4.12 21.21
N ILE J 14 54.53 5.36 20.85
CA ILE J 14 55.03 5.64 19.50
C ILE J 14 56.45 5.11 19.35
N GLU J 15 56.66 4.31 18.32
CA GLU J 15 57.97 3.77 18.01
C GLU J 15 58.57 4.40 16.76
N ILE J 16 57.78 5.13 15.99
CA ILE J 16 58.22 5.79 14.76
C ILE J 16 59.10 6.98 15.14
N PRO J 17 60.41 6.92 14.87
CA PRO J 17 61.32 7.93 15.46
C PRO J 17 60.92 9.36 15.15
N MET J 18 60.41 9.56 13.95
CA MET J 18 60.05 10.90 13.50
C MET J 18 58.83 11.45 14.25
N CYS J 19 58.00 10.58 14.82
CA CYS J 19 56.80 11.01 15.51
C CYS J 19 56.86 10.93 17.02
N LYS J 20 58.04 10.62 17.58
CA LYS J 20 58.24 10.77 19.01
C LYS J 20 58.37 12.24 19.37
N ASP J 21 57.93 12.59 20.59
CA ASP J 21 58.15 13.90 21.20
C ASP J 21 57.49 15.02 20.40
N ILE J 22 56.27 14.79 19.93
CA ILE J 22 55.50 15.83 19.25
C ILE J 22 54.21 16.15 19.98
N GLY J 23 54.09 15.76 21.25
CA GLY J 23 52.98 16.24 22.04
C GLY J 23 51.81 15.30 22.26
N TYR J 24 51.87 14.08 21.72
CA TYR J 24 51.05 13.00 22.24
C TYR J 24 51.94 11.77 22.25
N GLN J 25 51.72 10.90 23.25
CA GLN J 25 52.66 9.80 23.49
C GLN J 25 52.26 8.50 22.82
N MET J 26 50.98 8.32 22.46
CA MET J 26 50.42 7.05 22.02
C MET J 26 49.79 7.12 20.64
N THR J 27 49.99 6.07 19.84
CA THR J 27 49.32 5.90 18.57
C THR J 27 48.60 4.57 18.57
N ARG J 28 48.11 4.15 17.42
CA ARG J 28 47.49 2.83 17.34
C ARG J 28 47.50 2.39 15.89
N MET J 29 47.81 1.12 15.67
CA MET J 29 47.93 0.59 14.34
C MET J 29 46.73 -0.31 14.03
N PRO J 30 46.30 -0.38 12.77
CA PRO J 30 46.85 0.26 11.57
C PRO J 30 46.66 1.77 11.53
N ASN J 31 47.60 2.49 10.90
CA ASN J 31 47.49 3.94 10.80
C ASN J 31 46.57 4.31 9.65
N LEU J 32 46.40 5.60 9.40
CA LEU J 32 45.48 6.03 8.36
C LEU J 32 46.05 5.82 6.98
N MET J 33 47.32 5.45 6.88
CA MET J 33 47.94 5.15 5.59
C MET J 33 47.82 3.68 5.24
N GLY J 34 47.21 2.89 6.12
CA GLY J 34 47.04 1.46 5.92
C GLY J 34 48.19 0.56 6.36
N HIS J 35 49.23 1.10 7.03
CA HIS J 35 50.38 0.32 7.49
C HIS J 35 49.98 -0.49 8.71
N GLU J 36 50.36 -1.79 8.73
CA GLU J 36 49.80 -2.60 9.81
C GLU J 36 50.61 -2.59 11.09
N ASN J 37 51.89 -2.22 11.04
CA ASN J 37 52.72 -2.11 12.23
C ASN J 37 53.56 -0.85 12.08
N GLN J 38 54.17 -0.42 13.18
CA GLN J 38 54.93 0.84 13.16
C GLN J 38 56.23 0.75 12.36
N ARG J 39 56.85 -0.43 12.28
CA ARG J 39 58.10 -0.49 11.52
C ARG J 39 57.85 -0.20 10.05
N GLU J 40 56.77 -0.76 9.49
CA GLU J 40 56.41 -0.47 8.10
C GLU J 40 56.07 1.02 7.94
N ALA J 41 55.31 1.60 8.89
CA ALA J 41 55.05 3.03 8.82
C ALA J 41 56.37 3.80 8.86
N ALA J 42 57.28 3.43 9.78
CA ALA J 42 58.59 4.10 9.84
C ALA J 42 59.34 3.97 8.52
N ILE J 43 59.31 2.79 7.89
CA ILE J 43 60.03 2.60 6.63
C ILE J 43 59.45 3.53 5.57
N GLN J 44 58.12 3.53 5.44
CA GLN J 44 57.45 4.34 4.39
C GLN J 44 57.61 5.82 4.67
N LEU J 45 57.92 6.20 5.90
CA LEU J 45 58.08 7.64 6.23
C LEU J 45 59.51 8.07 6.01
N HIS J 46 60.39 7.15 5.66
CA HIS J 46 61.84 7.44 5.47
C HIS J 46 62.09 8.43 4.34
N GLU J 47 61.23 8.46 3.31
CA GLU J 47 61.35 9.40 2.17
C GLU J 47 61.27 10.84 2.66
N PHE J 48 60.47 11.13 3.69
CA PHE J 48 60.28 12.49 4.22
C PHE J 48 61.35 12.94 5.22
N ALA J 49 62.30 12.10 5.61
CA ALA J 49 63.26 12.52 6.66
C ALA J 49 64.07 13.74 6.24
N PRO J 50 64.58 13.79 5.00
CA PRO J 50 65.30 14.96 4.55
C PRO J 50 64.45 16.23 4.68
N LEU J 51 63.23 16.20 4.17
CA LEU J 51 62.36 17.37 4.23
C LEU J 51 62.04 17.76 5.68
N VAL J 52 61.88 16.78 6.56
CA VAL J 52 61.56 17.09 7.96
C VAL J 52 62.75 17.71 8.66
N GLU J 53 63.98 17.22 8.36
CA GLU J 53 65.19 17.79 8.95
C GLU J 53 65.43 19.21 8.46
N TYR J 54 65.43 19.40 7.14
CA TYR J 54 65.30 20.75 6.61
C TYR J 54 64.05 21.36 7.23
N GLY J 55 64.02 22.67 7.35
CA GLY J 55 62.84 23.24 7.99
C GLY J 55 61.94 24.03 7.06
N CYS J 56 61.00 23.39 6.34
CA CYS J 56 60.20 24.23 5.43
C CYS J 56 59.01 24.94 6.10
N HIS J 57 58.94 24.93 7.44
CA HIS J 57 57.95 25.74 8.18
C HIS J 57 56.52 25.48 7.74
N GLY J 58 56.21 24.22 7.41
CA GLY J 58 54.87 23.86 7.04
C GLY J 58 54.18 22.95 8.03
N HIS J 59 54.73 22.82 9.25
CA HIS J 59 54.22 21.84 10.22
C HIS J 59 54.21 20.45 9.61
N LEU J 60 55.23 20.16 8.79
CA LEU J 60 55.26 18.90 8.06
C LEU J 60 55.31 17.71 9.00
N ARG J 61 56.09 17.82 10.08
CA ARG J 61 56.20 16.71 11.01
C ARG J 61 54.87 16.42 11.67
N PHE J 62 54.23 17.45 12.21
CA PHE J 62 52.89 17.28 12.79
C PHE J 62 51.92 16.69 11.79
N PHE J 63 51.90 17.20 10.57
CA PHE J 63 50.93 16.73 9.59
C PHE J 63 51.15 15.25 9.27
N LEU J 64 52.37 14.87 8.88
CA LEU J 64 52.67 13.48 8.56
C LEU J 64 52.33 12.56 9.72
N CYS J 65 52.72 12.97 10.94
CA CYS J 65 52.50 12.08 12.08
C CYS J 65 51.02 11.97 12.44
N SER J 66 50.22 12.99 12.14
CA SER J 66 48.78 12.84 12.34
C SER J 66 48.19 11.70 11.52
N LEU J 67 48.84 11.33 10.41
CA LEU J 67 48.41 10.23 9.56
C LEU J 67 49.20 8.96 9.76
N TYR J 68 50.52 9.04 9.93
CA TYR J 68 51.33 7.84 10.05
C TYR J 68 51.41 7.29 11.47
N ALA J 69 51.29 8.14 12.48
CA ALA J 69 51.27 7.71 13.88
C ALA J 69 50.15 8.50 14.56
N PRO J 70 48.92 8.23 14.17
CA PRO J 70 47.82 9.08 14.61
C PRO J 70 47.68 9.04 16.11
N MET J 71 47.35 10.18 16.71
CA MET J 71 47.11 10.21 18.15
C MET J 71 46.10 9.15 18.52
N CYS J 72 46.38 8.39 19.55
CA CYS J 72 45.39 7.47 20.07
C CYS J 72 45.09 7.81 21.52
N THR J 73 43.81 8.00 21.83
CA THR J 73 43.41 7.97 23.22
C THR J 73 42.08 7.25 23.34
N GLU J 74 41.79 6.95 24.58
CA GLU J 74 40.52 6.46 25.08
C GLU J 74 39.36 7.41 24.80
N GLN J 75 39.61 8.70 24.67
CA GLN J 75 38.52 9.67 24.57
C GLN J 75 37.76 9.59 23.23
N VAL J 76 38.47 9.31 22.10
CA VAL J 76 37.68 9.12 20.87
C VAL J 76 37.97 7.75 20.27
N SER J 77 36.98 7.24 19.52
CA SER J 77 37.10 5.94 18.87
C SER J 77 38.03 5.97 17.65
N THR J 78 37.68 6.75 16.61
CA THR J 78 38.43 6.80 15.36
C THR J 78 39.45 7.96 15.31
N PRO J 79 40.55 7.81 14.54
CA PRO J 79 41.59 8.85 14.52
C PRO J 79 41.09 10.21 14.01
N ILE J 80 41.76 11.26 14.47
CA ILE J 80 41.51 12.64 14.09
C ILE J 80 42.73 13.13 13.30
N PRO J 81 42.65 13.15 11.99
CA PRO J 81 43.78 13.56 11.17
C PRO J 81 43.92 15.08 11.20
N ALA J 82 45.05 15.56 10.66
CA ALA J 82 45.17 17.00 10.47
C ALA J 82 44.11 17.49 9.48
N CYS J 83 43.73 18.76 9.59
CA CYS J 83 42.74 19.29 8.65
C CYS J 83 43.33 19.42 7.25
N ARG J 84 42.45 19.48 6.26
CA ARG J 84 42.89 19.60 4.87
C ARG J 84 43.77 20.85 4.68
N VAL J 85 43.43 21.96 5.36
CA VAL J 85 44.20 23.21 5.17
C VAL J 85 45.64 23.02 5.62
N MET J 86 45.88 22.19 6.63
CA MET J 86 47.25 21.88 7.06
C MET J 86 47.96 21.07 5.99
N CYS J 87 47.27 20.08 5.42
CA CYS J 87 47.86 19.34 4.31
C CYS J 87 48.28 20.32 3.21
N GLU J 88 47.40 21.28 2.89
CA GLU J 88 47.65 22.15 1.74
C GLU J 88 48.76 23.15 2.05
N GLN J 89 48.82 23.64 3.29
CA GLN J 89 49.89 24.57 3.62
C GLN J 89 51.24 23.87 3.68
N ALA J 90 51.27 22.62 4.16
CA ALA J 90 52.53 21.89 4.17
C ALA J 90 53.02 21.66 2.76
N ARG J 91 52.14 21.21 1.88
CA ARG J 91 52.52 20.91 0.48
C ARG J 91 53.02 22.18 -0.21
N LEU J 92 52.44 23.33 0.13
CA LEU J 92 52.84 24.58 -0.51
C LEU J 92 54.14 25.12 0.08
N LYS J 93 54.31 25.06 1.41
CA LYS J 93 55.48 25.64 2.03
C LYS J 93 56.74 24.84 1.74
N CYS J 94 56.61 23.52 1.60
CA CYS J 94 57.73 22.69 1.19
C CYS J 94 57.79 22.48 -0.31
N SER J 95 57.02 23.25 -1.07
CA SER J 95 57.04 23.05 -2.52
C SER J 95 58.39 23.41 -3.14
N PRO J 96 58.99 24.58 -2.85
CA PRO J 96 60.28 24.91 -3.50
C PRO J 96 61.36 23.92 -3.17
N ILE J 97 61.43 23.53 -1.89
CA ILE J 97 62.45 22.61 -1.44
C ILE J 97 62.19 21.21 -1.97
N MET J 98 60.94 20.87 -2.23
CA MET J 98 60.67 19.57 -2.83
C MET J 98 61.10 19.55 -4.29
N GLU J 99 60.91 20.67 -5.01
CA GLU J 99 61.34 20.73 -6.39
C GLU J 99 62.85 20.55 -6.43
N GLN J 100 63.54 21.19 -5.49
CA GLN J 100 65.00 21.15 -5.41
C GLN J 100 65.51 19.74 -5.15
N PHE J 101 64.77 18.93 -4.40
CA PHE J 101 65.20 17.57 -4.11
C PHE J 101 64.69 16.54 -5.12
N ASN J 102 64.15 16.99 -6.24
CA ASN J 102 63.34 16.15 -7.11
C ASN J 102 62.48 15.17 -6.30
N PHE J 103 61.69 15.74 -5.39
CA PHE J 103 60.74 14.99 -4.56
C PHE J 103 59.34 15.46 -4.93
N LYS J 104 58.48 14.51 -5.29
CA LYS J 104 57.10 14.86 -5.66
C LYS J 104 56.17 14.45 -4.53
N TRP J 105 55.14 15.25 -4.31
CA TRP J 105 54.17 14.95 -3.27
C TRP J 105 53.42 13.66 -3.61
N PRO J 106 53.43 12.65 -2.74
CA PRO J 106 52.81 11.38 -3.11
C PRO J 106 51.30 11.53 -3.19
N ASP J 107 50.70 10.69 -4.03
CA ASP J 107 49.23 10.68 -4.28
C ASP J 107 48.52 10.12 -3.05
N SER J 108 49.24 9.40 -2.21
CA SER J 108 48.71 8.90 -0.96
C SER J 108 48.47 10.02 0.04
N LEU J 109 49.01 11.21 -0.18
CA LEU J 109 48.76 12.37 0.65
C LEU J 109 47.94 13.41 -0.09
N ASP J 110 47.01 12.95 -0.95
CA ASP J 110 46.08 13.82 -1.63
C ASP J 110 45.24 14.60 -0.62
N CYS J 111 45.51 15.90 -0.52
CA CYS J 111 44.88 16.69 0.52
C CYS J 111 43.38 16.72 0.38
N ARG J 112 42.88 16.55 -0.86
CA ARG J 112 41.44 16.59 -1.05
C ARG J 112 40.73 15.54 -0.21
N LYS J 113 41.45 14.51 0.27
CA LYS J 113 40.83 13.46 1.08
C LYS J 113 40.50 13.90 2.52
N LEU J 114 41.11 14.97 3.04
CA LEU J 114 40.98 15.28 4.45
C LEU J 114 39.78 16.19 4.68
N PRO J 115 39.15 16.08 5.84
CA PRO J 115 38.09 17.03 6.19
C PRO J 115 38.67 18.38 6.52
N ASN J 116 37.82 19.40 6.46
CA ASN J 116 38.22 20.66 7.05
C ASN J 116 37.46 20.87 8.34
N LYS J 117 37.74 22.01 8.98
CA LYS J 117 37.20 22.27 10.29
C LYS J 117 35.67 22.35 10.24
N ASN J 118 35.05 22.15 11.41
CA ASN J 118 33.60 22.33 11.54
C ASN J 118 32.80 21.28 10.77
N ASP J 119 33.38 20.11 10.52
CA ASP J 119 32.59 18.95 10.09
C ASP J 119 32.30 18.14 11.36
N PRO J 120 31.03 18.04 11.80
CA PRO J 120 30.76 17.38 13.10
C PRO J 120 31.00 15.87 13.08
N ASN J 121 30.96 15.24 11.92
CA ASN J 121 31.15 13.79 11.77
C ASN J 121 32.61 13.39 11.55
N TYR J 122 33.47 14.30 11.09
CA TYR J 122 34.91 14.03 10.99
C TYR J 122 35.69 15.19 11.59
N LEU J 123 36.17 15.01 12.83
CA LEU J 123 37.01 16.03 13.44
C LEU J 123 38.41 16.06 12.82
N CYS J 124 39.05 17.22 12.86
CA CYS J 124 40.42 17.28 12.40
C CYS J 124 41.24 18.21 13.31
N MET J 125 42.56 18.03 13.25
CA MET J 125 43.48 18.79 14.07
C MET J 125 44.14 19.89 13.28
N GLU J 126 44.41 20.99 13.96
CA GLU J 126 45.37 21.99 13.53
C GLU J 126 46.55 21.95 14.48
N ALA J 127 47.65 22.56 14.07
CA ALA J 127 48.90 22.34 14.78
C ALA J 127 48.93 23.09 16.12
N PRO J 128 49.67 22.56 17.12
CA PRO J 128 49.84 23.24 18.41
C PRO J 128 50.58 24.56 18.29
N GLU K 1 27.41 29.52 -1.29
CA GLU K 1 28.73 30.12 -1.15
C GLU K 1 29.59 30.00 -2.43
N LEU K 2 29.62 28.84 -3.08
CA LEU K 2 30.19 28.78 -4.42
C LEU K 2 29.28 29.56 -5.34
N THR K 3 29.82 30.58 -6.00
CA THR K 3 28.94 31.49 -6.73
C THR K 3 29.33 31.53 -8.19
N GLN K 4 28.30 31.44 -9.04
CA GLN K 4 28.31 31.57 -10.49
C GLN K 4 27.33 32.63 -10.95
N PRO K 5 27.67 33.39 -11.99
CA PRO K 5 26.66 34.23 -12.64
C PRO K 5 25.51 33.37 -13.14
N PRO K 6 24.26 33.79 -12.92
CA PRO K 6 23.13 32.96 -13.36
C PRO K 6 23.07 32.79 -14.87
N SER K 7 23.56 33.76 -15.64
CA SER K 7 23.46 33.64 -17.10
C SER K 7 24.58 34.38 -17.84
N VAL K 8 24.93 33.82 -18.99
CA VAL K 8 25.87 34.39 -19.93
C VAL K 8 25.29 34.16 -21.33
N SER K 9 25.43 35.16 -22.21
CA SER K 9 25.01 34.99 -23.61
C SER K 9 26.15 35.37 -24.56
N VAL K 10 26.23 34.65 -25.69
CA VAL K 10 27.16 34.93 -26.77
C VAL K 10 26.46 34.57 -28.08
N SER K 11 27.02 35.03 -29.20
CA SER K 11 26.60 34.51 -30.50
C SER K 11 27.65 33.53 -31.00
N PRO K 12 27.31 32.66 -31.96
CA PRO K 12 28.26 31.60 -32.35
C PRO K 12 29.60 32.19 -32.74
N GLY K 13 30.66 31.46 -32.37
CA GLY K 13 32.01 31.85 -32.67
C GLY K 13 32.65 32.76 -31.66
N GLN K 14 31.88 33.30 -30.72
CA GLN K 14 32.43 34.16 -29.67
C GLN K 14 32.99 33.32 -28.53
N THR K 15 33.71 34.01 -27.64
CA THR K 15 34.30 33.36 -26.48
C THR K 15 33.41 33.59 -25.26
N ALA K 16 33.00 32.51 -24.59
CA ALA K 16 32.23 32.62 -23.36
C ALA K 16 33.18 32.33 -22.20
N ARG K 17 32.99 33.06 -21.10
CA ARG K 17 33.76 32.85 -19.88
C ARG K 17 32.75 32.73 -18.75
N ILE K 18 32.83 31.63 -17.99
CA ILE K 18 31.91 31.35 -16.89
C ILE K 18 32.73 31.12 -15.63
N THR K 19 32.44 31.87 -14.57
CA THR K 19 33.31 31.81 -13.40
C THR K 19 32.65 31.14 -12.20
N CYS K 20 33.46 30.52 -11.37
CA CYS K 20 33.03 30.00 -10.10
C CYS K 20 33.94 30.59 -9.02
N SER K 21 33.34 31.28 -8.03
CA SER K 21 34.11 31.91 -6.96
C SER K 21 33.84 31.19 -5.66
N GLY K 22 34.91 30.87 -4.95
CA GLY K 22 34.84 30.28 -3.65
C GLY K 22 35.26 31.27 -2.58
N ASP K 23 35.57 30.73 -1.41
CA ASP K 23 35.89 31.53 -0.23
C ASP K 23 37.34 32.02 -0.34
N GLY K 24 37.51 33.28 -0.75
CA GLY K 24 38.86 33.84 -0.88
C GLY K 24 39.62 33.89 0.44
N SER K 25 38.90 33.99 1.55
CA SER K 25 39.55 34.04 2.86
C SER K 25 40.16 32.71 3.26
N TYR K 26 39.82 31.62 2.55
CA TYR K 26 40.41 30.32 2.82
C TYR K 26 41.92 30.35 2.56
N ALA K 27 42.66 29.75 3.48
CA ALA K 27 44.12 29.78 3.49
C ALA K 27 44.75 28.57 2.82
N GLY K 28 43.97 27.67 2.23
CA GLY K 28 44.57 26.55 1.55
C GLY K 28 44.42 26.63 0.03
N SER K 29 44.17 25.49 -0.62
CA SER K 29 44.08 25.38 -2.06
C SER K 29 42.63 25.21 -2.52
N TYR K 30 42.45 25.31 -3.83
CA TYR K 30 41.12 25.21 -4.43
C TYR K 30 41.14 24.20 -5.56
N TYR K 31 40.00 23.54 -5.76
CA TYR K 31 39.87 22.55 -6.82
C TYR K 31 38.47 22.64 -7.40
N TYR K 32 38.39 22.71 -8.73
CA TYR K 32 37.12 22.89 -9.42
C TYR K 32 37.01 21.93 -10.59
N GLY K 33 35.80 21.41 -10.81
CA GLY K 33 35.47 20.69 -12.03
C GLY K 33 34.33 21.40 -12.72
N TRP K 34 34.15 21.19 -14.02
CA TRP K 34 33.08 21.84 -14.77
C TRP K 34 32.20 20.79 -15.47
N TYR K 35 30.88 20.97 -15.35
CA TYR K 35 29.90 19.99 -15.79
C TYR K 35 28.86 20.70 -16.65
N GLN K 36 28.68 20.19 -17.85
CA GLN K 36 27.71 20.75 -18.79
C GLN K 36 26.48 19.87 -18.75
N GLN K 37 25.30 20.48 -18.85
CA GLN K 37 24.07 19.72 -18.82
C GLN K 37 23.08 20.34 -19.79
N LYS K 38 22.61 19.56 -20.68
CA LYS K 38 21.56 19.96 -21.60
C LYS K 38 20.20 19.60 -21.01
N PRO K 39 19.15 20.31 -21.40
CA PRO K 39 17.82 20.05 -20.82
C PRO K 39 17.41 18.60 -21.08
N GLY K 40 17.01 17.91 -20.01
CA GLY K 40 16.56 16.52 -20.06
C GLY K 40 17.63 15.45 -20.16
N GLN K 41 18.91 15.81 -20.01
CA GLN K 41 20.02 14.88 -20.11
C GLN K 41 20.82 14.84 -18.81
N ALA K 42 21.74 13.89 -18.73
CA ALA K 42 22.65 13.87 -17.59
C ALA K 42 23.82 14.81 -17.81
N PRO K 43 24.49 15.23 -16.74
CA PRO K 43 25.68 16.08 -16.88
C PRO K 43 26.77 15.38 -17.69
N VAL K 44 27.63 16.18 -18.28
CA VAL K 44 28.81 15.70 -18.98
C VAL K 44 29.99 16.50 -18.42
N THR K 45 31.05 15.80 -18.05
CA THR K 45 32.22 16.48 -17.49
C THR K 45 33.10 17.06 -18.60
N LEU K 46 33.35 18.36 -18.53
CA LEU K 46 34.19 19.14 -19.43
C LEU K 46 35.59 19.35 -18.90
N ILE K 47 35.72 19.68 -17.60
CA ILE K 47 36.99 19.98 -16.97
C ILE K 47 36.98 19.32 -15.59
N TYR K 48 38.12 18.70 -15.22
CA TYR K 48 38.31 18.22 -13.86
C TYR K 48 39.66 18.72 -13.37
N TYR K 49 39.80 18.77 -12.04
CA TYR K 49 41.05 19.15 -11.36
C TYR K 49 41.58 20.48 -11.87
N ASN K 50 40.68 21.48 -11.90
CA ASN K 50 40.96 22.87 -12.27
C ASN K 50 41.22 23.09 -13.77
N ASN K 51 42.01 22.24 -14.46
CA ASN K 51 42.30 22.52 -15.87
C ASN K 51 42.53 21.28 -16.75
N LYS K 52 42.12 20.09 -16.35
CA LYS K 52 42.29 18.86 -17.14
C LYS K 52 41.03 18.62 -17.94
N ARG K 53 41.21 18.15 -19.17
CA ARG K 53 40.09 17.90 -20.08
C ARG K 53 39.97 16.42 -20.36
N PRO K 54 38.84 15.78 -20.11
CA PRO K 54 38.73 14.39 -20.50
C PRO K 54 38.91 14.32 -22.01
N SER K 55 39.49 13.22 -22.48
CA SER K 55 39.54 12.99 -23.92
C SER K 55 38.11 12.89 -24.45
N GLY K 56 37.92 13.35 -25.68
CA GLY K 56 36.59 13.45 -26.22
C GLY K 56 35.89 14.78 -26.01
N ILE K 57 36.33 15.58 -25.04
CA ILE K 57 35.79 16.93 -24.89
C ILE K 57 36.52 17.85 -25.88
N PRO K 58 35.81 18.66 -26.67
CA PRO K 58 36.50 19.49 -27.66
C PRO K 58 37.51 20.42 -27.01
N GLU K 59 38.60 20.66 -27.74
CA GLU K 59 39.68 21.50 -27.22
C GLU K 59 39.24 22.93 -26.92
N ARG K 60 38.09 23.37 -27.46
CA ARG K 60 37.70 24.75 -27.25
C ARG K 60 37.28 25.01 -25.82
N PHE K 61 37.11 23.96 -25.02
CA PHE K 61 36.82 24.09 -23.59
C PHE K 61 38.11 24.09 -22.78
N SER K 62 38.27 25.08 -21.90
CA SER K 62 39.40 25.01 -20.97
C SER K 62 39.03 25.69 -19.65
N GLY K 63 39.73 25.29 -18.60
CA GLY K 63 39.50 25.84 -17.28
C GLY K 63 40.83 26.33 -16.73
N SER K 64 40.77 27.32 -15.83
CA SER K 64 41.99 27.77 -15.17
C SER K 64 41.67 28.40 -13.84
N LEU K 65 42.48 28.06 -12.83
CA LEU K 65 42.32 28.57 -11.48
C LEU K 65 43.14 29.85 -11.31
N SER K 66 42.50 30.88 -10.77
CA SER K 66 43.18 32.09 -10.34
C SER K 66 42.69 32.41 -8.94
N GLY K 67 43.57 32.30 -7.97
CA GLY K 67 43.16 32.52 -6.60
C GLY K 67 42.11 31.52 -6.21
N SER K 68 40.95 32.04 -5.79
CA SER K 68 39.80 31.23 -5.40
C SER K 68 38.78 31.07 -6.52
N THR K 69 39.11 31.50 -7.73
CA THR K 69 38.15 31.60 -8.83
C THR K 69 38.61 30.68 -9.94
N ASN K 70 37.72 29.84 -10.46
CA ASN K 70 38.02 29.07 -11.66
C ASN K 70 37.14 29.56 -12.79
N THR K 71 37.74 29.77 -13.94
CA THR K 71 37.04 30.24 -15.12
C THR K 71 37.05 29.14 -16.17
N LEU K 72 35.86 28.79 -16.63
CA LEU K 72 35.70 27.96 -17.81
C LEU K 72 35.60 28.87 -19.01
N THR K 73 36.50 28.67 -19.97
CA THR K 73 36.51 29.45 -21.19
C THR K 73 36.07 28.52 -22.31
N ILE K 74 35.07 28.94 -23.07
CA ILE K 74 34.65 28.25 -24.29
C ILE K 74 34.98 29.18 -25.44
N SER K 75 36.04 28.89 -26.18
CA SER K 75 36.39 29.70 -27.36
C SER K 75 35.64 29.16 -28.56
N GLY K 76 35.20 30.06 -29.44
CA GLY K 76 34.45 29.67 -30.64
C GLY K 76 33.17 28.93 -30.32
N VAL K 77 32.27 29.57 -29.56
CA VAL K 77 31.09 28.91 -29.06
C VAL K 77 30.23 28.40 -30.20
N GLN K 78 29.66 27.20 -30.03
CA GLN K 78 28.77 26.56 -30.99
C GLN K 78 27.35 26.50 -30.43
N ALA K 79 26.38 26.37 -31.35
CA ALA K 79 24.98 26.24 -30.93
C ALA K 79 24.80 25.08 -29.98
N GLU K 80 25.57 24.00 -30.21
CA GLU K 80 25.55 22.80 -29.40
C GLU K 80 26.14 23.02 -28.01
N ASP K 81 26.73 24.16 -27.74
CA ASP K 81 27.18 24.48 -26.40
C ASP K 81 26.11 25.18 -25.56
N GLU K 82 24.93 25.44 -26.12
CA GLU K 82 23.84 25.97 -25.30
C GLU K 82 23.43 24.92 -24.26
N ALA K 83 23.56 25.27 -22.99
CA ALA K 83 23.42 24.31 -21.90
C ALA K 83 23.57 25.00 -20.55
N ASP K 84 23.35 24.26 -19.47
CA ASP K 84 23.69 24.75 -18.15
C ASP K 84 25.08 24.27 -17.77
N TYR K 85 25.81 25.12 -17.05
CA TYR K 85 27.18 24.84 -16.62
C TYR K 85 27.24 24.96 -15.11
N TYR K 86 27.72 23.91 -14.47
CA TYR K 86 27.88 23.83 -13.02
C TYR K 86 29.33 23.60 -12.71
N CYS K 87 29.89 24.40 -11.81
CA CYS K 87 31.19 24.07 -11.24
C CYS K 87 30.98 23.10 -10.08
N GLY K 88 31.96 22.22 -9.87
CA GLY K 88 31.98 21.32 -8.74
C GLY K 88 33.22 21.58 -7.92
N SER K 89 33.05 21.61 -6.60
CA SER K 89 34.16 21.99 -5.72
C SER K 89 33.79 21.58 -4.29
N ALA K 90 34.19 22.37 -3.29
CA ALA K 90 33.81 22.18 -1.90
C ALA K 90 33.54 23.54 -1.27
N ASP K 91 32.48 23.58 -0.46
CA ASP K 91 32.07 24.64 0.46
C ASP K 91 32.86 24.56 1.76
N ASN K 92 32.45 25.38 2.73
CA ASN K 92 32.84 25.23 4.13
C ASN K 92 32.08 24.10 4.80
N SER K 93 31.07 23.53 4.12
CA SER K 93 30.35 22.37 4.62
C SER K 93 30.61 21.08 3.82
N GLY K 94 31.49 21.08 2.82
CA GLY K 94 31.79 19.84 2.13
C GLY K 94 31.68 19.95 0.61
N ALA K 95 31.63 18.79 -0.06
CA ALA K 95 31.57 18.77 -1.51
C ALA K 95 30.33 19.52 -1.97
N ALA K 96 30.42 20.28 -3.06
CA ALA K 96 29.29 21.12 -3.44
C ALA K 96 29.46 21.58 -4.87
N PHE K 97 28.33 21.99 -5.46
CA PHE K 97 28.26 22.59 -6.79
C PHE K 97 27.89 24.06 -6.69
N GLY K 98 28.32 24.82 -7.69
CA GLY K 98 27.81 26.16 -7.88
C GLY K 98 26.34 26.13 -8.25
N GLY K 99 25.72 27.33 -8.27
CA GLY K 99 24.31 27.41 -8.57
C GLY K 99 23.94 27.22 -10.03
N GLY K 100 24.94 27.11 -10.92
CA GLY K 100 24.66 26.89 -12.33
C GLY K 100 24.66 28.16 -13.17
N THR K 101 25.16 28.06 -14.40
CA THR K 101 25.07 29.15 -15.36
C THR K 101 24.37 28.68 -16.61
N LYS K 102 23.28 29.34 -16.97
CA LYS K 102 22.65 29.10 -18.24
C LYS K 102 23.40 29.89 -19.31
N LEU K 103 23.97 29.18 -20.30
CA LEU K 103 24.67 29.79 -21.41
C LEU K 103 23.72 29.82 -22.59
N THR K 104 23.37 31.03 -23.02
CA THR K 104 22.48 31.24 -24.15
C THR K 104 23.35 31.54 -25.38
N VAL K 105 23.11 30.84 -26.47
CA VAL K 105 23.83 31.10 -27.70
C VAL K 105 22.87 31.82 -28.63
N LEU K 106 23.14 33.09 -28.86
CA LEU K 106 22.27 33.97 -29.63
C LEU K 106 22.40 33.69 -31.12
N GLY K 107 21.39 34.11 -31.87
CA GLY K 107 21.51 34.11 -33.32
C GLY K 107 21.52 32.76 -34.01
N GLN K 108 20.87 31.76 -33.40
CA GLN K 108 20.75 30.47 -34.05
C GLN K 108 19.72 30.54 -35.17
N PRO K 109 19.82 29.68 -36.18
CA PRO K 109 18.99 29.83 -37.37
C PRO K 109 17.52 29.59 -37.09
N LYS K 110 16.69 30.45 -37.67
CA LYS K 110 15.25 30.25 -37.57
C LYS K 110 14.81 29.03 -38.38
N ALA K 111 13.79 28.36 -37.86
CA ALA K 111 13.25 27.14 -38.45
C ALA K 111 11.75 27.11 -38.21
N ALA K 112 11.00 26.86 -39.26
CA ALA K 112 9.55 26.80 -39.14
C ALA K 112 9.13 25.46 -38.53
N PRO K 113 7.97 25.43 -37.87
CA PRO K 113 7.50 24.18 -37.26
C PRO K 113 6.92 23.19 -38.23
N SER K 114 7.11 21.93 -37.91
CA SER K 114 6.46 20.81 -38.56
C SER K 114 5.28 20.36 -37.70
N VAL K 115 4.11 20.24 -38.29
CA VAL K 115 2.89 19.96 -37.55
C VAL K 115 2.29 18.64 -38.03
N THR K 116 2.04 17.73 -37.08
CA THR K 116 1.28 16.51 -37.30
C THR K 116 0.10 16.47 -36.36
N LEU K 117 -1.09 16.22 -36.90
CA LEU K 117 -2.32 16.15 -36.14
C LEU K 117 -2.95 14.76 -36.29
N PHE K 118 -3.23 14.09 -35.17
CA PHE K 118 -3.94 12.81 -35.23
C PHE K 118 -5.39 12.96 -34.71
N PRO K 119 -6.37 12.34 -35.37
CA PRO K 119 -7.72 12.30 -34.83
C PRO K 119 -7.84 11.26 -33.72
N PRO K 120 -8.99 11.17 -33.04
CA PRO K 120 -9.17 10.12 -32.03
C PRO K 120 -9.09 8.72 -32.64
N SER K 121 -8.49 7.81 -31.90
CA SER K 121 -8.49 6.43 -32.37
C SER K 121 -9.88 5.81 -32.22
N SER K 122 -10.11 4.76 -33.01
CA SER K 122 -11.30 3.93 -32.85
C SER K 122 -11.38 3.40 -31.43
N GLU K 123 -10.25 2.95 -30.90
CA GLU K 123 -10.24 2.38 -29.57
C GLU K 123 -10.66 3.41 -28.53
N GLU K 124 -10.19 4.65 -28.68
CA GLU K 124 -10.54 5.68 -27.71
C GLU K 124 -12.02 6.05 -27.81
N LEU K 125 -12.54 6.20 -29.04
CA LEU K 125 -13.96 6.48 -29.19
C LEU K 125 -14.81 5.37 -28.58
N GLN K 126 -14.41 4.11 -28.78
CA GLN K 126 -15.13 2.98 -28.19
C GLN K 126 -15.06 3.00 -26.67
N ALA K 127 -13.99 3.54 -26.09
CA ALA K 127 -13.94 3.75 -24.65
C ALA K 127 -14.65 5.03 -24.25
N ASN K 128 -15.38 5.60 -25.19
CA ASN K 128 -16.16 6.83 -25.04
C ASN K 128 -15.32 8.02 -24.55
N LYS K 129 -14.12 8.18 -25.12
CA LYS K 129 -13.32 9.39 -25.00
C LYS K 129 -12.82 9.77 -26.39
N ALA K 130 -12.29 10.99 -26.48
CA ALA K 130 -11.77 11.51 -27.74
C ALA K 130 -10.65 12.50 -27.44
N THR K 131 -9.48 12.29 -28.03
CA THR K 131 -8.37 13.22 -27.87
C THR K 131 -7.80 13.50 -29.23
N LEU K 132 -7.65 14.78 -29.54
CA LEU K 132 -6.89 15.23 -30.70
C LEU K 132 -5.47 15.57 -30.25
N VAL K 133 -4.49 15.14 -31.05
CA VAL K 133 -3.08 15.14 -30.69
C VAL K 133 -2.31 15.88 -31.76
N CYS K 134 -1.76 17.04 -31.40
CA CYS K 134 -1.04 17.91 -32.32
C CYS K 134 0.43 17.97 -31.92
N LEU K 135 1.30 17.41 -32.75
CA LEU K 135 2.72 17.33 -32.43
C LEU K 135 3.46 18.32 -33.30
N ILE K 136 4.31 19.14 -32.66
CA ILE K 136 4.97 20.29 -33.28
C ILE K 136 6.48 20.10 -33.15
N SER K 137 7.19 20.06 -34.29
CA SER K 137 8.60 19.66 -34.33
C SER K 137 9.46 20.65 -35.10
N ASP K 138 10.75 20.64 -34.76
CA ASP K 138 11.82 21.25 -35.56
C ASP K 138 11.66 22.75 -35.70
N PHE K 139 11.24 23.46 -34.67
CA PHE K 139 11.12 24.90 -34.85
C PHE K 139 12.17 25.60 -34.00
N TYR K 140 12.56 26.80 -34.43
CA TYR K 140 13.52 27.60 -33.72
C TYR K 140 13.16 29.05 -34.07
N PRO K 141 13.07 29.96 -33.08
CA PRO K 141 13.26 29.76 -31.64
C PRO K 141 12.09 29.08 -30.95
N GLY K 142 12.11 28.98 -29.62
CA GLY K 142 11.15 28.12 -28.92
C GLY K 142 9.72 28.64 -28.84
N ALA K 143 9.50 29.94 -28.98
CA ALA K 143 8.16 30.47 -28.74
C ALA K 143 7.19 30.11 -29.86
N VAL K 144 6.08 29.45 -29.50
CA VAL K 144 4.96 29.19 -30.40
C VAL K 144 3.65 29.50 -29.66
N THR K 145 2.62 29.75 -30.43
CA THR K 145 1.29 29.76 -29.85
C THR K 145 0.45 28.79 -30.65
N VAL K 146 -0.30 27.94 -29.95
CA VAL K 146 -1.14 26.92 -30.56
C VAL K 146 -2.58 27.31 -30.33
N ALA K 147 -3.38 27.31 -31.39
CA ALA K 147 -4.79 27.66 -31.29
C ALA K 147 -5.59 26.53 -31.92
N TRP K 148 -6.68 26.16 -31.28
CA TRP K 148 -7.55 25.12 -31.84
C TRP K 148 -8.84 25.75 -32.37
N LYS K 149 -9.34 25.17 -33.46
CA LYS K 149 -10.59 25.59 -34.09
C LYS K 149 -11.54 24.40 -34.13
N ALA K 150 -12.80 24.64 -33.77
CA ALA K 150 -13.88 23.72 -34.06
C ALA K 150 -14.63 24.32 -35.25
N ASP K 151 -14.63 23.61 -36.37
CA ASP K 151 -14.95 24.21 -37.66
C ASP K 151 -14.05 25.41 -37.91
N SER K 152 -14.59 26.62 -37.86
CA SER K 152 -13.77 27.81 -38.02
C SER K 152 -13.72 28.68 -36.78
N SER K 153 -14.32 28.23 -35.68
CA SER K 153 -14.47 28.93 -34.40
C SER K 153 -13.44 28.48 -33.39
N PRO K 154 -12.93 29.41 -32.58
CA PRO K 154 -11.92 29.06 -31.59
C PRO K 154 -12.49 28.17 -30.50
N VAL K 155 -11.66 27.26 -29.99
CA VAL K 155 -12.05 26.34 -28.93
C VAL K 155 -11.62 26.93 -27.59
N LYS K 156 -12.58 27.04 -26.67
CA LYS K 156 -12.38 27.75 -25.41
C LYS K 156 -12.15 26.80 -24.23
N ALA K 157 -11.93 25.51 -24.49
CA ALA K 157 -11.95 24.55 -23.40
C ALA K 157 -11.36 23.22 -23.86
N GLY K 158 -10.69 22.52 -22.95
CA GLY K 158 -10.17 21.20 -23.19
C GLY K 158 -8.78 21.09 -23.80
N VAL K 159 -8.04 22.22 -23.89
CA VAL K 159 -6.73 22.33 -24.53
C VAL K 159 -5.65 22.28 -23.47
N GLU K 160 -4.64 21.42 -23.68
CA GLU K 160 -3.44 21.36 -22.84
C GLU K 160 -2.21 21.36 -23.75
N THR K 161 -1.30 22.31 -23.53
CA THR K 161 -0.17 22.50 -24.43
C THR K 161 1.11 22.55 -23.60
N THR K 162 2.18 21.88 -24.07
CA THR K 162 3.43 21.85 -23.35
C THR K 162 4.22 23.16 -23.51
N THR K 163 5.14 23.36 -22.59
CA THR K 163 6.21 24.30 -22.82
C THR K 163 7.18 23.68 -23.83
N PRO K 164 7.64 24.45 -24.82
CA PRO K 164 8.58 23.88 -25.80
C PRO K 164 9.88 23.45 -25.14
N SER K 165 10.41 22.30 -25.60
CA SER K 165 11.67 21.72 -25.15
C SER K 165 12.55 21.44 -26.36
N LYS K 166 13.87 21.41 -26.12
CA LYS K 166 14.79 21.22 -27.22
C LYS K 166 14.95 19.76 -27.60
N GLN K 167 14.91 19.51 -28.90
CA GLN K 167 15.20 18.19 -29.45
C GLN K 167 16.71 18.00 -29.52
N SER K 168 17.12 16.81 -29.96
CA SER K 168 18.54 16.53 -30.04
C SER K 168 19.22 17.30 -31.18
N ASN K 169 18.46 17.70 -32.21
CA ASN K 169 19.02 18.57 -33.23
C ASN K 169 18.98 20.05 -32.83
N ASN K 170 18.69 20.31 -31.55
CA ASN K 170 18.69 21.64 -30.94
C ASN K 170 17.61 22.57 -31.48
N LYS K 171 16.60 22.04 -32.17
CA LYS K 171 15.38 22.79 -32.38
C LYS K 171 14.33 22.32 -31.36
N TYR K 172 13.20 22.99 -31.33
CA TYR K 172 12.22 22.76 -30.28
C TYR K 172 11.08 21.83 -30.73
N ALA K 173 10.44 21.19 -29.74
CA ALA K 173 9.23 20.39 -29.90
C ALA K 173 8.21 20.80 -28.85
N ALA K 174 6.95 20.56 -29.18
CA ALA K 174 5.85 20.84 -28.27
C ALA K 174 4.67 19.95 -28.65
N SER K 175 3.73 19.79 -27.74
CA SER K 175 2.52 19.01 -27.95
C SER K 175 1.33 19.77 -27.44
N SER K 176 0.22 19.68 -28.18
CA SER K 176 -1.04 20.23 -27.74
C SER K 176 -2.10 19.15 -27.84
N TYR K 177 -2.90 18.98 -26.79
CA TYR K 177 -3.91 17.93 -26.72
C TYR K 177 -5.27 18.58 -26.55
N LEU K 178 -6.22 18.21 -27.40
CA LEU K 178 -7.60 18.69 -27.22
C LEU K 178 -8.46 17.50 -26.82
N SER K 179 -8.96 17.53 -25.60
CA SER K 179 -9.81 16.47 -25.08
C SER K 179 -11.27 16.79 -25.37
N LEU K 180 -11.97 15.85 -25.99
CA LEU K 180 -13.38 15.99 -26.37
C LEU K 180 -14.15 14.75 -25.97
N THR K 181 -15.45 14.85 -26.07
CA THR K 181 -16.28 13.67 -26.08
C THR K 181 -16.46 13.19 -27.52
N PRO K 182 -16.76 11.90 -27.73
CA PRO K 182 -17.10 11.46 -29.10
C PRO K 182 -18.19 12.26 -29.78
N GLU K 183 -19.27 12.65 -29.08
CA GLU K 183 -20.35 13.38 -29.74
C GLU K 183 -19.87 14.74 -30.25
N GLN K 184 -19.07 15.47 -29.46
CA GLN K 184 -18.52 16.71 -29.99
C GLN K 184 -17.68 16.43 -31.22
N TRP K 185 -16.81 15.42 -31.13
CA TRP K 185 -15.97 15.06 -32.27
C TRP K 185 -16.83 14.79 -33.49
N LYS K 186 -17.91 14.02 -33.34
CA LYS K 186 -18.74 13.65 -34.49
C LYS K 186 -19.63 14.80 -34.95
N SER K 187 -19.97 15.74 -34.08
CA SER K 187 -20.97 16.71 -34.47
C SER K 187 -20.39 17.94 -35.15
N HIS K 188 -19.08 18.08 -35.18
CA HIS K 188 -18.49 19.23 -35.86
C HIS K 188 -18.04 18.83 -37.26
N ARG K 189 -17.92 19.82 -38.15
CA ARG K 189 -17.44 19.51 -39.49
C ARG K 189 -15.99 19.01 -39.45
N SER K 190 -15.14 19.68 -38.67
CA SER K 190 -13.72 19.36 -38.59
C SER K 190 -13.17 20.07 -37.36
N TYR K 191 -11.94 19.72 -37.00
CA TYR K 191 -11.15 20.44 -35.99
C TYR K 191 -9.78 20.72 -36.58
N SER K 192 -9.21 21.85 -36.18
CA SER K 192 -7.91 22.25 -36.71
C SER K 192 -6.98 22.63 -35.58
N CYS K 193 -5.72 22.25 -35.74
CA CYS K 193 -4.64 22.70 -34.89
C CYS K 193 -3.84 23.76 -35.67
N GLN K 194 -3.81 24.99 -35.18
CA GLN K 194 -3.14 26.11 -35.86
C GLN K 194 -1.91 26.52 -35.08
N VAL K 195 -0.73 26.43 -35.69
CA VAL K 195 0.50 26.76 -34.99
C VAL K 195 1.09 28.04 -35.56
N THR K 196 1.21 29.06 -34.72
CA THR K 196 1.75 30.36 -35.10
C THR K 196 3.16 30.52 -34.54
N HIS K 197 4.11 30.82 -35.41
CA HIS K 197 5.51 30.87 -35.03
C HIS K 197 6.22 31.95 -35.84
N GLU K 198 6.74 32.97 -35.17
CA GLU K 198 7.41 34.08 -35.84
C GLU K 198 6.49 34.73 -36.88
N GLY K 199 5.25 34.99 -36.46
CA GLY K 199 4.31 35.67 -37.29
C GLY K 199 3.72 34.88 -38.44
N SER K 200 4.07 33.61 -38.60
CA SER K 200 3.54 32.79 -39.68
C SER K 200 2.75 31.61 -39.11
N THR K 201 1.66 31.22 -39.77
CA THR K 201 0.79 30.19 -39.22
C THR K 201 0.80 28.93 -40.07
N VAL K 202 0.92 27.79 -39.37
CA VAL K 202 0.83 26.46 -39.97
C VAL K 202 -0.39 25.77 -39.38
N GLU K 203 -1.23 25.19 -40.22
CA GLU K 203 -2.48 24.64 -39.76
C GLU K 203 -2.65 23.20 -40.26
N LYS K 204 -3.23 22.35 -39.42
CA LYS K 204 -3.68 21.04 -39.86
C LYS K 204 -5.13 20.83 -39.45
N THR K 205 -5.83 20.01 -40.24
CA THR K 205 -7.25 19.76 -40.01
C THR K 205 -7.55 18.26 -40.07
N VAL K 206 -8.41 17.80 -39.17
CA VAL K 206 -8.92 16.43 -39.22
C VAL K 206 -10.44 16.48 -39.06
N ALA K 207 -11.11 15.43 -39.55
CA ALA K 207 -12.57 15.36 -39.56
C ALA K 207 -12.97 13.93 -39.21
N PRO K 208 -14.18 13.73 -38.68
CA PRO K 208 -14.62 12.37 -38.41
C PRO K 208 -14.76 11.56 -39.69
N THR K 209 -14.48 10.28 -39.60
CA THR K 209 -14.98 9.37 -40.63
C THR K 209 -14.98 7.94 -40.07
N GLU L 1 35.32 3.97 -21.54
CA GLU L 1 33.86 3.93 -21.43
C GLU L 1 33.43 3.35 -20.08
N VAL L 2 32.58 4.10 -19.40
CA VAL L 2 32.08 3.72 -18.10
C VAL L 2 30.56 3.83 -18.17
N GLN L 3 29.88 2.86 -17.56
CA GLN L 3 28.42 2.86 -17.51
C GLN L 3 27.99 2.83 -16.06
N LEU L 4 27.07 3.72 -15.71
CA LEU L 4 26.47 3.74 -14.38
C LEU L 4 24.97 3.74 -14.59
N VAL L 5 24.30 2.73 -14.06
CA VAL L 5 22.86 2.54 -14.31
C VAL L 5 22.14 2.50 -12.97
N GLU L 6 21.34 3.54 -12.69
CA GLU L 6 20.54 3.62 -11.46
C GLU L 6 19.23 2.88 -11.58
N SER L 7 18.71 2.47 -10.43
CA SER L 7 17.34 2.02 -10.34
C SER L 7 16.85 2.32 -8.94
N GLY L 8 15.54 2.15 -8.76
CA GLY L 8 14.90 2.38 -7.49
C GLY L 8 14.06 3.62 -7.46
N GLY L 9 14.02 4.39 -8.54
CA GLY L 9 13.12 5.51 -8.60
C GLY L 9 11.66 5.06 -8.57
N GLY L 10 10.77 6.01 -8.34
CA GLY L 10 9.36 5.72 -8.28
C GLY L 10 8.65 6.75 -7.42
N LEU L 11 7.44 6.40 -7.04
CA LEU L 11 6.58 7.25 -6.21
C LEU L 11 6.70 6.81 -4.77
N VAL L 12 6.79 7.79 -3.87
CA VAL L 12 6.86 7.57 -2.44
C VAL L 12 6.09 8.70 -1.77
N GLN L 13 5.44 8.38 -0.64
CA GLN L 13 4.73 9.37 0.17
C GLN L 13 5.68 10.19 1.05
N PRO L 14 5.33 11.44 1.36
CA PRO L 14 6.05 12.19 2.38
C PRO L 14 6.18 11.39 3.68
N GLY L 15 7.33 11.52 4.34
CA GLY L 15 7.61 10.67 5.50
C GLY L 15 8.05 9.26 5.12
N GLY L 16 7.97 8.93 3.85
CA GLY L 16 8.43 7.64 3.35
C GLY L 16 9.94 7.57 3.23
N SER L 17 10.39 6.56 2.50
CA SER L 17 11.82 6.23 2.37
C SER L 17 12.20 5.98 0.92
N LEU L 18 13.43 6.28 0.55
CA LEU L 18 13.88 5.97 -0.83
C LEU L 18 15.04 4.98 -0.80
N ARG L 19 14.98 3.97 -1.66
CA ARG L 19 16.06 2.96 -1.76
C ARG L 19 16.59 2.95 -3.19
N LEU L 20 17.83 3.38 -3.37
CA LEU L 20 18.38 3.48 -4.72
C LEU L 20 19.63 2.64 -4.82
N SER L 21 19.89 2.12 -6.00
CA SER L 21 21.11 1.39 -6.28
C SER L 21 21.61 1.78 -7.66
N CYS L 22 22.91 1.59 -7.85
CA CYS L 22 23.57 1.93 -9.10
C CYS L 22 24.50 0.80 -9.48
N ALA L 23 24.30 0.24 -10.68
CA ALA L 23 25.16 -0.81 -11.21
C ALA L 23 26.22 -0.12 -12.05
N ALA L 24 27.46 -0.32 -11.66
CA ALA L 24 28.61 0.31 -12.30
C ALA L 24 29.34 -0.74 -13.11
N SER L 25 29.81 -0.37 -14.29
CA SER L 25 30.61 -1.29 -15.08
C SER L 25 31.63 -0.50 -15.88
N GLY L 26 32.69 -1.21 -16.30
CA GLY L 26 33.70 -0.68 -17.21
C GLY L 26 35.01 -0.28 -16.56
N PHE L 27 35.06 -0.16 -15.23
CA PHE L 27 36.25 0.31 -14.53
C PHE L 27 36.43 -0.49 -13.25
N THR L 28 37.59 -0.36 -12.63
CA THR L 28 37.86 -1.12 -11.40
C THR L 28 37.17 -0.41 -10.23
N PHE L 29 35.92 -0.83 -9.97
CA PHE L 29 35.01 -0.13 -9.08
C PHE L 29 35.61 0.15 -7.71
N SER L 30 36.32 -0.81 -7.14
CA SER L 30 36.72 -0.63 -5.75
C SER L 30 37.86 0.37 -5.58
N SER L 31 38.34 0.99 -6.64
CA SER L 31 39.43 1.95 -6.49
C SER L 31 38.97 3.41 -6.55
N PHE L 32 37.66 3.68 -6.61
CA PHE L 32 37.22 5.05 -6.78
C PHE L 32 36.13 5.40 -5.77
N ASN L 33 36.20 6.64 -5.27
CA ASN L 33 35.10 7.23 -4.51
C ASN L 33 33.88 7.36 -5.41
N MET L 34 32.70 7.23 -4.83
CA MET L 34 31.45 7.37 -5.58
C MET L 34 30.53 8.38 -4.90
N PHE L 35 29.71 9.02 -5.70
CA PHE L 35 28.82 10.06 -5.22
C PHE L 35 27.40 9.79 -5.68
N TRP L 36 26.46 10.29 -4.90
CA TRP L 36 25.10 10.54 -5.35
C TRP L 36 24.94 12.06 -5.47
N VAL L 37 24.32 12.48 -6.58
CA VAL L 37 24.04 13.87 -6.88
C VAL L 37 22.58 13.97 -7.33
N ARG L 38 21.88 15.01 -6.89
CA ARG L 38 20.47 15.16 -7.25
C ARG L 38 20.15 16.53 -7.85
N GLN L 39 18.98 16.59 -8.50
CA GLN L 39 18.53 17.81 -9.16
C GLN L 39 17.01 17.88 -9.06
N ALA L 40 16.50 18.79 -8.22
CA ALA L 40 15.06 19.00 -8.18
C ALA L 40 14.62 19.61 -9.52
N PRO L 41 13.35 19.43 -9.90
CA PRO L 41 12.92 19.89 -11.24
C PRO L 41 13.15 21.39 -11.42
N GLY L 42 13.80 21.75 -12.53
CA GLY L 42 14.16 23.11 -12.79
C GLY L 42 15.21 23.72 -11.90
N LYS L 43 15.92 22.94 -11.11
CA LYS L 43 16.91 23.54 -10.21
C LYS L 43 18.29 22.97 -10.53
N GLY L 44 19.27 23.26 -9.69
CA GLY L 44 20.65 22.91 -9.98
C GLY L 44 21.08 21.59 -9.37
N LEU L 45 22.33 21.20 -9.68
CA LEU L 45 22.91 20.00 -9.08
C LEU L 45 23.19 20.23 -7.60
N GLU L 46 22.87 19.23 -6.79
CA GLU L 46 23.09 19.26 -5.35
C GLU L 46 23.78 17.96 -4.94
N TRP L 47 24.92 18.09 -4.28
CA TRP L 47 25.66 16.94 -3.82
C TRP L 47 24.94 16.28 -2.64
N VAL L 48 24.65 14.98 -2.74
CA VAL L 48 23.87 14.28 -1.73
C VAL L 48 24.77 13.53 -0.76
N ALA L 49 25.67 12.70 -1.28
CA ALA L 49 26.54 11.92 -0.40
C ALA L 49 27.76 11.42 -1.16
N GLY L 50 28.76 11.00 -0.39
CA GLY L 50 29.96 10.41 -0.95
C GLY L 50 30.49 9.27 -0.08
N ILE L 51 31.25 8.39 -0.72
CA ILE L 51 31.78 7.22 -0.03
C ILE L 51 33.10 6.82 -0.71
N ASP L 52 34.00 6.25 0.07
CA ASP L 52 35.34 5.93 -0.40
C ASP L 52 35.40 4.51 -0.93
N ASP L 53 36.51 4.18 -1.58
CA ASP L 53 36.77 2.87 -2.16
C ASP L 53 36.20 1.72 -1.34
N ASP L 54 36.61 1.67 -0.07
CA ASP L 54 36.29 0.59 0.85
C ASP L 54 34.98 0.78 1.62
N GLY L 55 34.36 1.97 1.60
CA GLY L 55 33.13 2.19 2.33
C GLY L 55 33.29 2.78 3.72
N SER L 56 34.40 3.46 4.01
CA SER L 56 34.76 3.67 5.40
C SER L 56 34.50 5.07 5.94
N TYR L 57 34.33 6.08 5.06
CA TYR L 57 34.14 7.47 5.50
C TYR L 57 33.00 8.11 4.73
N PRO L 58 31.78 7.59 4.90
CA PRO L 58 30.64 8.21 4.23
C PRO L 58 30.44 9.63 4.75
N ASN L 59 30.07 10.55 3.84
CA ASN L 59 29.71 11.91 4.21
C ASN L 59 28.53 12.36 3.36
N TYR L 60 27.88 13.45 3.80
CA TYR L 60 26.56 13.79 3.30
C TYR L 60 26.44 15.30 3.12
N GLY L 61 25.67 15.69 2.09
CA GLY L 61 25.29 17.08 1.97
C GLY L 61 24.40 17.53 3.12
N SER L 62 24.37 18.84 3.35
CA SER L 62 23.64 19.39 4.50
C SER L 62 22.19 18.98 4.49
N ALA L 63 21.55 18.99 3.32
CA ALA L 63 20.10 18.78 3.27
C ALA L 63 19.69 17.37 3.64
N VAL L 64 20.58 16.39 3.58
CA VAL L 64 20.20 15.01 3.84
C VAL L 64 20.91 14.43 5.06
N LYS L 65 21.88 15.14 5.63
CA LYS L 65 22.64 14.59 6.75
C LYS L 65 21.70 14.22 7.89
N GLY L 66 21.90 13.02 8.44
CA GLY L 66 21.06 12.49 9.49
C GLY L 66 19.91 11.66 8.98
N ARG L 67 19.56 11.78 7.71
CA ARG L 67 18.47 11.02 7.10
C ARG L 67 18.95 10.04 6.04
N ALA L 68 20.25 10.02 5.75
CA ALA L 68 20.78 9.37 4.57
C ALA L 68 21.88 8.38 4.92
N THR L 69 21.97 7.32 4.13
CA THR L 69 23.04 6.33 4.25
C THR L 69 23.54 6.00 2.85
N ILE L 70 24.81 6.24 2.58
CA ILE L 70 25.43 5.79 1.34
C ILE L 70 26.31 4.59 1.67
N SER L 71 26.23 3.56 0.84
CA SER L 71 27.06 2.38 1.04
C SER L 71 27.35 1.77 -0.32
N ARG L 72 28.24 0.79 -0.32
CA ARG L 72 28.63 0.17 -1.58
C ARG L 72 28.93 -1.28 -1.30
N ASP L 73 28.81 -2.10 -2.33
CA ASP L 73 29.25 -3.50 -2.25
C ASP L 73 30.20 -3.71 -3.42
N ASN L 74 31.50 -3.77 -3.12
CA ASN L 74 32.47 -3.81 -4.20
C ASN L 74 32.41 -5.13 -4.96
N SER L 75 32.05 -6.22 -4.29
CA SER L 75 31.96 -7.52 -4.94
C SER L 75 30.85 -7.60 -5.99
N LYS L 76 29.85 -6.73 -5.91
CA LYS L 76 28.79 -6.66 -6.92
C LYS L 76 28.85 -5.40 -7.76
N ASN L 77 29.92 -4.59 -7.66
CA ASN L 77 30.07 -3.30 -8.33
C ASN L 77 28.83 -2.41 -8.20
N THR L 78 28.33 -2.27 -6.98
CA THR L 78 27.07 -1.59 -6.78
C THR L 78 27.18 -0.52 -5.70
N LEU L 79 26.60 0.66 -5.97
CA LEU L 79 26.51 1.75 -5.02
C LEU L 79 25.06 1.93 -4.59
N TYR L 80 24.84 2.26 -3.31
CA TYR L 80 23.49 2.36 -2.78
C TYR L 80 23.28 3.68 -2.06
N LEU L 81 22.05 4.14 -2.09
CA LEU L 81 21.62 5.29 -1.31
C LEU L 81 20.29 4.97 -0.63
N GLN L 82 20.19 5.24 0.66
CA GLN L 82 18.91 5.21 1.37
C GLN L 82 18.64 6.56 2.03
N MET L 83 17.39 6.98 2.04
CA MET L 83 17.01 8.25 2.66
C MET L 83 15.64 8.10 3.29
N ASN L 84 15.48 8.48 4.56
CA ASN L 84 14.22 8.38 5.32
C ASN L 84 13.60 9.76 5.55
N SER L 85 12.39 9.75 6.12
CA SER L 85 11.65 10.98 6.39
C SER L 85 11.65 11.90 5.16
N LEU L 86 11.23 11.36 4.04
CA LEU L 86 11.29 12.11 2.79
C LEU L 86 10.35 13.32 2.82
N ARG L 87 10.86 14.45 2.35
CA ARG L 87 10.11 15.69 2.22
C ARG L 87 9.76 15.90 0.76
N ALA L 88 8.71 16.70 0.54
CA ALA L 88 8.33 17.06 -0.83
C ALA L 88 9.51 17.56 -1.64
N GLU L 89 10.36 18.36 -1.03
CA GLU L 89 11.49 18.92 -1.77
C GLU L 89 12.61 17.92 -2.02
N ASP L 90 12.49 16.65 -1.61
CA ASP L 90 13.43 15.60 -2.01
C ASP L 90 13.11 15.01 -3.37
N THR L 91 11.97 15.42 -3.95
CA THR L 91 11.64 15.12 -5.34
C THR L 91 12.77 15.59 -6.25
N ALA L 92 13.34 14.67 -7.00
CA ALA L 92 14.50 15.03 -7.78
C ALA L 92 14.86 13.85 -8.64
N VAL L 93 15.61 14.13 -9.70
CA VAL L 93 16.38 13.10 -10.38
C VAL L 93 17.64 12.87 -9.54
N TYR L 94 17.89 11.60 -9.21
CA TYR L 94 19.06 11.20 -8.44
C TYR L 94 20.08 10.53 -9.37
N TYR L 95 21.29 11.08 -9.40
CA TYR L 95 22.34 10.64 -10.28
C TYR L 95 23.39 9.89 -9.47
N CYS L 96 23.78 8.75 -9.97
CA CYS L 96 24.99 8.10 -9.51
C CYS L 96 26.17 8.75 -10.22
N ALA L 97 27.26 8.97 -9.50
CA ALA L 97 28.38 9.68 -10.11
C ALA L 97 29.68 9.09 -9.63
N LYS L 98 30.63 8.88 -10.55
CA LYS L 98 31.91 8.27 -10.23
C LYS L 98 33.02 9.33 -10.12
N SER L 99 33.81 9.27 -9.05
CA SER L 99 34.93 10.19 -8.95
C SER L 99 36.11 9.70 -9.75
N GLY L 100 36.97 10.65 -10.16
CA GLY L 100 38.21 10.32 -10.83
C GLY L 100 39.29 9.80 -9.94
N TYR L 101 39.14 9.88 -8.62
CA TYR L 101 40.16 9.36 -7.70
C TYR L 101 39.49 8.62 -6.56
N GLY L 102 40.31 7.89 -5.80
CA GLY L 102 39.82 7.11 -4.70
C GLY L 102 40.54 7.45 -3.41
N GLY L 103 39.85 7.24 -2.30
CA GLY L 103 40.39 7.51 -0.99
C GLY L 103 39.74 8.71 -0.32
N SER L 104 39.53 8.60 0.98
CA SER L 104 39.00 9.70 1.79
C SER L 104 39.27 9.42 3.26
N TRP L 105 39.45 10.48 4.01
CA TRP L 105 39.38 10.42 5.45
C TRP L 105 38.20 11.23 5.96
N GLY L 106 37.15 11.38 5.14
CA GLY L 106 35.97 12.14 5.49
C GLY L 106 35.72 13.32 4.58
N GLY L 107 36.77 13.80 3.88
CA GLY L 107 36.63 14.89 2.93
C GLY L 107 36.28 14.39 1.54
N TYR L 108 35.45 15.16 0.86
CA TYR L 108 35.12 14.95 -0.56
C TYR L 108 35.05 16.30 -1.21
N ILE L 109 35.43 16.35 -2.48
CA ILE L 109 35.35 17.57 -3.27
C ILE L 109 34.84 17.15 -4.64
N ALA L 110 33.89 17.90 -5.18
CA ALA L 110 33.27 17.51 -6.46
C ALA L 110 34.03 18.07 -7.69
N ASP L 111 35.38 18.10 -7.62
CA ASP L 111 36.22 18.66 -8.68
C ASP L 111 36.58 17.65 -9.77
N ASP L 112 36.25 16.37 -9.59
CA ASP L 112 36.65 15.39 -10.58
C ASP L 112 35.64 14.24 -10.60
N ILE L 113 34.40 14.57 -10.87
CA ILE L 113 33.42 13.56 -11.28
C ILE L 113 33.69 13.25 -12.74
N ASP L 114 34.01 12.01 -13.07
CA ASP L 114 34.32 11.76 -14.48
C ASP L 114 33.33 10.83 -15.19
N ALA L 115 32.30 10.36 -14.50
CA ALA L 115 31.25 9.62 -15.16
C ALA L 115 29.96 9.84 -14.40
N TRP L 116 28.87 9.90 -15.15
CA TRP L 116 27.54 10.15 -14.63
C TRP L 116 26.55 9.09 -15.11
N GLY L 117 25.64 8.67 -14.23
CA GLY L 117 24.54 7.85 -14.67
C GLY L 117 23.52 8.72 -15.39
N GLN L 118 22.46 8.09 -15.86
CA GLN L 118 21.37 8.80 -16.50
C GLN L 118 20.31 9.24 -15.52
N GLY L 119 20.39 8.80 -14.25
CA GLY L 119 19.49 9.34 -13.24
C GLY L 119 18.20 8.55 -13.11
N THR L 120 17.61 8.62 -11.93
CA THR L 120 16.34 7.98 -11.65
C THR L 120 15.49 9.00 -10.90
N LEU L 121 14.22 9.14 -11.31
CA LEU L 121 13.34 10.15 -10.73
C LEU L 121 12.65 9.66 -9.47
N VAL L 122 12.80 10.39 -8.38
CA VAL L 122 12.04 10.12 -7.15
C VAL L 122 10.97 11.19 -7.01
N THR L 123 9.71 10.77 -7.01
CA THR L 123 8.59 11.70 -6.83
C THR L 123 8.07 11.51 -5.42
N VAL L 124 8.14 12.57 -4.61
CA VAL L 124 7.65 12.54 -3.23
C VAL L 124 6.36 13.31 -3.18
N SER L 125 5.24 12.60 -3.05
CA SER L 125 3.93 13.23 -3.16
C SER L 125 2.88 12.34 -2.51
N SER L 126 1.81 12.97 -2.05
CA SER L 126 0.64 12.26 -1.53
C SER L 126 -0.34 11.83 -2.60
N ALA L 127 -0.15 12.27 -3.85
CA ALA L 127 -1.01 11.87 -4.96
C ALA L 127 -0.89 10.38 -5.26
N SER L 128 -1.91 9.82 -5.88
CA SER L 128 -1.98 8.39 -6.18
C SER L 128 -1.35 8.09 -7.53
N THR L 129 -0.70 6.94 -7.61
CA THR L 129 -0.28 6.49 -8.93
C THR L 129 -1.55 6.17 -9.72
N LYS L 130 -1.51 6.44 -11.02
CA LYS L 130 -2.55 6.07 -11.95
C LYS L 130 -1.84 5.59 -13.19
N GLY L 131 -2.24 4.42 -13.69
CA GLY L 131 -1.69 3.90 -14.91
C GLY L 131 -2.33 4.52 -16.13
N PRO L 132 -1.57 4.58 -17.22
CA PRO L 132 -2.06 5.20 -18.45
C PRO L 132 -2.92 4.26 -19.27
N SER L 133 -3.79 4.87 -20.06
CA SER L 133 -4.43 4.20 -21.19
C SER L 133 -3.57 4.44 -22.43
N VAL L 134 -3.41 3.41 -23.25
CA VAL L 134 -2.56 3.51 -24.42
C VAL L 134 -3.45 3.34 -25.63
N PHE L 135 -3.36 4.27 -26.58
CA PHE L 135 -4.16 4.18 -27.79
C PHE L 135 -3.28 4.35 -29.03
N PRO L 136 -3.55 3.59 -30.10
CA PRO L 136 -2.71 3.70 -31.31
C PRO L 136 -3.11 4.92 -32.14
N LEU L 137 -2.10 5.57 -32.70
CA LEU L 137 -2.27 6.75 -33.54
C LEU L 137 -1.95 6.31 -34.97
N ALA L 138 -3.02 5.99 -35.72
CA ALA L 138 -2.87 5.33 -37.01
C ALA L 138 -2.34 6.32 -38.07
N PRO L 139 -1.56 5.82 -39.03
CA PRO L 139 -1.16 6.62 -40.20
C PRO L 139 -2.29 6.71 -41.20
N GLY L 147 5.77 8.54 -49.45
CA GLY L 147 7.20 8.37 -49.15
C GLY L 147 7.40 7.97 -47.69
N THR L 148 6.99 8.85 -46.82
CA THR L 148 7.06 8.61 -45.38
C THR L 148 5.67 8.75 -44.76
N ALA L 149 5.44 8.05 -43.65
CA ALA L 149 4.22 8.15 -42.87
C ALA L 149 4.57 8.26 -41.39
N ALA L 150 3.74 9.00 -40.67
CA ALA L 150 3.86 9.14 -39.23
C ALA L 150 2.80 8.26 -38.57
N LEU L 151 3.22 7.39 -37.66
CA LEU L 151 2.27 6.66 -36.84
C LEU L 151 2.79 6.68 -35.42
N GLY L 152 1.89 6.48 -34.46
CA GLY L 152 2.35 6.62 -33.09
C GLY L 152 1.43 5.99 -32.08
N CYS L 153 1.69 6.28 -30.80
CA CYS L 153 0.75 5.85 -29.75
C CYS L 153 0.65 6.89 -28.64
N LEU L 154 -0.57 7.07 -28.14
CA LEU L 154 -0.92 8.08 -27.14
C LEU L 154 -0.96 7.42 -25.76
N VAL L 155 -0.17 7.93 -24.82
CA VAL L 155 -0.12 7.43 -23.42
C VAL L 155 -0.87 8.47 -22.59
N LYS L 156 -2.06 8.14 -22.16
CA LYS L 156 -2.98 9.14 -21.57
C LYS L 156 -3.24 8.97 -20.08
N ASP L 157 -3.21 10.08 -19.37
CA ASP L 157 -3.59 10.19 -17.94
C ASP L 157 -2.79 9.29 -17.00
N TYR L 158 -1.50 9.56 -16.82
CA TYR L 158 -0.71 8.72 -15.90
C TYR L 158 -0.03 9.58 -14.85
N PHE L 159 0.32 8.98 -13.72
CA PHE L 159 1.05 9.65 -12.63
C PHE L 159 1.82 8.59 -11.85
N PRO L 160 3.09 8.83 -11.49
CA PRO L 160 3.82 9.97 -12.01
C PRO L 160 4.69 9.62 -13.21
N GLU L 161 5.57 10.54 -13.56
CA GLU L 161 6.60 10.31 -14.58
C GLU L 161 7.63 9.34 -13.99
N PRO L 162 8.33 8.52 -14.77
CA PRO L 162 8.31 8.58 -16.21
C PRO L 162 7.64 7.38 -16.84
N VAL L 163 7.37 7.49 -18.12
CA VAL L 163 6.84 6.36 -18.91
C VAL L 163 7.90 6.07 -19.97
N THR L 164 8.21 4.81 -20.20
CA THR L 164 9.16 4.50 -21.30
C THR L 164 8.38 3.92 -22.47
N VAL L 165 8.70 4.39 -23.67
CA VAL L 165 8.05 3.86 -24.89
C VAL L 165 9.11 3.26 -25.80
N SER L 166 8.88 2.05 -26.27
CA SER L 166 9.79 1.42 -27.24
C SER L 166 8.97 0.96 -28.44
N TRP L 167 9.63 0.74 -29.56
CA TRP L 167 8.93 0.28 -30.77
C TRP L 167 9.48 -1.08 -31.18
N ASN L 168 8.58 -2.01 -31.47
CA ASN L 168 8.93 -3.38 -31.93
C ASN L 168 9.84 -4.09 -30.93
N SER L 169 9.55 -3.93 -29.64
CA SER L 169 10.31 -4.51 -28.51
C SER L 169 11.75 -4.01 -28.49
N GLY L 170 11.99 -2.77 -28.90
CA GLY L 170 13.33 -2.16 -28.94
C GLY L 170 14.05 -2.40 -30.24
N ALA L 171 13.47 -3.18 -31.14
CA ALA L 171 14.07 -3.46 -32.45
C ALA L 171 14.06 -2.23 -33.35
N LEU L 172 13.05 -1.38 -33.23
CA LEU L 172 12.98 -0.16 -34.07
C LEU L 172 13.44 1.06 -33.28
N THR L 173 14.54 1.66 -33.71
CA THR L 173 15.09 2.83 -33.02
C THR L 173 15.18 3.99 -34.00
N SER L 174 15.10 3.70 -35.28
CA SER L 174 15.24 4.72 -36.34
C SER L 174 13.90 5.37 -36.63
N GLY L 175 13.85 6.70 -36.64
CA GLY L 175 12.63 7.48 -36.92
C GLY L 175 11.74 7.66 -35.72
N VAL L 176 12.22 7.32 -34.53
CA VAL L 176 11.41 7.39 -33.30
C VAL L 176 11.52 8.74 -32.60
N HIS L 177 10.39 9.35 -32.29
CA HIS L 177 10.36 10.61 -31.50
C HIS L 177 9.34 10.49 -30.38
N THR L 178 9.80 10.35 -29.16
CA THR L 178 8.87 10.34 -28.01
C THR L 178 8.84 11.77 -27.50
N PHE L 179 7.69 12.39 -27.56
CA PHE L 179 7.52 13.79 -27.16
C PHE L 179 7.45 13.90 -25.65
N PRO L 180 7.96 14.99 -25.06
CA PRO L 180 7.84 15.23 -23.64
C PRO L 180 6.37 15.32 -23.23
N ALA L 181 6.09 14.82 -22.05
CA ALA L 181 4.71 14.76 -21.55
C ALA L 181 4.13 16.14 -21.24
N VAL L 182 2.82 16.23 -21.38
CA VAL L 182 2.09 17.45 -20.99
C VAL L 182 1.55 17.17 -19.60
N LEU L 183 1.69 18.11 -18.70
CA LEU L 183 1.09 17.95 -17.37
C LEU L 183 -0.24 18.70 -17.43
N GLN L 184 -1.33 17.99 -17.28
CA GLN L 184 -2.67 18.59 -17.41
C GLN L 184 -3.08 19.29 -16.12
N SER L 185 -4.20 20.00 -16.17
CA SER L 185 -4.82 20.70 -15.02
C SER L 185 -5.25 19.70 -13.95
N SER L 186 -5.61 18.47 -14.36
CA SER L 186 -6.01 17.31 -13.52
C SER L 186 -4.84 16.76 -12.70
N GLY L 187 -3.61 17.08 -13.06
CA GLY L 187 -2.41 16.58 -12.39
C GLY L 187 -1.93 15.30 -13.01
N LEU L 188 -2.59 14.87 -14.07
CA LEU L 188 -2.17 13.63 -14.74
C LEU L 188 -1.29 14.00 -15.93
N TYR L 189 -0.40 13.08 -16.32
CA TYR L 189 0.51 13.33 -17.45
C TYR L 189 0.03 12.62 -18.69
N SER L 190 0.38 13.15 -19.86
CA SER L 190 0.06 12.57 -21.18
C SER L 190 1.24 12.79 -22.12
N LEU L 191 1.64 11.78 -22.89
CA LEU L 191 2.74 11.96 -23.87
C LEU L 191 2.44 11.18 -25.15
N SER L 192 3.17 11.50 -26.22
CA SER L 192 2.97 10.76 -27.48
C SER L 192 4.32 10.26 -27.98
N SER L 193 4.34 9.09 -28.56
CA SER L 193 5.58 8.59 -29.21
C SER L 193 5.24 8.42 -30.67
N VAL L 194 5.94 9.07 -31.58
CA VAL L 194 5.60 8.95 -33.02
C VAL L 194 6.81 8.40 -33.74
N VAL L 195 6.60 7.41 -34.58
CA VAL L 195 7.75 6.88 -35.35
C VAL L 195 7.52 7.21 -36.81
N THR L 196 8.54 7.70 -37.49
CA THR L 196 8.41 7.95 -38.94
C THR L 196 8.80 6.66 -39.64
N VAL L 197 7.90 6.10 -40.42
CA VAL L 197 8.14 4.81 -41.11
C VAL L 197 8.08 5.03 -42.62
N PRO L 198 8.78 4.22 -43.42
CA PRO L 198 8.71 4.33 -44.85
C PRO L 198 7.30 3.89 -45.26
N SER L 199 6.71 4.62 -46.19
CA SER L 199 5.33 4.36 -46.67
C SER L 199 5.19 2.98 -47.34
N SER L 200 6.24 2.49 -47.97
CA SER L 200 6.25 1.16 -48.62
C SER L 200 6.13 0.00 -47.61
N SER L 201 6.45 0.21 -46.34
CA SER L 201 6.41 -0.82 -45.29
C SER L 201 5.03 -0.97 -44.63
N LEU L 202 4.09 -0.09 -44.91
CA LEU L 202 2.79 -0.12 -44.19
C LEU L 202 2.03 -1.42 -44.41
N GLY L 203 2.06 -1.95 -45.61
CA GLY L 203 1.38 -3.23 -45.85
C GLY L 203 2.00 -4.41 -45.13
N THR L 204 3.32 -4.48 -45.06
CA THR L 204 4.00 -5.70 -44.55
C THR L 204 4.73 -5.56 -43.21
N GLN L 205 5.02 -4.36 -42.71
CA GLN L 205 5.77 -4.34 -41.44
C GLN L 205 4.84 -4.05 -40.27
N THR L 206 4.81 -4.93 -39.28
CA THR L 206 3.98 -4.70 -38.10
C THR L 206 4.67 -3.67 -37.20
N TYR L 207 3.91 -2.73 -36.68
CA TYR L 207 4.51 -1.71 -35.78
C TYR L 207 3.82 -1.75 -34.42
N ILE L 208 4.58 -2.07 -33.39
CA ILE L 208 3.98 -2.18 -32.03
C ILE L 208 4.69 -1.25 -31.07
N CYS L 209 3.91 -0.45 -30.36
CA CYS L 209 4.55 0.37 -29.32
C CYS L 209 4.44 -0.40 -28.00
N ASN L 210 5.49 -0.36 -27.23
CA ASN L 210 5.52 -1.04 -25.93
C ASN L 210 5.65 0.04 -24.87
N VAL L 211 4.60 0.19 -24.08
CA VAL L 211 4.55 1.22 -23.05
C VAL L 211 4.83 0.58 -21.70
N ASN L 212 5.73 1.17 -20.92
CA ASN L 212 6.02 0.70 -19.59
C ASN L 212 5.88 1.83 -18.56
N HIS L 213 5.00 1.65 -17.60
CA HIS L 213 4.88 2.61 -16.50
C HIS L 213 5.07 1.85 -15.20
N LYS L 214 6.29 1.88 -14.66
CA LYS L 214 6.58 1.03 -13.49
C LYS L 214 5.70 1.34 -12.28
N PRO L 215 5.44 2.60 -11.89
CA PRO L 215 4.71 2.79 -10.62
C PRO L 215 3.34 2.16 -10.61
N SER L 216 2.71 1.98 -11.76
CA SER L 216 1.39 1.36 -11.79
C SER L 216 1.42 -0.08 -12.29
N ASN L 217 2.60 -0.62 -12.58
CA ASN L 217 2.76 -1.95 -13.18
C ASN L 217 2.05 -2.08 -14.55
N THR L 218 2.08 -1.02 -15.36
CA THR L 218 1.48 -1.06 -16.67
C THR L 218 2.53 -1.48 -17.66
N LYS L 219 2.27 -2.56 -18.37
CA LYS L 219 3.10 -2.99 -19.49
C LYS L 219 2.14 -3.36 -20.60
N VAL L 220 2.10 -2.53 -21.64
CA VAL L 220 1.14 -2.64 -22.73
C VAL L 220 1.88 -2.63 -24.06
N ASP L 221 1.49 -3.54 -24.93
CA ASP L 221 1.88 -3.55 -26.34
C ASP L 221 0.68 -3.17 -27.19
N LYS L 222 0.82 -2.15 -28.03
CA LYS L 222 -0.29 -1.72 -28.87
C LYS L 222 0.14 -1.76 -30.33
N LYS L 223 -0.52 -2.60 -31.11
CA LYS L 223 -0.32 -2.64 -32.55
C LYS L 223 -0.93 -1.43 -33.19
N VAL L 224 -0.20 -0.82 -34.12
CA VAL L 224 -0.64 0.41 -34.77
C VAL L 224 -0.74 0.10 -36.26
N GLU L 225 -1.96 0.04 -36.75
CA GLU L 225 -2.35 -0.40 -38.07
C GLU L 225 -3.01 0.75 -38.83
N PRO L 226 -2.92 0.78 -40.16
CA PRO L 226 -3.78 1.66 -40.95
C PRO L 226 -5.25 1.21 -40.84
#